data_9DXA
#
_entry.id   9DXA
#
_cell.length_a   1.00
_cell.length_b   1.00
_cell.length_c   1.00
_cell.angle_alpha   90.00
_cell.angle_beta   90.00
_cell.angle_gamma   90.00
#
_symmetry.space_group_name_H-M   'P 1'
#
loop_
_entity.id
_entity.type
_entity.pdbx_description
1 polymer 'Volume-regulated anion channel subunit LRRC8A,Soluble cytochrome b562'
2 polymer 'Volume-regulated anion channel subunit LRRC8D'
3 non-polymer 1,2-dioleoyl-sn-glycero-3-phosphoethanolamine
#
loop_
_entity_poly.entity_id
_entity_poly.type
_entity_poly.pdbx_seq_one_letter_code
_entity_poly.pdbx_strand_id
1 'polypeptide(L)'
;MIPVTELRYFADTQPAYRILKPWWDVFTDYISIVMLMIAVFGGTLQVTQDKMICLPCKWVTKDSCNDSFRGWAASSADLE
DNWETLNDNLKVIEKADNAAQVKDALTKMRAAALDAQKATPPKLEDKSPDSPEMKDFRHGFDILVGQIDDALKLANEGKV
KEAQAAAEQLKTTRNAYIQKYLDTGPTGIKYDLDRHQYNYVDAVCYENRLHWFAKYFPYLVLLHTLIFLACSNFWFKFPR
TSSKLEHFVSILLKCFDSPWTTRALSETVVEESDPKPAFSKMNGSMDKKSSTVSEDVEATVPMLQRTKSRIEQGIVDRSE
TGVLDKKEGEQAKALFEKVKKFRTHVEEGDIVYRLYMRQTIIKVIKFALIICYTVYYVHNIKFDVDCTVDIESLTGYRTY
RCAHPLATLFKILASFYISLVIFYGLICMYTLWWMLRRSLKKYSFESIREESSYSDIPDVKNDFAFMLHLIDQYDPLYSK
RFAVFLSEVSENKLRQLNLNNEWTLDKLRQRLTKNAQDKLELHLFMLSGIPDTVFDLVELEVLKLELIPDVTIPPSIAQL
TGLKELWLYHTAAKIEAPALAFLRENLRALHIKFTDIKEIPLWIYSLKTLEELHLTGNLSAENNRYIVIDGLRELKRLKV
LRLKSNLSKLPQVVTDVGVHLQKLSINNEGTKLIVLNSLKKMVNLTELELIRCDLERIPHSIFSLHNLQEIDLKDNNLKT
IEEIISFQHLHRLTCLKLWYNHIAYIPIQIGNLTNLERLYLNRNKIEKIPTQLFYCRKLRYLDLSHNNLTFLPADIGLLQ
NLQNLAVTANRIEALPPELFQCRKLRALHLGNNVLQSLPSRVGELTNLTQIELRGNRLECLPVELGECPLLKRSGLVVEE
DLFSTLPPEVKERLWRADKEQASNSLEVLFQ
;
A,B,C,D
2 'polypeptide(L)'
;MFTLAEVASLNDIQPTYRILKPWWDVFMDYLAVVMLMVAIFAGTMQLTKDQVVCLPVLPSPANSKAHTPPGNADITTEVP
RMETATHQDQNGQTTTNDVAFGTSAVTPDIPLQATHPHAESTLPNQEAKKEKRDPTGRKTNLDFQQYVFINQMCYHLALP
WYSKYFPYLALIHTIILMVSSNFWFKYPKTCSKVEHFVSILGKCFESPWTTKALSETACEDSEENKQRITGAQTLPKHVS
TSSDEGSPSASTPMINKTGFKFSAEKPVIEVPSMTILDKKDGEQAKALFEKVRKFRAHVEDSDLIYKLYVVQTLIKTAKF
IFILCYTANFVNAISFEHVCKPKVEHLTGYEVFECTHNMAYMLKKLLISYISIICVYGFICLYTLFWLFRIPLKEYSFEK
VREESSFSDIPDVKNDFAFLLHMVDQYDQLYSKRFGVFLSEVSENKLREISLNHEWTFEKLRQHVSRNAQDKQELHLFML
SGVPDAVFDLTDLDVLKLELIPEAKIPAKISQMTNLQELHLCHCPAKVEQTAFSFLRDHLRCLHVKFTDVAEIPAWVYLL
KNLRELYLIGNLNSENNKMIGLESLRELRHLKILHVKSNLTKVPSNITDVAPHLTKLVIHNDGTKLLVLNSLKKMMNVAE
LELQNCELERIPHAIFSLSNLQELDLKSNNIRTIEEIISFQHLKRLTCLKLWHNKIVAIPPSITHVKNLESLYFSNNKLE
SLPTAVFSLQKLRCLDVSYNNISTIPIEIGLLQNLQHLHITGNKVDILPKQLFKCVKLRTLNLGQNCIASLPEKISQLTQ
LTQLELKGNCLDRLPAQLGQCRMLKKSGLVVEDQLFDTLPLEVKEALNQDVNVPFANGISNSENLYFQ
;
E,F
#
# COMPACT_ATOMS: atom_id res chain seq x y z
N PRO A 15 -0.46 -16.51 9.27
CA PRO A 15 -1.03 -17.72 8.66
C PRO A 15 -1.47 -18.75 9.68
N ALA A 16 -1.12 -20.02 9.45
CA ALA A 16 -1.46 -21.10 10.36
C ALA A 16 -0.45 -21.27 11.48
N TYR A 17 0.63 -20.49 11.48
CA TYR A 17 1.63 -20.58 12.53
C TYR A 17 1.17 -19.96 13.84
N ARG A 18 0.07 -19.21 13.84
CA ARG A 18 -0.38 -18.52 15.04
C ARG A 18 -0.80 -19.47 16.15
N ILE A 19 -1.14 -20.72 15.81
CA ILE A 19 -1.46 -21.70 16.84
C ILE A 19 -0.21 -22.17 17.57
N LEU A 20 0.97 -22.01 16.99
CA LEU A 20 2.21 -22.40 17.64
C LEU A 20 2.70 -21.36 18.64
N LYS A 21 2.18 -20.13 18.57
CA LYS A 21 2.63 -19.07 19.45
C LYS A 21 1.75 -19.03 20.70
N PRO A 22 2.30 -19.26 21.89
CA PRO A 22 1.50 -19.10 23.12
C PRO A 22 1.19 -17.64 23.40
N TRP A 23 0.53 -17.36 24.52
CA TRP A 23 0.19 -15.99 24.85
C TRP A 23 1.44 -15.14 25.10
N TRP A 24 2.47 -15.73 25.70
CA TRP A 24 3.68 -14.95 25.97
C TRP A 24 4.41 -14.58 24.69
N ASP A 25 4.38 -15.44 23.67
CA ASP A 25 4.99 -15.08 22.39
C ASP A 25 4.26 -13.92 21.73
N VAL A 26 2.93 -13.91 21.79
CA VAL A 26 2.17 -12.80 21.22
C VAL A 26 2.41 -11.52 22.01
N PHE A 27 2.53 -11.63 23.34
CA PHE A 27 2.83 -10.46 24.15
C PHE A 27 4.21 -9.90 23.83
N THR A 28 5.19 -10.78 23.64
CA THR A 28 6.52 -10.31 23.24
C THR A 28 6.49 -9.68 21.85
N ASP A 29 5.70 -10.22 20.93
CA ASP A 29 5.58 -9.63 19.61
C ASP A 29 5.00 -8.23 19.68
N TYR A 30 3.94 -8.06 20.47
CA TYR A 30 3.32 -6.74 20.61
C TYR A 30 4.25 -5.75 21.31
N ILE A 31 4.96 -6.20 22.35
CA ILE A 31 5.91 -5.35 23.03
C ILE A 31 7.04 -4.93 22.10
N SER A 32 7.50 -5.87 21.26
CA SER A 32 8.53 -5.54 20.27
C SER A 32 8.01 -4.57 19.22
N ILE A 33 6.74 -4.69 18.83
CA ILE A 33 6.16 -3.74 17.88
C ILE A 33 6.11 -2.34 18.50
N VAL A 34 5.72 -2.25 19.77
CA VAL A 34 5.68 -0.94 20.44
C VAL A 34 7.09 -0.38 20.59
N MET A 35 8.06 -1.24 20.90
CA MET A 35 9.45 -0.81 20.97
C MET A 35 9.95 -0.30 19.62
N LEU A 36 9.56 -0.98 18.54
CA LEU A 36 9.94 -0.55 17.20
C LEU A 36 9.32 0.80 16.86
N MET A 37 8.07 1.02 17.27
CA MET A 37 7.44 2.32 17.08
C MET A 37 8.19 3.41 17.86
N ILE A 38 8.59 3.09 19.10
CA ILE A 38 9.38 4.03 19.89
C ILE A 38 10.72 4.33 19.19
N ALA A 39 11.35 3.29 18.65
CA ALA A 39 12.62 3.48 17.95
C ALA A 39 12.45 4.36 16.72
N VAL A 40 11.38 4.15 15.95
CA VAL A 40 11.13 4.97 14.77
C VAL A 40 10.86 6.41 15.18
N PHE A 41 10.06 6.61 16.22
CA PHE A 41 9.77 7.97 16.71
C PHE A 41 11.04 8.67 17.16
N GLY A 42 11.87 7.97 17.93
CA GLY A 42 13.10 8.56 18.43
C GLY A 42 14.09 8.85 17.32
N GLY A 43 14.17 7.97 16.32
CA GLY A 43 15.06 8.21 15.19
C GLY A 43 14.60 9.38 14.35
N THR A 44 13.29 9.51 14.14
CA THR A 44 12.75 10.66 13.42
C THR A 44 13.05 11.94 14.17
N LEU A 45 12.90 11.94 15.50
CA LEU A 45 13.24 13.11 16.29
C LEU A 45 14.74 13.41 16.23
N GLN A 46 15.56 12.36 16.24
CA GLN A 46 17.01 12.52 16.18
C GLN A 46 17.43 13.18 14.88
N VAL A 47 16.86 12.74 13.76
CA VAL A 47 17.20 13.34 12.48
C VAL A 47 16.63 14.74 12.37
N THR A 48 15.38 14.95 12.82
CA THR A 48 14.69 16.19 12.56
C THR A 48 15.08 17.29 13.54
N GLN A 49 14.81 17.09 14.83
CA GLN A 49 14.87 18.18 15.80
C GLN A 49 16.09 18.13 16.72
N ASP A 50 16.83 17.02 16.74
CA ASP A 50 17.92 16.89 17.71
C ASP A 50 19.09 17.78 17.28
N LYS A 51 19.52 18.64 18.20
CA LYS A 51 20.64 19.54 17.99
C LYS A 51 21.08 20.04 19.36
N MET A 52 21.93 21.06 19.38
CA MET A 52 22.30 21.74 20.60
C MET A 52 22.30 23.24 20.38
N ILE A 53 21.95 23.98 21.43
CA ILE A 53 21.98 25.43 21.41
C ILE A 53 22.86 25.89 22.56
N CYS A 54 23.97 26.55 22.23
CA CYS A 54 25.01 26.85 23.20
C CYS A 54 25.23 28.36 23.28
N LEU A 55 25.37 28.87 24.50
CA LEU A 55 25.77 30.24 24.76
C LEU A 55 27.05 30.23 25.58
N PRO A 56 28.10 30.92 25.14
CA PRO A 56 29.35 30.93 25.91
C PRO A 56 29.19 31.66 27.24
N CYS A 57 30.00 31.24 28.21
CA CYS A 57 30.03 31.88 29.53
C CYS A 57 31.28 32.76 29.61
N LYS A 58 31.08 34.06 29.83
CA LYS A 58 32.18 34.99 29.95
C LYS A 58 32.78 35.03 31.36
N TRP A 59 32.14 34.37 32.32
CA TRP A 59 32.64 34.28 33.69
C TRP A 59 32.91 32.81 33.97
N VAL A 60 34.18 32.43 34.01
CA VAL A 60 34.60 31.04 34.14
C VAL A 60 35.46 30.86 35.38
N THR A 61 35.14 31.60 36.44
CA THR A 61 35.95 31.57 37.66
C THR A 61 35.99 30.17 38.26
N LYS A 62 34.86 29.47 38.29
CA LYS A 62 34.84 28.10 38.74
C LYS A 62 35.15 27.16 37.56
N ASP A 63 35.14 25.86 37.84
CA ASP A 63 35.45 24.88 36.81
C ASP A 63 34.38 24.87 35.72
N SER A 64 33.10 24.94 36.11
CA SER A 64 31.99 25.00 35.18
C SER A 64 31.64 26.47 34.89
N CYS A 65 30.51 26.67 34.24
CA CYS A 65 30.00 28.02 34.01
C CYS A 65 29.61 28.66 35.33
N ASN A 66 29.98 29.92 35.51
CA ASN A 66 29.79 30.63 36.78
C ASN A 66 28.76 31.74 36.62
N ASP A 67 27.87 31.85 37.60
CA ASP A 67 26.89 32.92 37.61
C ASP A 67 27.54 34.23 38.03
N SER A 68 27.12 35.32 37.39
CA SER A 68 27.65 36.65 37.68
C SER A 68 26.53 37.68 37.77
N PRO A 186 18.30 46.76 32.59
CA PRO A 186 19.25 45.77 32.10
C PRO A 186 19.39 45.80 30.58
N THR A 187 20.49 45.24 30.08
CA THR A 187 20.75 45.21 28.65
C THR A 187 21.32 43.85 28.28
N GLY A 188 21.18 43.48 27.01
CA GLY A 188 21.63 42.18 26.55
C GLY A 188 23.14 42.06 26.55
N ILE A 189 23.61 40.82 26.67
CA ILE A 189 25.03 40.52 26.66
C ILE A 189 25.47 40.26 25.23
N LYS A 190 26.52 40.96 24.81
CA LYS A 190 27.05 40.84 23.45
C LYS A 190 28.27 39.93 23.47
N TYR A 191 28.22 38.84 22.71
CA TYR A 191 29.32 37.89 22.63
C TYR A 191 30.21 38.11 21.41
N ASP A 192 29.80 38.98 20.47
CA ASP A 192 30.53 39.24 19.23
C ASP A 192 30.76 37.97 18.42
N LEU A 193 29.79 37.07 18.43
CA LEU A 193 29.88 35.80 17.72
C LEU A 193 28.95 35.83 16.52
N ASP A 194 29.46 35.37 15.37
CA ASP A 194 28.65 35.27 14.17
C ASP A 194 27.71 34.07 14.29
N ARG A 195 26.89 33.88 13.25
CA ARG A 195 25.97 32.74 13.25
C ARG A 195 26.69 31.43 13.02
N HIS A 196 27.68 31.42 12.11
CA HIS A 196 28.41 30.19 11.84
C HIS A 196 29.32 29.80 12.98
N GLN A 197 29.84 30.77 13.73
CA GLN A 197 30.58 30.44 14.94
C GLN A 197 29.68 29.76 15.96
N TYR A 198 28.44 30.25 16.10
CA TYR A 198 27.47 29.61 16.98
C TYR A 198 27.15 28.19 16.50
N ASN A 199 26.96 28.01 15.20
CA ASN A 199 26.67 26.69 14.67
C ASN A 199 27.84 25.73 14.88
N TYR A 200 29.07 26.21 14.68
CA TYR A 200 30.25 25.37 14.91
C TYR A 200 30.38 25.00 16.38
N VAL A 201 30.11 25.93 17.29
CA VAL A 201 30.15 25.62 18.72
C VAL A 201 29.09 24.59 19.06
N ASP A 202 27.89 24.75 18.50
CA ASP A 202 26.82 23.77 18.74
C ASP A 202 27.21 22.39 18.25
N ALA A 203 27.78 22.31 17.05
CA ALA A 203 28.17 21.01 16.50
C ALA A 203 29.29 20.36 17.31
N VAL A 204 30.28 21.16 17.72
CA VAL A 204 31.41 20.61 18.46
C VAL A 204 30.97 20.12 19.84
N CYS A 205 30.17 20.92 20.55
CA CYS A 205 29.71 20.48 21.87
C CYS A 205 28.62 19.41 21.78
N TYR A 206 27.98 19.25 20.62
CA TYR A 206 27.13 18.09 20.40
C TYR A 206 27.96 16.84 20.12
N GLU A 207 29.15 17.01 19.54
CA GLU A 207 30.00 15.87 19.25
C GLU A 207 30.80 15.42 20.47
N ASN A 208 31.60 16.32 21.03
CA ASN A 208 32.57 15.91 22.04
C ASN A 208 31.92 15.72 23.41
N ARG A 209 31.29 16.76 23.94
CA ARG A 209 30.85 16.78 25.33
C ARG A 209 29.35 16.51 25.48
N LEU A 210 28.80 15.63 24.66
CA LEU A 210 27.45 15.11 24.86
C LEU A 210 27.54 13.59 24.97
N HIS A 211 26.82 13.03 25.94
CA HIS A 211 26.90 11.60 26.20
C HIS A 211 26.37 10.80 25.01
N TRP A 212 27.04 9.69 24.72
CA TRP A 212 26.68 8.88 23.56
C TRP A 212 25.30 8.25 23.68
N PHE A 213 24.80 8.07 24.90
CA PHE A 213 23.49 7.45 25.06
C PHE A 213 22.37 8.36 24.56
N ALA A 214 22.47 9.65 24.84
CA ALA A 214 21.44 10.59 24.37
C ALA A 214 21.44 10.72 22.85
N LYS A 215 22.61 10.66 22.22
CA LYS A 215 22.69 10.79 20.78
C LYS A 215 22.26 9.52 20.07
N TYR A 216 22.50 8.36 20.67
CA TYR A 216 22.30 7.08 20.00
C TYR A 216 21.27 6.20 20.71
N PHE A 217 20.37 6.81 21.47
CA PHE A 217 19.30 6.05 22.11
C PHE A 217 18.38 5.36 21.11
N PRO A 218 17.78 6.03 20.11
CA PRO A 218 16.87 5.31 19.21
C PRO A 218 17.56 4.27 18.35
N TYR A 219 18.83 4.49 17.98
CA TYR A 219 19.54 3.49 17.20
C TYR A 219 19.81 2.23 18.01
N LEU A 220 20.16 2.39 19.28
CA LEU A 220 20.32 1.23 20.16
C LEU A 220 18.99 0.52 20.37
N VAL A 221 17.91 1.27 20.52
CA VAL A 221 16.59 0.65 20.66
C VAL A 221 16.22 -0.12 19.40
N LEU A 222 16.50 0.45 18.23
CA LEU A 222 16.23 -0.24 16.97
C LEU A 222 17.05 -1.52 16.84
N LEU A 223 18.32 -1.47 17.22
CA LEU A 223 19.16 -2.67 17.19
C LEU A 223 18.62 -3.74 18.13
N HIS A 224 18.19 -3.33 19.32
CA HIS A 224 17.63 -4.30 20.27
C HIS A 224 16.33 -4.90 19.76
N THR A 225 15.48 -4.10 19.11
CA THR A 225 14.26 -4.64 18.53
C THR A 225 14.58 -5.62 17.41
N LEU A 226 15.59 -5.31 16.59
CA LEU A 226 16.00 -6.23 15.54
C LEU A 226 16.47 -7.55 16.14
N ILE A 227 17.27 -7.49 17.20
CA ILE A 227 17.76 -8.71 17.83
C ILE A 227 16.60 -9.51 18.42
N PHE A 228 15.67 -8.83 19.11
CA PHE A 228 14.53 -9.52 19.72
C PHE A 228 13.63 -10.16 18.66
N LEU A 229 13.38 -9.46 17.56
CA LEU A 229 12.54 -10.02 16.50
C LEU A 229 13.24 -11.16 15.77
N ALA A 230 14.56 -11.07 15.59
CA ALA A 230 15.29 -12.19 15.00
C ALA A 230 15.27 -13.41 15.91
N CYS A 231 15.40 -13.20 17.22
CA CYS A 231 15.38 -14.33 18.14
C CYS A 231 13.98 -14.94 18.25
N SER A 232 12.95 -14.11 18.21
CA SER A 232 11.59 -14.62 18.35
C SER A 232 11.16 -15.41 17.13
N ASN A 233 11.57 -14.99 15.94
CA ASN A 233 11.16 -15.63 14.69
C ASN A 233 12.29 -16.41 14.04
N PHE A 234 13.30 -16.83 14.82
CA PHE A 234 14.40 -17.60 14.24
C PHE A 234 13.94 -18.99 13.82
N TRP A 235 13.22 -19.68 14.71
CA TRP A 235 12.78 -21.04 14.41
C TRP A 235 11.72 -21.08 13.31
N PHE A 236 10.97 -20.00 13.11
CA PHE A 236 10.02 -19.94 12.00
C PHE A 236 10.70 -19.81 10.66
N LYS A 237 11.99 -19.44 10.62
CA LYS A 237 12.71 -19.25 9.37
C LYS A 237 13.87 -20.22 9.19
N PHE A 238 14.35 -20.86 10.25
CA PHE A 238 15.39 -21.88 10.09
C PHE A 238 14.80 -23.07 9.37
N PRO A 239 15.38 -23.50 8.23
CA PRO A 239 14.68 -24.44 7.34
C PRO A 239 14.28 -25.76 7.97
N ARG A 240 15.15 -26.34 8.81
CA ARG A 240 14.82 -27.62 9.42
C ARG A 240 13.64 -27.48 10.39
N THR A 241 13.72 -26.51 11.30
CA THR A 241 12.65 -26.31 12.26
C THR A 241 11.40 -25.75 11.58
N SER A 242 11.56 -24.91 10.56
CA SER A 242 10.40 -24.42 9.83
C SER A 242 9.67 -25.56 9.12
N SER A 243 10.42 -26.47 8.51
CA SER A 243 9.80 -27.62 7.85
C SER A 243 9.10 -28.53 8.86
N LYS A 244 9.75 -28.78 10.00
CA LYS A 244 9.13 -29.62 11.02
C LYS A 244 7.86 -28.99 11.56
N LEU A 245 7.89 -27.68 11.83
CA LEU A 245 6.72 -27.00 12.36
C LEU A 245 5.59 -26.94 11.34
N GLU A 246 5.93 -26.73 10.06
CA GLU A 246 4.91 -26.73 9.01
C GLU A 246 4.27 -28.10 8.86
N HIS A 247 5.08 -29.17 8.91
CA HIS A 247 4.53 -30.52 8.85
C HIS A 247 3.63 -30.81 10.03
N PHE A 248 4.06 -30.39 11.23
CA PHE A 248 3.25 -30.59 12.43
C PHE A 248 1.93 -29.83 12.35
N VAL A 249 1.97 -28.59 11.86
CA VAL A 249 0.74 -27.81 11.71
C VAL A 249 -0.19 -28.44 10.70
N SER A 250 0.36 -28.91 9.57
CA SER A 250 -0.47 -29.54 8.54
C SER A 250 -1.12 -30.81 9.08
N ILE A 251 -0.37 -31.63 9.82
CA ILE A 251 -0.94 -32.86 10.35
C ILE A 251 -1.97 -32.56 11.43
N LEU A 252 -1.74 -31.53 12.25
CA LEU A 252 -2.74 -31.12 13.23
C LEU A 252 -4.02 -30.64 12.57
N LEU A 253 -3.89 -29.89 11.48
CA LEU A 253 -5.07 -29.44 10.76
C LEU A 253 -5.83 -30.62 10.13
N LYS A 254 -5.09 -31.60 9.61
CA LYS A 254 -5.74 -32.79 9.06
C LYS A 254 -6.47 -33.57 10.14
N CYS A 255 -5.85 -33.73 11.31
CA CYS A 255 -6.47 -34.50 12.38
C CYS A 255 -7.61 -33.75 13.08
N PHE A 256 -7.58 -32.41 13.05
CA PHE A 256 -8.62 -31.64 13.73
C PHE A 256 -9.92 -31.66 12.94
N ASP A 257 -9.84 -31.66 11.61
CA ASP A 257 -11.02 -31.70 10.76
C ASP A 257 -11.40 -33.11 10.36
N SER A 258 -10.70 -34.12 10.86
CA SER A 258 -10.99 -35.50 10.49
C SER A 258 -12.30 -35.95 11.12
N PRO A 259 -13.26 -36.48 10.34
CA PRO A 259 -14.50 -36.96 10.93
C PRO A 259 -14.33 -38.19 11.82
N TRP A 260 -13.21 -38.91 11.70
CA TRP A 260 -12.99 -40.09 12.53
C TRP A 260 -12.87 -39.71 14.01
N THR A 261 -12.22 -38.59 14.30
CA THR A 261 -12.12 -38.13 15.69
C THR A 261 -13.49 -37.78 16.26
N THR A 262 -14.32 -37.10 15.45
CA THR A 262 -15.67 -36.77 15.90
C THR A 262 -16.50 -38.03 16.13
N ARG A 263 -16.34 -39.03 15.26
CA ARG A 263 -17.04 -40.30 15.44
C ARG A 263 -16.57 -41.02 16.70
N ALA A 264 -15.27 -41.03 16.96
CA ALA A 264 -14.73 -41.79 18.07
C ALA A 264 -15.01 -41.12 19.41
N LEU A 265 -14.87 -39.80 19.49
CA LEU A 265 -15.06 -39.11 20.77
C LEU A 265 -16.51 -39.07 21.21
N SER A 266 -17.45 -39.34 20.31
CA SER A 266 -18.86 -39.34 20.66
C SER A 266 -19.21 -40.56 21.52
N LEU A 324 -20.55 -42.81 8.03
CA LEU A 324 -19.13 -43.00 7.73
C LEU A 324 -18.94 -43.66 6.37
N ASP A 325 -18.29 -42.93 5.47
CA ASP A 325 -18.06 -43.39 4.11
C ASP A 325 -16.75 -44.16 4.01
N LYS A 326 -16.66 -45.05 3.01
CA LYS A 326 -15.44 -45.82 2.82
C LYS A 326 -14.28 -44.95 2.36
N LYS A 327 -14.56 -43.89 1.60
CA LYS A 327 -13.52 -42.93 1.25
C LYS A 327 -13.00 -42.23 2.50
N GLU A 328 -13.89 -41.88 3.42
CA GLU A 328 -13.47 -41.31 4.69
C GLU A 328 -12.63 -42.31 5.48
N GLY A 329 -12.99 -43.59 5.44
CA GLY A 329 -12.22 -44.60 6.15
C GLY A 329 -10.82 -44.77 5.59
N GLU A 330 -10.69 -44.81 4.26
CA GLU A 330 -9.35 -44.95 3.68
C GLU A 330 -8.52 -43.68 3.84
N GLN A 331 -9.17 -42.51 3.83
CA GLN A 331 -8.45 -41.28 4.15
C GLN A 331 -7.97 -41.28 5.60
N ALA A 332 -8.79 -41.81 6.51
CA ALA A 332 -8.37 -41.93 7.91
C ALA A 332 -7.21 -42.91 8.05
N LYS A 333 -7.24 -44.00 7.29
CA LYS A 333 -6.11 -44.94 7.31
C LYS A 333 -4.83 -44.29 6.78
N ALA A 334 -4.95 -43.52 5.70
CA ALA A 334 -3.78 -42.81 5.18
C ALA A 334 -3.26 -41.78 6.17
N LEU A 335 -4.18 -41.10 6.87
CA LEU A 335 -3.76 -40.13 7.88
C LEU A 335 -3.11 -40.84 9.07
N PHE A 336 -3.58 -42.03 9.42
CA PHE A 336 -2.94 -42.82 10.46
C PHE A 336 -1.51 -43.20 10.05
N GLU A 337 -1.33 -43.61 8.80
CA GLU A 337 0.01 -43.95 8.32
C GLU A 337 0.92 -42.73 8.32
N LYS A 338 0.39 -41.58 7.91
CA LYS A 338 1.19 -40.35 7.92
C LYS A 338 1.54 -39.92 9.35
N VAL A 339 0.61 -40.13 10.29
CA VAL A 339 0.89 -39.83 11.70
C VAL A 339 1.99 -40.74 12.23
N LYS A 340 1.94 -42.03 11.88
CA LYS A 340 2.99 -42.95 12.29
C LYS A 340 4.34 -42.55 11.70
N LYS A 341 4.35 -42.14 10.42
CA LYS A 341 5.59 -41.68 9.80
C LYS A 341 6.11 -40.41 10.48
N PHE A 342 5.23 -39.48 10.82
CA PHE A 342 5.62 -38.27 11.53
C PHE A 342 6.20 -38.61 12.90
N ARG A 343 5.58 -39.55 13.62
CA ARG A 343 6.07 -39.93 14.93
C ARG A 343 7.44 -40.61 14.83
N THR A 344 7.63 -41.47 13.84
CA THR A 344 8.93 -42.14 13.71
C THR A 344 9.99 -41.24 13.08
N HIS A 345 9.61 -40.10 12.50
CA HIS A 345 10.58 -39.19 11.93
C HIS A 345 11.00 -38.07 12.88
N VAL A 346 10.04 -37.41 13.52
CA VAL A 346 10.34 -36.22 14.30
C VAL A 346 10.86 -36.54 15.70
N GLU A 347 10.36 -37.62 16.32
CA GLU A 347 10.73 -37.96 17.68
C GLU A 347 12.23 -38.24 17.83
N GLU A 348 12.90 -38.65 16.75
CA GLU A 348 14.33 -38.91 16.82
C GLU A 348 15.12 -37.62 17.05
N GLY A 349 14.77 -36.56 16.32
CA GLY A 349 15.49 -35.30 16.43
C GLY A 349 15.11 -34.52 17.67
N ASP A 350 15.96 -33.54 17.99
CA ASP A 350 15.72 -32.66 19.13
C ASP A 350 16.11 -31.22 18.81
N ILE A 351 15.94 -30.81 17.55
CA ILE A 351 16.42 -29.50 17.13
C ILE A 351 15.46 -28.40 17.57
N VAL A 352 14.15 -28.68 17.58
CA VAL A 352 13.17 -27.62 17.87
C VAL A 352 13.26 -27.18 19.33
N TYR A 353 13.32 -28.14 20.25
CA TYR A 353 13.41 -27.80 21.66
C TYR A 353 14.70 -27.08 21.98
N ARG A 354 15.82 -27.56 21.43
CA ARG A 354 17.10 -26.91 21.65
C ARG A 354 17.11 -25.49 21.10
N LEU A 355 16.56 -25.30 19.90
CA LEU A 355 16.53 -23.97 19.30
C LEU A 355 15.66 -23.02 20.10
N TYR A 356 14.50 -23.49 20.57
CA TYR A 356 13.63 -22.64 21.37
C TYR A 356 14.29 -22.27 22.70
N MET A 357 14.97 -23.23 23.33
CA MET A 357 15.67 -22.95 24.58
C MET A 357 16.80 -21.94 24.35
N ARG A 358 17.55 -22.09 23.25
CA ARG A 358 18.60 -21.13 22.93
C ARG A 358 18.04 -19.74 22.69
N GLN A 359 16.90 -19.66 21.99
CA GLN A 359 16.26 -18.38 21.74
C GLN A 359 15.84 -17.71 23.05
N THR A 360 15.25 -18.49 23.96
CA THR A 360 14.84 -17.94 25.25
C THR A 360 16.04 -17.46 26.06
N ILE A 361 17.13 -18.26 26.06
CA ILE A 361 18.33 -17.87 26.81
C ILE A 361 18.94 -16.60 26.24
N ILE A 362 19.02 -16.51 24.91
CA ILE A 362 19.58 -15.31 24.29
C ILE A 362 18.70 -14.10 24.59
N LYS A 363 17.39 -14.27 24.54
CA LYS A 363 16.48 -13.16 24.82
C LYS A 363 16.62 -12.67 26.25
N VAL A 364 16.70 -13.59 27.22
CA VAL A 364 16.81 -13.15 28.61
C VAL A 364 18.18 -12.54 28.90
N ILE A 365 19.24 -13.05 28.25
CA ILE A 365 20.56 -12.44 28.41
C ILE A 365 20.58 -11.03 27.83
N LYS A 366 19.99 -10.86 26.65
CA LYS A 366 19.91 -9.53 26.05
C LYS A 366 19.08 -8.59 26.91
N PHE A 367 18.00 -9.08 27.53
CA PHE A 367 17.22 -8.27 28.46
C PHE A 367 18.06 -7.86 29.67
N ALA A 368 18.86 -8.77 30.21
CA ALA A 368 19.71 -8.43 31.34
C ALA A 368 20.72 -7.36 30.96
N LEU A 369 21.35 -7.49 29.79
CA LEU A 369 22.32 -6.49 29.35
C LEU A 369 21.65 -5.13 29.13
N ILE A 370 20.45 -5.11 28.54
CA ILE A 370 19.75 -3.86 28.32
C ILE A 370 19.37 -3.21 29.65
N ILE A 371 18.81 -4.01 30.57
CA ILE A 371 18.37 -3.48 31.86
C ILE A 371 19.56 -2.98 32.68
N CYS A 372 20.75 -3.53 32.44
CA CYS A 372 21.94 -2.98 33.09
C CYS A 372 22.38 -1.67 32.44
N TYR A 373 22.69 -1.72 31.14
CA TYR A 373 23.38 -0.59 30.52
C TYR A 373 22.47 0.61 30.29
N THR A 374 21.18 0.39 29.99
CA THR A 374 20.27 1.51 29.79
C THR A 374 20.01 2.24 31.10
N VAL A 375 19.80 1.49 32.19
CA VAL A 375 19.55 2.12 33.49
C VAL A 375 20.80 2.82 33.98
N TYR A 376 21.98 2.21 33.80
CA TYR A 376 23.21 2.84 34.27
C TYR A 376 23.53 4.12 33.51
N TYR A 377 22.99 4.19 32.31
CA TYR A 377 23.29 5.29 31.40
C TYR A 377 22.07 6.14 31.07
N VAL A 378 21.06 6.17 31.94
CA VAL A 378 19.88 7.01 31.70
C VAL A 378 19.95 8.35 32.41
N HIS A 379 20.86 8.50 33.38
CA HIS A 379 20.98 9.77 34.10
C HIS A 379 21.73 10.84 33.31
N ASN A 380 22.36 10.47 32.20
CA ASN A 380 23.16 11.40 31.41
C ASN A 380 22.36 12.13 30.34
N ILE A 381 21.06 11.90 30.28
CA ILE A 381 20.19 12.66 29.35
C ILE A 381 19.72 13.88 30.12
N LYS A 382 20.56 14.92 30.12
CA LYS A 382 20.27 16.15 30.82
C LYS A 382 19.85 17.23 29.83
N PHE A 383 18.98 18.13 30.28
CA PHE A 383 18.57 19.24 29.44
C PHE A 383 19.74 20.19 29.18
N ASP A 384 20.43 20.62 30.24
CA ASP A 384 21.51 21.58 30.13
C ASP A 384 22.84 20.89 30.37
N VAL A 385 23.76 21.05 29.43
CA VAL A 385 25.09 20.45 29.47
C VAL A 385 26.13 21.55 29.43
N ASP A 386 27.03 21.56 30.40
CA ASP A 386 28.14 22.52 30.42
C ASP A 386 29.33 21.88 29.74
N CYS A 387 29.66 22.35 28.54
CA CYS A 387 30.72 21.75 27.74
C CYS A 387 31.97 22.61 27.78
N THR A 388 33.13 21.96 27.61
CA THR A 388 34.42 22.63 27.53
C THR A 388 35.24 21.88 26.49
N VAL A 389 35.25 22.39 25.26
CA VAL A 389 35.79 21.67 24.13
C VAL A 389 37.12 22.21 23.63
N ASP A 390 37.59 23.33 24.20
CA ASP A 390 38.88 23.94 23.84
C ASP A 390 38.94 24.29 22.35
N ILE A 391 38.04 25.18 21.94
CA ILE A 391 38.05 25.72 20.59
C ILE A 391 38.25 27.22 20.67
N GLU A 392 39.02 27.65 21.67
CA GLU A 392 39.23 29.08 21.92
C GLU A 392 39.92 29.77 20.75
N SER A 393 40.71 29.03 19.97
CA SER A 393 41.40 29.62 18.83
C SER A 393 40.45 29.93 17.68
N LEU A 394 39.26 29.33 17.66
CA LEU A 394 38.30 29.56 16.60
C LEU A 394 37.12 30.41 17.02
N THR A 395 36.74 30.39 18.29
CA THR A 395 35.57 31.11 18.79
C THR A 395 35.94 32.23 19.76
N GLY A 396 36.83 31.96 20.72
CA GLY A 396 37.26 32.94 21.70
C GLY A 396 36.87 32.59 23.12
N TYR A 397 35.96 31.65 23.32
CA TYR A 397 35.52 31.25 24.64
C TYR A 397 35.86 29.78 24.87
N ARG A 398 36.21 29.45 26.11
CA ARG A 398 36.59 28.07 26.43
C ARG A 398 35.36 27.21 26.71
N THR A 399 34.53 27.62 27.66
CA THR A 399 33.40 26.83 28.12
C THR A 399 32.09 27.42 27.58
N TYR A 400 31.13 26.54 27.32
CA TYR A 400 29.82 26.92 26.82
C TYR A 400 28.74 26.21 27.61
N ARG A 401 27.55 26.80 27.63
CA ARG A 401 26.40 26.25 28.34
C ARG A 401 25.34 25.88 27.30
N CYS A 402 25.36 24.64 26.86
CA CYS A 402 24.42 24.17 25.85
C CYS A 402 23.15 23.63 26.50
N ALA A 403 22.08 23.60 25.71
CA ALA A 403 20.80 23.08 26.17
C ALA A 403 20.25 22.11 25.14
N HIS A 404 20.18 20.84 25.51
CA HIS A 404 19.64 19.81 24.61
C HIS A 404 18.12 19.93 24.58
N PRO A 405 17.52 20.19 23.40
CA PRO A 405 16.06 20.38 23.38
C PRO A 405 15.27 19.11 23.63
N LEU A 406 15.63 18.01 22.98
CA LEU A 406 14.88 16.76 23.09
C LEU A 406 15.27 15.93 24.29
N ALA A 407 15.98 16.51 25.26
CA ALA A 407 16.47 15.72 26.39
C ALA A 407 15.33 15.21 27.25
N THR A 408 14.32 16.05 27.51
CA THR A 408 13.18 15.60 28.32
C THR A 408 12.38 14.53 27.59
N LEU A 409 12.13 14.73 26.29
CA LEU A 409 11.38 13.75 25.52
C LEU A 409 12.16 12.46 25.37
N PHE A 410 13.48 12.55 25.19
CA PHE A 410 14.30 11.34 25.14
C PHE A 410 14.32 10.62 26.48
N LYS A 411 14.32 11.36 27.59
CA LYS A 411 14.25 10.72 28.90
C LYS A 411 12.92 10.02 29.10
N ILE A 412 11.83 10.64 28.65
CA ILE A 412 10.51 10.00 28.75
C ILE A 412 10.47 8.74 27.92
N LEU A 413 10.99 8.80 26.69
CA LEU A 413 11.04 7.62 25.83
C LEU A 413 11.94 6.54 26.42
N ALA A 414 13.05 6.94 27.06
CA ALA A 414 13.93 5.97 27.68
C ALA A 414 13.27 5.29 28.87
N SER A 415 12.50 6.03 29.66
CA SER A 415 11.77 5.42 30.77
C SER A 415 10.69 4.47 30.25
N PHE A 416 9.99 4.86 29.19
CA PHE A 416 9.00 3.97 28.58
C PHE A 416 9.65 2.70 28.05
N TYR A 417 10.81 2.85 27.41
CA TYR A 417 11.54 1.68 26.90
C TYR A 417 12.07 0.80 28.02
N ILE A 418 12.49 1.40 29.14
CA ILE A 418 12.92 0.61 30.28
C ILE A 418 11.75 -0.19 30.85
N SER A 419 10.58 0.43 30.95
CA SER A 419 9.39 -0.31 31.40
C SER A 419 9.04 -1.45 30.45
N LEU A 420 9.11 -1.19 29.15
CA LEU A 420 8.82 -2.23 28.17
C LEU A 420 9.83 -3.37 28.25
N VAL A 421 11.11 -3.04 28.43
CA VAL A 421 12.14 -4.08 28.57
C VAL A 421 11.93 -4.87 29.86
N ILE A 422 11.47 -4.21 30.93
CA ILE A 422 11.18 -4.92 32.18
C ILE A 422 10.05 -5.91 31.97
N PHE A 423 8.98 -5.49 31.30
CA PHE A 423 7.87 -6.42 31.02
C PHE A 423 8.34 -7.56 30.11
N TYR A 424 9.14 -7.24 29.11
CA TYR A 424 9.66 -8.25 28.19
C TYR A 424 10.52 -9.27 28.93
N GLY A 425 11.37 -8.80 29.84
CA GLY A 425 12.21 -9.71 30.61
C GLY A 425 11.42 -10.55 31.58
N LEU A 426 10.37 -9.98 32.19
CA LEU A 426 9.51 -10.78 33.06
C LEU A 426 8.83 -11.89 32.26
N ILE A 427 8.35 -11.57 31.06
CA ILE A 427 7.73 -12.58 30.20
C ILE A 427 8.76 -13.65 29.80
N CYS A 428 9.98 -13.23 29.44
CA CYS A 428 11.00 -14.18 29.04
C CYS A 428 11.44 -15.08 30.19
N MET A 429 11.53 -14.52 31.40
CA MET A 429 11.87 -15.33 32.55
C MET A 429 10.75 -16.28 32.92
N TYR A 430 9.49 -15.88 32.74
CA TYR A 430 8.39 -16.81 32.92
C TYR A 430 8.47 -17.95 31.91
N THR A 431 8.81 -17.63 30.65
CA THR A 431 8.96 -18.65 29.63
C THR A 431 10.09 -19.61 29.97
N LEU A 432 11.22 -19.08 30.42
CA LEU A 432 12.35 -19.93 30.80
C LEU A 432 12.01 -20.82 32.00
N TRP A 433 11.30 -20.26 32.98
CA TRP A 433 10.86 -21.06 34.13
C TRP A 433 9.89 -22.15 33.71
N TRP A 434 8.99 -21.84 32.78
CA TRP A 434 8.06 -22.86 32.28
C TRP A 434 8.80 -23.95 31.54
N MET A 435 9.83 -23.59 30.77
CA MET A 435 10.61 -24.59 30.05
C MET A 435 11.40 -25.48 31.01
N LEU A 436 12.02 -24.89 32.02
CA LEU A 436 12.95 -25.62 32.88
C LEU A 436 12.29 -26.21 34.13
N ARG A 437 11.01 -25.94 34.37
CA ARG A 437 10.36 -26.50 35.55
C ARG A 437 10.04 -27.99 35.36
N ARG A 438 9.90 -28.44 34.12
CA ARG A 438 9.58 -29.83 33.84
C ARG A 438 10.16 -30.19 32.48
N SER A 439 10.38 -31.48 32.28
CA SER A 439 10.97 -31.98 31.04
C SER A 439 9.94 -31.86 29.92
N LEU A 440 10.09 -30.83 29.09
CA LEU A 440 9.20 -30.69 27.93
C LEU A 440 9.48 -31.72 26.85
N LYS A 441 10.62 -32.43 26.94
CA LYS A 441 10.93 -33.50 26.00
C LYS A 441 10.16 -34.78 26.28
N LYS A 442 9.38 -34.82 27.37
CA LYS A 442 8.52 -35.95 27.69
C LYS A 442 7.10 -35.45 27.90
N TYR A 443 6.15 -36.00 27.14
CA TYR A 443 4.76 -35.60 27.22
C TYR A 443 3.91 -36.83 27.51
N SER A 444 2.99 -36.69 28.45
CA SER A 444 2.16 -37.81 28.93
C SER A 444 0.71 -37.58 28.54
N PHE A 445 0.07 -38.62 28.01
CA PHE A 445 -1.34 -38.59 27.66
C PHE A 445 -2.22 -39.24 28.72
N GLU A 446 -1.79 -39.21 29.99
CA GLU A 446 -2.52 -39.91 31.04
C GLU A 446 -3.92 -39.33 31.23
N SER A 447 -4.02 -38.00 31.29
CA SER A 447 -5.34 -37.38 31.42
C SER A 447 -6.20 -37.64 30.20
N ILE A 448 -5.61 -37.59 29.01
CA ILE A 448 -6.36 -37.84 27.78
C ILE A 448 -6.79 -39.29 27.69
N ARG A 449 -5.92 -40.22 28.05
CA ARG A 449 -6.29 -41.64 27.98
C ARG A 449 -7.29 -42.01 29.06
N GLU A 450 -7.31 -41.29 30.19
CA GLU A 450 -8.36 -41.50 31.17
C GLU A 450 -9.67 -40.84 30.75
N GLU A 451 -9.60 -39.77 29.96
CA GLU A 451 -10.82 -39.09 29.51
C GLU A 451 -11.56 -39.92 28.48
N SER A 452 -10.83 -40.52 27.53
CA SER A 452 -11.41 -41.32 26.46
C SER A 452 -11.29 -42.80 26.78
N SER A 453 -11.80 -43.63 25.86
CA SER A 453 -11.77 -45.07 26.03
C SER A 453 -10.46 -45.71 25.59
N TYR A 454 -9.56 -44.95 24.97
CA TYR A 454 -8.29 -45.47 24.50
C TYR A 454 -7.23 -45.22 25.58
N SER A 455 -6.73 -46.31 26.17
CA SER A 455 -5.76 -46.23 27.25
C SER A 455 -4.43 -46.87 26.87
N ASP A 456 -4.08 -46.81 25.58
CA ASP A 456 -2.82 -47.37 25.09
C ASP A 456 -1.94 -46.33 24.42
N ILE A 457 -2.24 -45.04 24.59
CA ILE A 457 -1.47 -43.98 23.94
C ILE A 457 -0.11 -43.88 24.63
N PRO A 458 0.99 -44.09 23.92
CA PRO A 458 2.30 -44.00 24.54
C PRO A 458 2.76 -42.55 24.66
N ASP A 459 3.74 -42.36 25.54
CA ASP A 459 4.33 -41.03 25.71
C ASP A 459 5.22 -40.69 24.51
N VAL A 460 5.10 -39.47 24.02
CA VAL A 460 5.92 -39.00 22.92
C VAL A 460 7.14 -38.30 23.49
N LYS A 461 8.17 -38.16 22.66
CA LYS A 461 9.47 -37.68 23.13
C LYS A 461 10.01 -36.61 22.20
N ASN A 462 10.87 -35.76 22.77
CA ASN A 462 11.73 -34.80 22.06
C ASN A 462 10.85 -33.75 21.37
N ASP A 463 11.04 -33.48 20.09
CA ASP A 463 10.37 -32.37 19.44
C ASP A 463 8.86 -32.58 19.37
N PHE A 464 8.42 -33.83 19.25
CA PHE A 464 6.99 -34.13 19.28
C PHE A 464 6.39 -33.72 20.62
N ALA A 465 7.05 -34.09 21.72
CA ALA A 465 6.58 -33.71 23.05
C ALA A 465 6.59 -32.21 23.24
N PHE A 466 7.65 -31.53 22.76
CA PHE A 466 7.73 -30.09 22.92
C PHE A 466 6.64 -29.37 22.14
N MET A 467 6.38 -29.80 20.90
CA MET A 467 5.33 -29.17 20.10
C MET A 467 3.95 -29.45 20.69
N LEU A 468 3.74 -30.64 21.25
CA LEU A 468 2.48 -30.91 21.91
C LEU A 468 2.30 -30.08 23.18
N HIS A 469 3.40 -29.82 23.91
CA HIS A 469 3.33 -28.92 25.05
C HIS A 469 2.98 -27.51 24.61
N LEU A 470 3.56 -27.05 23.50
CA LEU A 470 3.20 -25.74 22.96
C LEU A 470 1.71 -25.69 22.58
N ILE A 471 1.21 -26.77 22.00
CA ILE A 471 -0.20 -26.83 21.62
C ILE A 471 -1.09 -26.79 22.86
N ASP A 472 -0.70 -27.52 23.91
CA ASP A 472 -1.45 -27.46 25.17
C ASP A 472 -1.43 -26.06 25.76
N GLN A 473 -0.31 -25.35 25.63
CA GLN A 473 -0.26 -23.96 26.05
C GLN A 473 -1.21 -23.11 25.22
N TYR A 474 -1.34 -23.42 23.92
CA TYR A 474 -2.29 -22.69 23.09
C TYR A 474 -3.72 -23.19 23.31
N ASP A 475 -3.96 -24.46 23.01
CA ASP A 475 -5.31 -25.04 23.16
C ASP A 475 -5.20 -26.55 23.33
N PRO A 476 -5.61 -27.08 24.49
CA PRO A 476 -5.55 -28.54 24.70
C PRO A 476 -6.50 -29.33 23.82
N LEU A 477 -7.48 -28.69 23.19
CA LEU A 477 -8.44 -29.40 22.34
C LEU A 477 -7.74 -30.03 21.14
N TYR A 478 -6.77 -29.33 20.55
CA TYR A 478 -6.05 -29.88 19.40
C TYR A 478 -5.29 -31.14 19.78
N SER A 479 -4.61 -31.14 20.93
CA SER A 479 -3.87 -32.33 21.35
C SER A 479 -4.83 -33.45 21.75
N LYS A 480 -5.96 -33.10 22.37
CA LYS A 480 -6.96 -34.10 22.71
C LYS A 480 -7.50 -34.79 21.45
N ARG A 481 -7.74 -34.01 20.40
CA ARG A 481 -8.19 -34.58 19.14
C ARG A 481 -7.08 -35.39 18.45
N PHE A 482 -5.83 -34.92 18.54
CA PHE A 482 -4.72 -35.59 17.89
C PHE A 482 -4.31 -36.88 18.57
N ALA A 483 -4.58 -37.01 19.88
CA ALA A 483 -4.19 -38.22 20.60
C ALA A 483 -4.93 -39.46 20.12
N VAL A 484 -6.01 -39.31 19.36
CA VAL A 484 -6.71 -40.46 18.80
C VAL A 484 -5.82 -41.21 17.82
N PHE A 485 -5.10 -40.48 16.97
CA PHE A 485 -4.28 -41.09 15.93
C PHE A 485 -3.01 -41.74 16.47
N LEU A 486 -2.68 -41.54 17.74
CA LEU A 486 -1.48 -42.12 18.33
C LEU A 486 -1.76 -43.40 19.12
N SER A 487 -2.98 -43.93 19.02
CA SER A 487 -3.38 -45.12 19.77
C SER A 487 -3.64 -46.27 18.82
N GLU A 488 -3.13 -47.45 19.16
CA GLU A 488 -3.34 -48.64 18.34
C GLU A 488 -4.79 -49.11 18.40
N VAL A 489 -5.46 -48.91 19.54
CA VAL A 489 -6.85 -49.33 19.67
C VAL A 489 -7.74 -48.54 18.72
N SER A 490 -7.42 -47.26 18.51
CA SER A 490 -8.17 -46.47 17.54
C SER A 490 -7.99 -47.00 16.13
N GLU A 491 -6.77 -47.42 15.78
CA GLU A 491 -6.54 -48.01 14.46
C GLU A 491 -7.29 -49.32 14.30
N ASN A 492 -7.31 -50.13 15.36
CA ASN A 492 -8.07 -51.39 15.31
C ASN A 492 -9.56 -51.12 15.15
N LYS A 493 -10.09 -50.14 15.86
CA LYS A 493 -11.50 -49.78 15.69
C LYS A 493 -11.78 -49.23 14.30
N LEU A 494 -10.82 -48.48 13.75
CA LEU A 494 -10.98 -47.93 12.40
C LEU A 494 -11.05 -49.03 11.36
N ARG A 495 -10.15 -50.02 11.44
CA ARG A 495 -10.20 -51.11 10.47
C ARG A 495 -11.40 -52.03 10.73
N GLN A 496 -11.83 -52.15 11.98
CA GLN A 496 -13.05 -52.91 12.28
C GLN A 496 -14.26 -52.24 11.65
N LEU A 497 -14.36 -50.92 11.74
CA LEU A 497 -15.46 -50.21 11.09
C LEU A 497 -15.35 -50.25 9.58
N ASN A 498 -14.12 -50.27 9.05
CA ASN A 498 -13.94 -50.44 7.61
C ASN A 498 -14.46 -51.79 7.15
N LEU A 499 -14.15 -52.86 7.89
CA LEU A 499 -14.69 -54.17 7.57
C LEU A 499 -16.21 -54.22 7.78
N ASN A 500 -16.72 -53.47 8.74
CA ASN A 500 -18.16 -53.45 9.00
C ASN A 500 -18.92 -52.81 7.84
N ASN A 501 -18.47 -51.63 7.39
CA ASN A 501 -19.13 -50.98 6.27
C ASN A 501 -18.83 -51.67 4.94
N GLU A 502 -17.72 -52.42 4.87
CA GLU A 502 -17.46 -53.22 3.68
C GLU A 502 -18.48 -54.34 3.54
N TRP A 503 -18.86 -54.96 4.65
CA TRP A 503 -19.82 -56.05 4.63
C TRP A 503 -21.08 -55.69 5.41
N PRO B 15 7.12 -17.90 -1.57
CA PRO B 15 6.07 -18.91 -1.71
C PRO B 15 6.63 -20.34 -1.65
N ALA B 16 6.43 -21.10 -2.72
CA ALA B 16 6.93 -22.47 -2.78
C ALA B 16 8.44 -22.55 -2.96
N TYR B 17 9.09 -21.43 -3.27
CA TYR B 17 10.54 -21.41 -3.47
C TYR B 17 11.33 -21.43 -2.17
N ARG B 18 10.66 -21.37 -1.02
CA ARG B 18 11.36 -21.40 0.26
C ARG B 18 12.08 -22.72 0.50
N ILE B 19 11.70 -23.78 -0.21
CA ILE B 19 12.43 -25.04 -0.11
C ILE B 19 13.76 -24.97 -0.85
N LEU B 20 13.91 -24.04 -1.80
CA LEU B 20 15.15 -23.89 -2.53
C LEU B 20 16.16 -22.99 -1.82
N LYS B 21 15.76 -22.35 -0.72
CA LYS B 21 16.65 -21.46 0.01
C LYS B 21 17.09 -22.12 1.31
N PRO B 22 18.33 -22.57 1.42
CA PRO B 22 18.81 -23.12 2.70
C PRO B 22 18.99 -22.04 3.76
N TRP B 23 19.51 -22.43 4.92
CA TRP B 23 19.67 -21.46 6.01
C TRP B 23 20.66 -20.35 5.64
N TRP B 24 21.70 -20.68 4.88
CA TRP B 24 22.64 -19.64 4.46
C TRP B 24 21.97 -18.64 3.51
N ASP B 25 21.09 -19.12 2.64
CA ASP B 25 20.38 -18.21 1.74
C ASP B 25 19.45 -17.27 2.51
N VAL B 26 18.74 -17.81 3.51
CA VAL B 26 17.85 -16.97 4.31
C VAL B 26 18.65 -15.96 5.12
N PHE B 27 19.78 -16.39 5.69
CA PHE B 27 20.62 -15.47 6.45
C PHE B 27 21.17 -14.36 5.56
N THR B 28 21.62 -14.72 4.35
CA THR B 28 22.13 -13.70 3.43
C THR B 28 21.02 -12.76 2.98
N ASP B 29 19.80 -13.27 2.77
CA ASP B 29 18.69 -12.40 2.40
C ASP B 29 18.36 -11.42 3.52
N TYR B 30 18.36 -11.88 4.76
CA TYR B 30 18.06 -10.99 5.88
C TYR B 30 19.17 -9.96 6.10
N ILE B 31 20.43 -10.38 5.96
CA ILE B 31 21.54 -9.44 6.06
C ILE B 31 21.48 -8.42 4.93
N SER B 32 21.09 -8.85 3.73
CA SER B 32 20.94 -7.94 2.61
C SER B 32 19.82 -6.94 2.88
N ILE B 33 18.71 -7.38 3.47
CA ILE B 33 17.62 -6.47 3.81
C ILE B 33 18.08 -5.44 4.83
N VAL B 34 18.81 -5.90 5.86
CA VAL B 34 19.29 -4.99 6.91
C VAL B 34 20.27 -3.96 6.31
N MET B 35 21.19 -4.42 5.47
CA MET B 35 22.14 -3.50 4.85
C MET B 35 21.45 -2.57 3.88
N LEU B 36 20.40 -3.02 3.20
CA LEU B 36 19.63 -2.15 2.31
C LEU B 36 18.93 -1.05 3.08
N MET B 37 18.33 -1.38 4.23
CA MET B 37 17.69 -0.34 5.02
C MET B 37 18.71 0.60 5.65
N ILE B 38 19.91 0.08 5.98
CA ILE B 38 21.00 0.95 6.43
C ILE B 38 21.40 1.90 5.33
N ALA B 39 21.49 1.41 4.09
CA ALA B 39 21.82 2.26 2.95
C ALA B 39 20.76 3.33 2.74
N VAL B 40 19.48 2.96 2.87
CA VAL B 40 18.40 3.93 2.70
C VAL B 40 18.48 5.01 3.78
N PHE B 41 18.69 4.61 5.04
CA PHE B 41 18.80 5.58 6.12
C PHE B 41 20.01 6.50 5.93
N GLY B 42 21.15 5.93 5.55
CA GLY B 42 22.33 6.74 5.31
C GLY B 42 22.17 7.68 4.13
N GLY B 43 21.48 7.23 3.08
CA GLY B 43 21.23 8.09 1.94
C GLY B 43 20.29 9.23 2.27
N THR B 44 19.27 8.95 3.10
CA THR B 44 18.39 10.01 3.57
C THR B 44 19.16 11.04 4.40
N LEU B 45 20.06 10.57 5.26
CA LEU B 45 20.89 11.49 6.04
C LEU B 45 21.83 12.29 5.14
N GLN B 46 22.42 11.63 4.14
CA GLN B 46 23.34 12.30 3.23
C GLN B 46 22.63 13.38 2.42
N VAL B 47 21.43 13.09 1.94
CA VAL B 47 20.66 14.07 1.19
C VAL B 47 20.21 15.22 2.10
N THR B 48 19.69 14.88 3.28
CA THR B 48 19.02 15.87 4.11
C THR B 48 20.01 16.71 4.91
N GLN B 49 20.80 16.07 5.78
CA GLN B 49 21.52 16.78 6.82
C GLN B 49 23.02 16.90 6.58
N ASP B 50 23.58 16.19 5.60
CA ASP B 50 25.03 16.13 5.45
C ASP B 50 25.56 17.49 5.00
N LYS B 51 26.26 18.17 5.90
CA LYS B 51 26.85 19.48 5.63
C LYS B 51 28.23 19.51 6.26
N MET B 52 28.83 20.71 6.32
CA MET B 52 30.18 20.85 6.87
C MET B 52 30.32 22.28 7.38
N ILE B 53 30.22 22.46 8.68
CA ILE B 53 30.25 23.79 9.29
C ILE B 53 31.69 24.23 9.43
N CYS B 54 32.09 25.26 8.68
CA CYS B 54 33.49 25.67 8.59
C CYS B 54 33.70 27.04 9.23
N LEU B 55 34.81 27.18 9.95
CA LEU B 55 35.26 28.45 10.48
C LEU B 55 36.69 28.71 10.05
N PRO B 56 37.01 29.94 9.64
CA PRO B 56 38.38 30.25 9.22
C PRO B 56 39.34 30.29 10.39
N CYS B 57 40.62 30.07 10.08
CA CYS B 57 41.69 30.15 11.05
C CYS B 57 42.55 31.37 10.73
N LYS B 58 42.58 32.33 11.67
CA LYS B 58 43.31 33.57 11.43
C LYS B 58 44.82 33.38 11.57
N TRP B 59 45.24 32.47 12.45
CA TRP B 59 46.66 32.19 12.67
C TRP B 59 47.01 30.88 11.98
N VAL B 60 47.72 30.97 10.86
CA VAL B 60 48.11 29.81 10.06
C VAL B 60 49.64 29.73 10.07
N THR B 61 50.17 28.59 10.49
CA THR B 61 51.61 28.36 10.50
C THR B 61 52.05 27.17 9.67
N LYS B 62 51.13 26.38 9.13
CA LYS B 62 51.48 25.20 8.34
C LYS B 62 50.38 24.98 7.30
N ASP B 63 50.38 23.79 6.70
CA ASP B 63 49.35 23.45 5.74
C ASP B 63 47.97 23.37 6.40
N SER B 64 47.91 22.81 7.60
CA SER B 64 46.66 22.71 8.34
C SER B 64 46.45 23.94 9.22
N CYS B 65 45.29 23.99 9.87
CA CYS B 65 44.97 25.08 10.76
C CYS B 65 45.82 25.01 12.03
N ASN B 66 46.21 26.18 12.53
CA ASN B 66 47.00 26.30 13.74
C ASN B 66 46.16 26.92 14.85
N ASP B 67 46.34 26.42 16.07
CA ASP B 67 45.59 26.88 17.23
C ASP B 67 46.50 27.73 18.11
N SER B 68 45.99 28.87 18.56
CA SER B 68 46.75 29.77 19.42
C SER B 68 45.82 30.54 20.36
N GLY B 185 37.48 40.12 30.47
CA GLY B 185 36.93 38.83 30.12
C GLY B 185 37.13 38.47 28.66
N PRO B 186 36.94 37.19 28.32
CA PRO B 186 37.09 36.77 26.93
C PRO B 186 36.01 37.37 26.03
N THR B 187 36.37 37.58 24.77
CA THR B 187 35.44 38.12 23.79
C THR B 187 35.54 37.31 22.51
N GLY B 188 34.45 37.31 21.74
CA GLY B 188 34.40 36.49 20.54
C GLY B 188 35.28 37.03 19.43
N ILE B 189 35.66 36.13 18.54
CA ILE B 189 36.48 36.48 17.38
C ILE B 189 35.57 36.92 16.25
N LYS B 190 35.92 38.03 15.61
CA LYS B 190 35.15 38.58 14.51
C LYS B 190 35.85 38.27 13.20
N TYR B 191 35.17 37.53 12.33
CA TYR B 191 35.74 37.14 11.05
C TYR B 191 35.32 38.03 9.89
N ASP B 192 34.35 38.92 10.11
CA ASP B 192 33.85 39.86 9.08
C ASP B 192 33.39 39.12 7.83
N LEU B 193 32.70 38.00 8.02
CA LEU B 193 32.19 37.20 6.92
C LEU B 193 30.66 37.20 6.94
N ASP B 194 30.06 37.33 5.76
CA ASP B 194 28.61 37.31 5.64
C ASP B 194 28.10 35.87 5.75
N ARG B 195 26.78 35.73 5.73
CA ARG B 195 26.16 34.41 5.76
C ARG B 195 26.50 33.60 4.50
N HIS B 196 26.43 34.24 3.34
CA HIS B 196 26.69 33.53 2.10
C HIS B 196 28.16 33.24 1.89
N GLN B 197 29.06 34.05 2.46
CA GLN B 197 30.47 33.69 2.45
C GLN B 197 30.70 32.42 3.26
N TYR B 198 30.06 32.31 4.42
CA TYR B 198 30.14 31.08 5.20
C TYR B 198 29.56 29.89 4.45
N ASN B 199 28.42 30.10 3.77
CA ASN B 199 27.81 29.02 3.00
C ASN B 199 28.70 28.58 1.84
N TYR B 200 29.35 29.54 1.17
CA TYR B 200 30.26 29.22 0.09
C TYR B 200 31.48 28.46 0.61
N VAL B 201 32.02 28.88 1.76
CA VAL B 201 33.14 28.15 2.36
C VAL B 201 32.73 26.72 2.70
N ASP B 202 31.54 26.55 3.27
CA ASP B 202 31.03 25.23 3.59
C ASP B 202 30.92 24.37 2.34
N ALA B 203 30.33 24.92 1.28
CA ALA B 203 30.12 24.15 0.06
C ALA B 203 31.44 23.76 -0.60
N VAL B 204 32.40 24.69 -0.65
CA VAL B 204 33.66 24.40 -1.32
C VAL B 204 34.48 23.41 -0.52
N CYS B 205 34.58 23.58 0.80
CA CYS B 205 35.33 22.64 1.61
C CYS B 205 34.61 21.30 1.73
N TYR B 206 33.30 21.25 1.52
CA TYR B 206 32.58 19.98 1.47
C TYR B 206 32.84 19.26 0.16
N GLU B 207 32.89 19.99 -0.94
CA GLU B 207 33.10 19.37 -2.24
C GLU B 207 34.54 18.91 -2.43
N ASN B 208 35.51 19.74 -2.04
CA ASN B 208 36.90 19.50 -2.39
C ASN B 208 37.64 18.69 -1.32
N ARG B 209 37.73 19.23 -0.11
CA ARG B 209 38.60 18.68 0.93
C ARG B 209 37.87 17.77 1.90
N LEU B 210 36.75 17.17 1.48
CA LEU B 210 36.10 16.11 2.24
C LEU B 210 36.24 14.81 1.46
N HIS B 211 36.62 13.74 2.17
CA HIS B 211 36.89 12.47 1.50
C HIS B 211 35.62 11.91 0.87
N TRP B 212 35.78 11.31 -0.31
CA TRP B 212 34.63 10.81 -1.06
C TRP B 212 33.94 9.67 -0.33
N PHE B 213 34.67 8.93 0.50
CA PHE B 213 34.05 7.82 1.23
C PHE B 213 33.03 8.32 2.23
N ALA B 214 33.32 9.43 2.92
CA ALA B 214 32.36 9.99 3.86
C ALA B 214 31.13 10.53 3.12
N LYS B 215 31.34 11.12 1.95
CA LYS B 215 30.22 11.69 1.19
C LYS B 215 29.38 10.58 0.55
N TYR B 216 30.02 9.60 -0.06
CA TYR B 216 29.35 8.58 -0.86
C TYR B 216 29.40 7.20 -0.20
N PHE B 217 29.26 7.14 1.12
CA PHE B 217 29.16 5.85 1.79
C PHE B 217 27.82 5.15 1.51
N PRO B 218 26.65 5.75 1.78
CA PRO B 218 25.42 4.99 1.58
C PRO B 218 25.12 4.66 0.13
N TYR B 219 25.61 5.45 -0.83
CA TYR B 219 25.43 5.09 -2.23
C TYR B 219 26.21 3.83 -2.57
N LEU B 220 27.44 3.71 -2.06
CA LEU B 220 28.21 2.48 -2.24
C LEU B 220 27.53 1.31 -1.56
N VAL B 221 26.99 1.52 -0.36
CA VAL B 221 26.30 0.44 0.34
C VAL B 221 25.07 0.00 -0.45
N LEU B 222 24.31 0.95 -0.99
CA LEU B 222 23.14 0.61 -1.80
C LEU B 222 23.54 -0.15 -3.05
N LEU B 223 24.62 0.27 -3.72
CA LEU B 223 25.08 -0.45 -4.90
C LEU B 223 25.50 -1.86 -4.56
N HIS B 224 26.21 -2.05 -3.44
CA HIS B 224 26.63 -3.38 -3.04
C HIS B 224 25.44 -4.27 -2.67
N THR B 225 24.45 -3.71 -2.00
CA THR B 225 23.25 -4.49 -1.66
C THR B 225 22.47 -4.86 -2.90
N LEU B 226 22.38 -3.96 -3.88
CA LEU B 226 21.71 -4.28 -5.14
C LEU B 226 22.46 -5.38 -5.89
N ILE B 227 23.79 -5.33 -5.88
CA ILE B 227 24.59 -6.38 -6.51
C ILE B 227 24.36 -7.72 -5.81
N PHE B 228 24.32 -7.72 -4.48
CA PHE B 228 24.08 -8.96 -3.74
C PHE B 228 22.68 -9.52 -4.01
N LEU B 229 21.67 -8.64 -4.04
CA LEU B 229 20.32 -9.11 -4.33
C LEU B 229 20.21 -9.64 -5.76
N ALA B 230 20.88 -8.99 -6.71
CA ALA B 230 20.90 -9.50 -8.08
C ALA B 230 21.57 -10.87 -8.15
N CYS B 231 22.70 -11.04 -7.44
CA CYS B 231 23.38 -12.31 -7.42
C CYS B 231 22.60 -13.38 -6.68
N SER B 232 21.67 -12.99 -5.80
CA SER B 232 20.84 -13.96 -5.12
C SER B 232 19.59 -14.35 -5.92
N ASN B 233 19.03 -13.42 -6.69
CA ASN B 233 17.79 -13.68 -7.42
C ASN B 233 18.00 -13.84 -8.92
N PHE B 234 19.25 -13.92 -9.39
CA PHE B 234 19.50 -14.05 -10.83
C PHE B 234 18.97 -15.38 -11.36
N TRP B 235 19.23 -16.47 -10.65
CA TRP B 235 18.74 -17.76 -11.11
C TRP B 235 17.22 -17.87 -11.00
N PHE B 236 16.60 -17.09 -10.13
CA PHE B 236 15.14 -17.04 -10.08
C PHE B 236 14.56 -16.20 -11.20
N LYS B 237 15.30 -15.19 -11.67
CA LYS B 237 14.78 -14.31 -12.71
C LYS B 237 15.27 -14.66 -14.12
N PHE B 238 16.36 -15.41 -14.24
CA PHE B 238 16.83 -15.82 -15.57
C PHE B 238 15.98 -16.98 -16.08
N PRO B 239 15.33 -16.85 -17.23
CA PRO B 239 14.36 -17.88 -17.66
C PRO B 239 14.96 -19.27 -17.85
N ARG B 240 16.22 -19.37 -18.32
CA ARG B 240 16.81 -20.68 -18.59
C ARG B 240 16.95 -21.52 -17.34
N THR B 241 17.06 -20.88 -16.17
CA THR B 241 17.03 -21.60 -14.91
C THR B 241 15.71 -21.44 -14.17
N SER B 242 14.97 -20.35 -14.41
CA SER B 242 13.68 -20.18 -13.76
C SER B 242 12.69 -21.25 -14.19
N SER B 243 12.68 -21.60 -15.48
CA SER B 243 11.79 -22.65 -15.96
C SER B 243 12.11 -23.99 -15.30
N LYS B 244 13.40 -24.34 -15.24
CA LYS B 244 13.80 -25.59 -14.60
C LYS B 244 13.45 -25.60 -13.13
N LEU B 245 13.69 -24.48 -12.43
CA LEU B 245 13.38 -24.42 -11.01
C LEU B 245 11.89 -24.53 -10.74
N GLU B 246 11.06 -23.83 -11.53
CA GLU B 246 9.62 -23.91 -11.29
C GLU B 246 9.08 -25.29 -11.66
N HIS B 247 9.62 -25.92 -12.70
CA HIS B 247 9.20 -27.27 -13.05
C HIS B 247 9.56 -28.25 -11.94
N PHE B 248 10.78 -28.15 -11.41
CA PHE B 248 11.21 -29.02 -10.33
C PHE B 248 10.38 -28.79 -9.07
N VAL B 249 10.09 -27.54 -8.75
CA VAL B 249 9.31 -27.24 -7.56
C VAL B 249 7.89 -27.79 -7.69
N SER B 250 7.26 -27.59 -8.85
CA SER B 250 5.91 -28.11 -9.06
C SER B 250 5.87 -29.63 -8.98
N ILE B 251 6.84 -30.30 -9.62
CA ILE B 251 6.84 -31.76 -9.63
C ILE B 251 7.14 -32.30 -8.22
N LEU B 252 8.06 -31.67 -7.50
CA LEU B 252 8.37 -32.12 -6.14
C LEU B 252 7.20 -31.89 -5.19
N LEU B 253 6.46 -30.79 -5.36
CA LEU B 253 5.28 -30.57 -4.54
C LEU B 253 4.19 -31.57 -4.86
N LYS B 254 4.00 -31.91 -6.14
CA LYS B 254 2.99 -32.91 -6.50
C LYS B 254 3.38 -34.31 -6.02
N CYS B 255 4.68 -34.61 -5.99
CA CYS B 255 5.13 -35.90 -5.48
C CYS B 255 5.07 -35.97 -3.96
N PHE B 256 5.31 -34.85 -3.27
CA PHE B 256 5.22 -34.83 -1.82
C PHE B 256 3.78 -35.00 -1.35
N ASP B 257 2.82 -34.48 -2.12
CA ASP B 257 1.41 -34.63 -1.81
C ASP B 257 0.79 -35.87 -2.45
N SER B 258 1.58 -36.67 -3.16
CA SER B 258 1.06 -37.85 -3.83
C SER B 258 0.73 -38.95 -2.82
N PRO B 259 -0.50 -39.47 -2.81
CA PRO B 259 -0.82 -40.56 -1.88
C PRO B 259 -0.07 -41.85 -2.18
N TRP B 260 0.43 -42.02 -3.41
CA TRP B 260 1.18 -43.22 -3.75
C TRP B 260 2.46 -43.32 -2.95
N THR B 261 3.09 -42.17 -2.65
CA THR B 261 4.27 -42.19 -1.80
C THR B 261 3.95 -42.71 -0.40
N THR B 262 2.83 -42.26 0.16
CA THR B 262 2.40 -42.74 1.47
C THR B 262 2.09 -44.23 1.43
N ARG B 263 1.45 -44.69 0.37
CA ARG B 263 1.13 -46.12 0.25
C ARG B 263 2.39 -46.96 0.11
N ALA B 264 3.37 -46.48 -0.66
CA ALA B 264 4.57 -47.26 -0.94
C ALA B 264 5.53 -47.27 0.23
N LEU B 265 5.65 -46.15 0.96
CA LEU B 265 6.58 -46.09 2.08
C LEU B 265 6.16 -46.98 3.24
N SER B 266 4.89 -47.38 3.30
CA SER B 266 4.42 -48.26 4.36
C SER B 266 4.99 -49.66 4.21
N LEU B 324 -6.55 -49.88 -4.50
CA LEU B 324 -6.64 -48.43 -4.44
C LEU B 324 -7.59 -47.92 -5.52
N ASP B 325 -7.84 -46.60 -5.51
CA ASP B 325 -8.71 -46.00 -6.50
C ASP B 325 -8.06 -46.05 -7.88
N LYS B 326 -8.88 -46.29 -8.91
CA LYS B 326 -8.39 -46.31 -10.28
C LYS B 326 -7.91 -44.92 -10.70
N LYS B 327 -8.64 -43.88 -10.30
CA LYS B 327 -8.22 -42.51 -10.61
C LYS B 327 -6.89 -42.18 -9.94
N GLU B 328 -6.72 -42.59 -8.68
CA GLU B 328 -5.45 -42.38 -8.00
C GLU B 328 -4.33 -43.15 -8.69
N GLY B 329 -4.61 -44.37 -9.14
CA GLY B 329 -3.60 -45.17 -9.83
C GLY B 329 -3.16 -44.54 -11.14
N GLU B 330 -4.12 -44.06 -11.94
CA GLU B 330 -3.75 -43.45 -13.21
C GLU B 330 -3.07 -42.10 -13.01
N GLN B 331 -3.47 -41.35 -11.97
CA GLN B 331 -2.75 -40.13 -11.64
C GLN B 331 -1.32 -40.42 -11.21
N ALA B 332 -1.11 -41.49 -10.43
CA ALA B 332 0.24 -41.87 -10.04
C ALA B 332 1.06 -42.31 -11.23
N LYS B 333 0.46 -43.03 -12.18
CA LYS B 333 1.19 -43.44 -13.37
C LYS B 333 1.55 -42.23 -14.24
N ALA B 334 0.63 -41.28 -14.38
CA ALA B 334 0.92 -40.06 -15.12
C ALA B 334 2.03 -39.26 -14.46
N LEU B 335 2.02 -39.20 -13.13
CA LEU B 335 3.08 -38.49 -12.41
C LEU B 335 4.41 -39.22 -12.52
N PHE B 336 4.39 -40.55 -12.56
CA PHE B 336 5.60 -41.32 -12.81
C PHE B 336 6.18 -40.99 -14.18
N GLU B 337 5.32 -40.95 -15.20
CA GLU B 337 5.78 -40.61 -16.54
C GLU B 337 6.31 -39.18 -16.60
N LYS B 338 5.65 -38.25 -15.90
CA LYS B 338 6.11 -36.87 -15.85
C LYS B 338 7.46 -36.75 -15.16
N VAL B 339 7.66 -37.50 -14.08
CA VAL B 339 8.94 -37.51 -13.38
C VAL B 339 10.04 -38.07 -14.28
N LYS B 340 9.74 -39.15 -15.00
CA LYS B 340 10.73 -39.72 -15.92
C LYS B 340 11.08 -38.73 -17.02
N LYS B 341 10.09 -38.06 -17.59
CA LYS B 341 10.35 -37.07 -18.64
C LYS B 341 11.17 -35.90 -18.11
N PHE B 342 10.84 -35.40 -16.92
CA PHE B 342 11.59 -34.30 -16.34
C PHE B 342 13.02 -34.72 -16.02
N ARG B 343 13.20 -35.95 -15.52
CA ARG B 343 14.55 -36.42 -15.22
C ARG B 343 15.39 -36.56 -16.48
N THR B 344 14.82 -37.13 -17.55
CA THR B 344 15.57 -37.27 -18.79
C THR B 344 15.69 -35.96 -19.56
N HIS B 345 14.95 -34.92 -19.17
CA HIS B 345 15.09 -33.61 -19.80
C HIS B 345 16.04 -32.69 -19.05
N VAL B 346 16.11 -32.79 -17.72
CA VAL B 346 16.87 -31.85 -16.91
C VAL B 346 18.20 -32.47 -16.51
N GLU B 347 18.27 -33.80 -16.51
CA GLU B 347 19.51 -34.49 -16.13
C GLU B 347 20.61 -34.33 -17.15
N GLU B 348 20.29 -33.86 -18.36
CA GLU B 348 21.32 -33.63 -19.37
C GLU B 348 22.14 -32.38 -19.06
N GLY B 349 21.48 -31.23 -18.98
CA GLY B 349 22.18 -30.00 -18.68
C GLY B 349 22.39 -29.77 -17.20
N ASP B 350 23.32 -28.88 -16.89
CA ASP B 350 23.66 -28.52 -15.52
C ASP B 350 23.75 -27.01 -15.37
N ILE B 351 22.78 -26.30 -15.95
CA ILE B 351 22.82 -24.84 -15.96
C ILE B 351 22.55 -24.26 -14.59
N VAL B 352 21.67 -24.88 -13.81
CA VAL B 352 21.30 -24.33 -12.50
C VAL B 352 22.47 -24.41 -11.53
N TYR B 353 23.16 -25.56 -11.48
CA TYR B 353 24.31 -25.71 -10.60
C TYR B 353 25.44 -24.77 -10.99
N ARG B 354 25.70 -24.64 -12.29
CA ARG B 354 26.73 -23.72 -12.76
C ARG B 354 26.39 -22.27 -12.40
N LEU B 355 25.12 -21.88 -12.60
CA LEU B 355 24.71 -20.52 -12.28
C LEU B 355 24.83 -20.24 -10.79
N TYR B 356 24.42 -21.22 -9.95
CA TYR B 356 24.53 -21.03 -8.51
C TYR B 356 25.98 -20.93 -8.07
N MET B 357 26.86 -21.76 -8.64
CA MET B 357 28.28 -21.68 -8.32
C MET B 357 28.87 -20.34 -8.74
N ARG B 358 28.50 -19.84 -9.93
CA ARG B 358 28.97 -18.55 -10.38
C ARG B 358 28.48 -17.43 -9.47
N GLN B 359 27.22 -17.50 -9.03
CA GLN B 359 26.69 -16.50 -8.12
C GLN B 359 27.44 -16.51 -6.79
N THR B 360 27.73 -17.71 -6.27
CA THR B 360 28.48 -17.81 -5.01
C THR B 360 29.89 -17.24 -5.15
N ILE B 361 30.56 -17.54 -6.27
CA ILE B 361 31.91 -17.03 -6.49
C ILE B 361 31.89 -15.51 -6.60
N ILE B 362 30.92 -14.96 -7.34
CA ILE B 362 30.82 -13.51 -7.47
C ILE B 362 30.55 -12.87 -6.12
N LYS B 363 29.67 -13.47 -5.33
CA LYS B 363 29.36 -12.90 -4.01
C LYS B 363 30.58 -12.93 -3.09
N VAL B 364 31.35 -14.05 -3.06
CA VAL B 364 32.49 -14.13 -2.15
C VAL B 364 33.60 -13.17 -2.59
N ILE B 365 33.85 -13.04 -3.90
CA ILE B 365 34.89 -12.09 -4.30
C ILE B 365 34.43 -10.66 -4.08
N LYS B 366 33.12 -10.39 -4.23
CA LYS B 366 32.59 -9.07 -3.93
C LYS B 366 32.76 -8.74 -2.46
N PHE B 367 32.52 -9.72 -1.59
CA PHE B 367 32.76 -9.51 -0.15
C PHE B 367 34.21 -9.23 0.13
N ALA B 368 35.13 -9.94 -0.55
CA ALA B 368 36.55 -9.69 -0.33
C ALA B 368 36.93 -8.27 -0.70
N LEU B 369 36.48 -7.81 -1.87
CA LEU B 369 36.80 -6.45 -2.29
C LEU B 369 36.17 -5.42 -1.35
N ILE B 370 34.94 -5.66 -0.91
CA ILE B 370 34.27 -4.72 -0.02
C ILE B 370 35.00 -4.63 1.31
N ILE B 371 35.35 -5.78 1.89
CA ILE B 371 36.02 -5.76 3.20
C ILE B 371 37.44 -5.26 3.09
N CYS B 372 38.03 -5.24 1.89
CA CYS B 372 39.31 -4.56 1.75
C CYS B 372 39.14 -3.05 1.71
N TYR B 373 38.30 -2.60 0.70
CA TYR B 373 38.26 -1.17 0.43
C TYR B 373 37.51 -0.40 1.50
N THR B 374 36.54 -1.02 2.17
CA THR B 374 35.81 -0.32 3.23
C THR B 374 36.67 -0.20 4.48
N VAL B 375 37.39 -1.25 4.84
CA VAL B 375 38.26 -1.19 6.01
C VAL B 375 39.42 -0.23 5.77
N TYR B 376 39.97 -0.22 4.56
CA TYR B 376 41.09 0.68 4.29
C TYR B 376 40.66 2.15 4.29
N TYR B 377 39.43 2.43 3.86
CA TYR B 377 38.95 3.80 3.71
C TYR B 377 38.02 4.25 4.84
N VAL B 378 37.98 3.51 5.95
CA VAL B 378 37.09 3.90 7.04
C VAL B 378 37.70 4.95 7.96
N HIS B 379 39.02 5.15 7.90
CA HIS B 379 39.67 6.12 8.78
C HIS B 379 39.49 7.55 8.31
N ASN B 380 39.01 7.76 7.08
CA ASN B 380 38.82 9.11 6.55
C ASN B 380 37.52 9.75 7.01
N ILE B 381 36.67 9.02 7.73
CA ILE B 381 35.41 9.58 8.25
C ILE B 381 35.75 10.16 9.62
N LYS B 382 36.20 11.42 9.61
CA LYS B 382 36.58 12.12 10.83
C LYS B 382 35.71 13.35 11.01
N PHE B 383 35.55 13.76 12.27
CA PHE B 383 34.66 14.87 12.59
C PHE B 383 35.22 16.20 12.09
N ASP B 384 36.49 16.47 12.36
CA ASP B 384 37.11 17.75 12.05
C ASP B 384 38.11 17.59 10.92
N VAL B 385 37.93 18.36 9.85
CA VAL B 385 38.80 18.32 8.68
C VAL B 385 39.26 19.73 8.37
N ASP B 386 40.56 19.89 8.11
CA ASP B 386 41.14 21.18 7.74
C ASP B 386 41.20 21.28 6.22
N CYS B 387 40.69 22.37 5.67
CA CYS B 387 40.68 22.59 4.23
C CYS B 387 41.50 23.82 3.87
N THR B 388 42.09 23.78 2.68
CA THR B 388 42.93 24.83 2.11
C THR B 388 42.51 25.10 0.67
N VAL B 389 41.21 25.27 0.47
CA VAL B 389 40.61 25.24 -0.85
C VAL B 389 40.98 26.42 -1.74
N ASP B 390 41.71 27.41 -1.22
CA ASP B 390 42.19 28.57 -1.98
C ASP B 390 41.02 29.36 -2.58
N ILE B 391 40.20 29.91 -1.68
CA ILE B 391 39.15 30.84 -2.06
C ILE B 391 39.46 32.18 -1.41
N GLU B 392 40.75 32.47 -1.25
CA GLU B 392 41.20 33.69 -0.58
C GLU B 392 40.71 34.94 -1.29
N SER B 393 40.62 34.90 -2.62
CA SER B 393 40.17 36.06 -3.37
C SER B 393 38.68 36.34 -3.21
N LEU B 394 37.92 35.40 -2.64
CA LEU B 394 36.49 35.56 -2.45
C LEU B 394 36.10 35.79 -0.99
N THR B 395 36.79 35.15 -0.04
CA THR B 395 36.47 35.28 1.36
C THR B 395 37.51 36.06 2.15
N GLY B 396 38.79 35.78 1.94
CA GLY B 396 39.88 36.47 2.61
C GLY B 396 40.78 35.59 3.43
N TYR B 397 40.34 34.38 3.77
CA TYR B 397 41.11 33.46 4.60
C TYR B 397 41.62 32.29 3.77
N ARG B 398 42.81 31.80 4.12
CA ARG B 398 43.45 30.71 3.40
C ARG B 398 42.91 29.35 3.84
N THR B 399 43.07 29.02 5.11
CA THR B 399 42.74 27.70 5.64
C THR B 399 41.56 27.79 6.58
N TYR B 400 40.64 26.83 6.47
CA TYR B 400 39.47 26.75 7.33
C TYR B 400 39.48 25.41 8.06
N ARG B 401 38.83 25.36 9.21
CA ARG B 401 38.59 24.13 9.93
C ARG B 401 37.09 23.85 9.93
N CYS B 402 36.71 22.66 9.49
CA CYS B 402 35.32 22.30 9.30
C CYS B 402 34.95 21.12 10.20
N ALA B 403 33.73 21.16 10.72
CA ALA B 403 33.15 20.07 11.48
C ALA B 403 32.10 19.38 10.61
N HIS B 404 32.16 18.05 10.56
CA HIS B 404 31.21 17.24 9.83
C HIS B 404 30.21 16.67 10.83
N PRO B 405 28.98 17.20 10.89
CA PRO B 405 28.04 16.75 11.94
C PRO B 405 27.70 15.28 11.89
N LEU B 406 27.62 14.69 10.70
CA LEU B 406 27.24 13.29 10.55
C LEU B 406 28.45 12.37 10.43
N ALA B 407 29.63 12.84 10.81
CA ALA B 407 30.83 12.01 10.68
C ALA B 407 30.79 10.82 11.63
N THR B 408 30.41 11.05 12.89
CA THR B 408 30.37 9.95 13.85
C THR B 408 29.27 8.94 13.52
N LEU B 409 28.11 9.43 13.06
CA LEU B 409 27.03 8.52 12.72
C LEU B 409 27.35 7.73 11.47
N PHE B 410 27.99 8.36 10.48
CA PHE B 410 28.44 7.61 9.30
C PHE B 410 29.54 6.63 9.66
N LYS B 411 30.41 6.96 10.62
CA LYS B 411 31.43 6.00 11.05
C LYS B 411 30.80 4.81 11.76
N ILE B 412 29.77 5.06 12.57
CA ILE B 412 29.05 3.97 13.23
C ILE B 412 28.35 3.09 12.20
N LEU B 413 27.72 3.71 11.20
CA LEU B 413 27.08 2.94 10.13
C LEU B 413 28.11 2.15 9.33
N ALA B 414 29.29 2.72 9.11
CA ALA B 414 30.35 2.01 8.40
C ALA B 414 30.84 0.81 9.19
N SER B 415 30.99 0.97 10.51
CA SER B 415 31.39 -0.17 11.35
C SER B 415 30.33 -1.27 11.34
N PHE B 416 29.06 -0.88 11.43
CA PHE B 416 27.99 -1.87 11.40
C PHE B 416 27.94 -2.57 10.04
N TYR B 417 28.14 -1.82 8.96
CA TYR B 417 28.15 -2.41 7.63
C TYR B 417 29.36 -3.32 7.44
N ILE B 418 30.51 -2.98 8.01
CA ILE B 418 31.67 -3.86 7.96
C ILE B 418 31.39 -5.16 8.70
N SER B 419 30.75 -5.07 9.87
CA SER B 419 30.40 -6.28 10.61
C SER B 419 29.42 -7.15 9.83
N LEU B 420 28.41 -6.53 9.21
CA LEU B 420 27.44 -7.29 8.42
C LEU B 420 28.10 -7.90 7.19
N VAL B 421 29.04 -7.19 6.57
CA VAL B 421 29.77 -7.74 5.43
C VAL B 421 30.65 -8.91 5.86
N ILE B 422 31.22 -8.83 7.06
CA ILE B 422 32.02 -9.93 7.58
C ILE B 422 31.14 -11.17 7.79
N PHE B 423 29.96 -10.98 8.38
CA PHE B 423 29.05 -12.10 8.56
C PHE B 423 28.60 -12.68 7.23
N TYR B 424 28.28 -11.80 6.27
CA TYR B 424 27.87 -12.24 4.93
C TYR B 424 28.98 -13.02 4.25
N GLY B 425 30.22 -12.56 4.38
CA GLY B 425 31.34 -13.27 3.78
C GLY B 425 31.62 -14.60 4.43
N LEU B 426 31.48 -14.69 5.76
CA LEU B 426 31.63 -15.97 6.42
C LEU B 426 30.56 -16.96 5.97
N ILE B 427 29.32 -16.49 5.83
CA ILE B 427 28.25 -17.34 5.36
C ILE B 427 28.51 -17.80 3.93
N CYS B 428 28.95 -16.89 3.06
CA CYS B 428 29.24 -17.26 1.68
C CYS B 428 30.44 -18.19 1.58
N MET B 429 31.44 -18.00 2.43
CA MET B 429 32.57 -18.92 2.46
C MET B 429 32.14 -20.31 2.90
N TYR B 430 31.24 -20.39 3.89
CA TYR B 430 30.71 -21.70 4.27
C TYR B 430 29.92 -22.33 3.14
N THR B 431 29.14 -21.52 2.41
CA THR B 431 28.40 -22.04 1.26
C THR B 431 29.33 -22.56 0.19
N LEU B 432 30.39 -21.82 -0.11
CA LEU B 432 31.37 -22.27 -1.11
C LEU B 432 32.09 -23.53 -0.66
N TRP B 433 32.44 -23.61 0.63
CA TRP B 433 33.07 -24.82 1.16
C TRP B 433 32.14 -26.02 1.09
N TRP B 434 30.84 -25.79 1.36
CA TRP B 434 29.87 -26.87 1.24
C TRP B 434 29.72 -27.33 -0.21
N MET B 435 29.73 -26.39 -1.15
CA MET B 435 29.63 -26.76 -2.56
C MET B 435 30.86 -27.50 -3.05
N LEU B 436 32.05 -27.11 -2.59
CA LEU B 436 33.29 -27.71 -3.05
C LEU B 436 33.73 -28.92 -2.22
N ARG B 437 33.04 -29.22 -1.12
CA ARG B 437 33.45 -30.37 -0.30
C ARG B 437 33.10 -31.68 -0.98
N ARG B 438 31.90 -31.79 -1.55
CA ARG B 438 31.47 -32.98 -2.25
C ARG B 438 30.80 -32.57 -3.55
N SER B 439 30.82 -33.47 -4.53
CA SER B 439 30.24 -33.18 -5.83
C SER B 439 28.72 -33.11 -5.73
N LEU B 440 28.14 -31.96 -6.07
CA LEU B 440 26.71 -31.77 -6.02
C LEU B 440 26.02 -32.23 -7.30
N LYS B 441 26.78 -32.64 -8.32
CA LYS B 441 26.22 -33.23 -9.53
C LYS B 441 26.19 -34.76 -9.45
N LYS B 442 26.14 -35.31 -8.23
CA LYS B 442 26.08 -36.76 -8.05
C LYS B 442 25.34 -37.01 -6.75
N TYR B 443 24.06 -37.37 -6.85
CA TYR B 443 23.21 -37.61 -5.70
C TYR B 443 23.03 -39.11 -5.50
N SER B 444 23.29 -39.59 -4.30
CA SER B 444 23.19 -41.01 -3.97
C SER B 444 22.06 -41.23 -2.98
N PHE B 445 21.23 -42.24 -3.26
CA PHE B 445 20.13 -42.62 -2.38
C PHE B 445 20.51 -43.77 -1.45
N GLU B 446 21.78 -43.85 -1.04
CA GLU B 446 22.25 -44.99 -0.25
C GLU B 446 21.53 -45.06 1.09
N SER B 447 21.35 -43.93 1.77
CA SER B 447 20.64 -43.93 3.04
C SER B 447 19.19 -44.33 2.86
N ILE B 448 18.54 -43.84 1.80
CA ILE B 448 17.13 -44.15 1.57
C ILE B 448 16.95 -45.61 1.18
N ARG B 449 17.83 -46.13 0.31
CA ARG B 449 17.73 -47.53 -0.08
C ARG B 449 18.14 -48.47 1.04
N GLU B 450 18.94 -48.00 2.00
CA GLU B 450 19.21 -48.80 3.19
C GLU B 450 18.02 -48.80 4.14
N GLU B 451 17.39 -47.64 4.31
CA GLU B 451 16.23 -47.56 5.20
C GLU B 451 15.02 -48.26 4.60
N SER B 452 14.74 -48.01 3.33
CA SER B 452 13.56 -48.56 2.68
C SER B 452 13.90 -49.88 1.99
N SER B 453 12.84 -50.59 1.56
CA SER B 453 13.02 -51.86 0.88
C SER B 453 13.58 -51.67 -0.53
N TYR B 454 13.23 -50.56 -1.18
CA TYR B 454 13.64 -50.30 -2.55
C TYR B 454 15.14 -50.02 -2.59
N SER B 455 15.92 -50.99 -3.09
CA SER B 455 17.36 -50.88 -3.16
C SER B 455 17.84 -50.79 -4.60
N ASP B 456 17.00 -50.27 -5.49
CA ASP B 456 17.35 -50.11 -6.90
C ASP B 456 17.20 -48.67 -7.36
N ILE B 457 17.26 -47.71 -6.44
CA ILE B 457 17.08 -46.29 -6.77
C ILE B 457 18.30 -45.79 -7.52
N PRO B 458 18.13 -45.26 -8.73
CA PRO B 458 19.29 -44.79 -9.50
C PRO B 458 19.83 -43.48 -8.94
N ASP B 459 21.08 -43.20 -9.30
CA ASP B 459 21.76 -41.97 -8.89
C ASP B 459 21.57 -40.91 -9.97
N VAL B 460 20.88 -39.82 -9.62
CA VAL B 460 20.67 -38.72 -10.55
C VAL B 460 21.91 -37.86 -10.61
N LYS B 461 21.99 -36.97 -11.60
CA LYS B 461 23.16 -36.14 -11.78
C LYS B 461 22.74 -34.79 -12.35
N ASN B 462 23.74 -33.90 -12.48
CA ASN B 462 23.62 -32.57 -13.11
C ASN B 462 22.66 -31.73 -12.26
N ASP B 463 21.65 -31.09 -12.85
CA ASP B 463 20.77 -30.20 -12.09
C ASP B 463 19.94 -30.97 -11.06
N PHE B 464 19.54 -32.20 -11.40
CA PHE B 464 18.71 -32.98 -10.50
C PHE B 464 19.43 -33.27 -9.19
N ALA B 465 20.70 -33.67 -9.27
CA ALA B 465 21.47 -33.95 -8.07
C ALA B 465 21.67 -32.70 -7.22
N PHE B 466 21.94 -31.56 -7.87
CA PHE B 466 22.13 -30.31 -7.12
C PHE B 466 20.84 -29.88 -6.43
N MET B 467 19.71 -29.98 -7.11
CA MET B 467 18.44 -29.59 -6.50
C MET B 467 18.07 -30.54 -5.37
N LEU B 468 18.37 -31.84 -5.53
CA LEU B 468 18.13 -32.77 -4.43
C LEU B 468 19.05 -32.53 -3.24
N HIS B 469 20.28 -32.09 -3.49
CA HIS B 469 21.17 -31.72 -2.39
C HIS B 469 20.66 -30.47 -1.67
N LEU B 470 20.13 -29.50 -2.42
CA LEU B 470 19.51 -28.34 -1.81
C LEU B 470 18.31 -28.75 -0.96
N ILE B 471 17.52 -29.71 -1.44
CA ILE B 471 16.38 -30.21 -0.68
C ILE B 471 16.86 -30.90 0.60
N ASP B 472 17.94 -31.69 0.49
CA ASP B 472 18.51 -32.34 1.67
C ASP B 472 18.96 -31.33 2.71
N GLN B 473 19.60 -30.25 2.26
CA GLN B 473 19.96 -29.17 3.18
C GLN B 473 18.74 -28.44 3.72
N TYR B 474 17.63 -28.46 2.99
CA TYR B 474 16.39 -27.91 3.52
C TYR B 474 15.70 -28.90 4.45
N ASP B 475 15.29 -30.05 3.91
CA ASP B 475 14.61 -31.09 4.68
C ASP B 475 14.69 -32.42 3.94
N PRO B 476 15.21 -33.48 4.57
CA PRO B 476 15.36 -34.76 3.87
C PRO B 476 14.04 -35.50 3.64
N LEU B 477 12.96 -35.08 4.28
CA LEU B 477 11.68 -35.76 4.10
C LEU B 477 11.18 -35.64 2.67
N TYR B 478 11.36 -34.47 2.05
CA TYR B 478 10.94 -34.29 0.66
C TYR B 478 11.73 -35.21 -0.27
N SER B 479 13.04 -35.34 -0.04
CA SER B 479 13.85 -36.22 -0.87
C SER B 479 13.47 -37.69 -0.67
N LYS B 480 13.22 -38.09 0.58
CA LYS B 480 12.81 -39.47 0.83
C LYS B 480 11.46 -39.76 0.20
N ARG B 481 10.55 -38.79 0.21
CA ARG B 481 9.24 -38.97 -0.42
C ARG B 481 9.37 -39.02 -1.94
N PHE B 482 10.27 -38.22 -2.51
CA PHE B 482 10.46 -38.21 -3.95
C PHE B 482 11.21 -39.44 -4.45
N ALA B 483 11.98 -40.10 -3.57
CA ALA B 483 12.72 -41.28 -3.98
C ALA B 483 11.82 -42.45 -4.36
N VAL B 484 10.53 -42.38 -4.01
CA VAL B 484 9.59 -43.43 -4.42
C VAL B 484 9.43 -43.44 -5.93
N PHE B 485 9.32 -42.27 -6.55
CA PHE B 485 9.05 -42.17 -7.98
C PHE B 485 10.24 -42.54 -8.85
N LEU B 486 11.43 -42.71 -8.27
CA LEU B 486 12.61 -43.07 -9.05
C LEU B 486 12.92 -44.56 -9.02
N SER B 487 12.48 -45.27 -7.99
CA SER B 487 12.72 -46.71 -7.92
C SER B 487 11.83 -47.45 -8.91
N GLU B 488 12.40 -48.48 -9.55
CA GLU B 488 11.63 -49.26 -10.53
C GLU B 488 10.66 -50.21 -9.84
N VAL B 489 10.94 -50.59 -8.59
CA VAL B 489 10.05 -51.50 -7.86
C VAL B 489 8.71 -50.83 -7.61
N SER B 490 8.73 -49.54 -7.26
CA SER B 490 7.48 -48.81 -7.06
C SER B 490 6.67 -48.74 -8.35
N GLU B 491 7.33 -48.51 -9.48
CA GLU B 491 6.63 -48.47 -10.75
C GLU B 491 6.05 -49.83 -11.11
N ASN B 492 6.78 -50.91 -10.81
CA ASN B 492 6.26 -52.25 -11.06
C ASN B 492 5.04 -52.54 -10.19
N LYS B 493 5.08 -52.14 -8.92
CA LYS B 493 3.93 -52.32 -8.05
C LYS B 493 2.73 -51.49 -8.53
N LEU B 494 3.00 -50.28 -9.03
CA LEU B 494 1.94 -49.45 -9.57
C LEU B 494 1.31 -50.08 -10.81
N ARG B 495 2.16 -50.66 -11.68
CA ARG B 495 1.63 -51.37 -12.84
C ARG B 495 0.79 -52.56 -12.42
N GLN B 496 1.23 -53.30 -11.39
CA GLN B 496 0.47 -54.43 -10.90
C GLN B 496 -0.89 -53.98 -10.37
N LEU B 497 -0.92 -52.89 -9.61
CA LEU B 497 -2.19 -52.38 -9.08
C LEU B 497 -3.09 -51.87 -10.20
N ASN B 498 -2.52 -51.22 -11.21
CA ASN B 498 -3.31 -50.76 -12.35
C ASN B 498 -3.92 -51.92 -13.11
N LEU B 499 -3.15 -53.00 -13.30
CA LEU B 499 -3.70 -54.20 -13.92
C LEU B 499 -4.79 -54.82 -13.04
N ASN B 500 -4.58 -54.79 -11.72
CA ASN B 500 -5.56 -55.38 -10.81
C ASN B 500 -6.89 -54.63 -10.86
N ASN B 501 -6.84 -53.30 -10.90
CA ASN B 501 -8.07 -52.51 -10.93
C ASN B 501 -8.58 -52.22 -12.34
N GLU B 502 -7.85 -52.63 -13.38
CA GLU B 502 -8.31 -52.39 -14.73
C GLU B 502 -9.46 -53.31 -15.12
N TRP B 503 -9.37 -54.59 -14.75
CA TRP B 503 -10.41 -55.55 -15.11
C TRP B 503 -11.61 -55.43 -14.17
N PRO C 15 1.33 -11.16 -14.60
CA PRO C 15 0.40 -12.29 -14.74
C PRO C 15 0.96 -13.43 -15.57
N ALA C 16 0.23 -13.84 -16.60
CA ALA C 16 0.66 -14.91 -17.48
C ALA C 16 1.46 -14.43 -18.68
N TYR C 17 1.68 -13.13 -18.81
CA TYR C 17 2.47 -12.60 -19.91
C TYR C 17 3.97 -12.82 -19.73
N ARG C 18 4.41 -13.31 -18.57
CA ARG C 18 5.83 -13.50 -18.31
C ARG C 18 6.47 -14.52 -19.24
N ILE C 19 5.67 -15.43 -19.83
CA ILE C 19 6.21 -16.37 -20.80
C ILE C 19 6.54 -15.69 -22.13
N LEU C 20 5.91 -14.55 -22.43
CA LEU C 20 6.19 -13.85 -23.68
C LEU C 20 7.43 -12.98 -23.60
N LYS C 21 7.94 -12.71 -22.40
CA LYS C 21 9.09 -11.84 -22.23
C LYS C 21 10.36 -12.67 -22.22
N PRO C 22 11.27 -12.49 -23.17
CA PRO C 22 12.55 -13.20 -23.12
C PRO C 22 13.45 -12.66 -22.01
N TRP C 23 14.67 -13.19 -21.90
CA TRP C 23 15.59 -12.71 -20.88
C TRP C 23 16.00 -11.26 -21.13
N TRP C 24 16.16 -10.88 -22.39
CA TRP C 24 16.54 -9.50 -22.69
C TRP C 24 15.43 -8.52 -22.37
N ASP C 25 14.16 -8.93 -22.53
CA ASP C 25 13.06 -8.07 -22.12
C ASP C 25 13.05 -7.86 -20.62
N VAL C 26 13.32 -8.91 -19.85
CA VAL C 26 13.39 -8.77 -18.40
C VAL C 26 14.55 -7.87 -17.99
N PHE C 27 15.69 -8.02 -18.67
CA PHE C 27 16.84 -7.16 -18.39
C PHE C 27 16.53 -5.70 -18.69
N THR C 28 15.86 -5.44 -19.82
CA THR C 28 15.49 -4.07 -20.16
C THR C 28 14.50 -3.51 -19.15
N ASP C 29 13.55 -4.34 -18.69
CA ASP C 29 12.58 -3.87 -17.71
C ASP C 29 13.26 -3.51 -16.39
N TYR C 30 14.21 -4.33 -15.93
CA TYR C 30 14.91 -4.04 -14.69
C TYR C 30 15.82 -2.83 -14.84
N ILE C 31 16.47 -2.68 -15.99
CA ILE C 31 17.30 -1.50 -16.23
C ILE C 31 16.43 -0.24 -16.27
N SER C 32 15.23 -0.34 -16.85
CA SER C 32 14.31 0.79 -16.85
C SER C 32 13.82 1.11 -15.44
N ILE C 33 13.62 0.10 -14.60
CA ILE C 33 13.25 0.34 -13.21
C ILE C 33 14.36 1.09 -12.48
N VAL C 34 15.61 0.67 -12.69
CA VAL C 34 16.74 1.36 -12.05
C VAL C 34 16.87 2.78 -12.58
N MET C 35 16.66 2.97 -13.89
CA MET C 35 16.68 4.31 -14.47
C MET C 35 15.58 5.19 -13.89
N LEU C 36 14.39 4.62 -13.67
CA LEU C 36 13.30 5.36 -13.06
C LEU C 36 13.63 5.75 -11.63
N MET C 37 14.27 4.85 -10.88
CA MET C 37 14.71 5.19 -9.53
C MET C 37 15.72 6.32 -9.55
N ILE C 38 16.66 6.28 -10.50
CA ILE C 38 17.63 7.37 -10.65
C ILE C 38 16.94 8.68 -10.98
N ALA C 39 15.95 8.63 -11.88
CA ALA C 39 15.22 9.84 -12.25
C ALA C 39 14.46 10.41 -11.07
N VAL C 40 13.81 9.55 -10.28
CA VAL C 40 13.07 10.03 -9.11
C VAL C 40 14.02 10.64 -8.09
N PHE C 41 15.16 10.00 -7.84
CA PHE C 41 16.13 10.53 -6.89
C PHE C 41 16.69 11.86 -7.34
N GLY C 42 17.04 11.96 -8.63
CA GLY C 42 17.56 13.21 -9.15
C GLY C 42 16.53 14.34 -9.13
N GLY C 43 15.28 14.01 -9.43
CA GLY C 43 14.24 15.01 -9.37
C GLY C 43 13.97 15.47 -7.96
N THR C 44 14.02 14.55 -7.00
CA THR C 44 13.87 14.93 -5.60
C THR C 44 15.00 15.86 -5.17
N LEU C 45 16.24 15.54 -5.57
CA LEU C 45 17.36 16.44 -5.28
C LEU C 45 17.18 17.80 -5.93
N GLN C 46 16.71 17.82 -7.19
CA GLN C 46 16.53 19.07 -7.91
C GLN C 46 15.49 19.95 -7.24
N VAL C 47 14.37 19.37 -6.83
CA VAL C 47 13.32 20.17 -6.18
C VAL C 47 13.76 20.59 -4.78
N THR C 48 14.45 19.71 -4.05
CA THR C 48 14.73 19.97 -2.64
C THR C 48 15.94 20.87 -2.45
N GLN C 49 17.13 20.41 -2.88
CA GLN C 49 18.37 21.03 -2.46
C GLN C 49 19.25 21.51 -3.62
N ASP C 50 18.65 21.79 -4.78
CA ASP C 50 19.43 22.31 -5.90
C ASP C 50 19.39 23.82 -5.85
N LYS C 51 20.56 24.45 -5.78
CA LYS C 51 20.69 25.89 -5.67
C LYS C 51 22.11 26.29 -6.04
N MET C 52 22.39 27.58 -5.94
CA MET C 52 23.72 28.11 -6.14
C MET C 52 24.09 29.01 -4.97
N ILE C 53 25.38 29.08 -4.67
CA ILE C 53 25.91 29.95 -3.62
C ILE C 53 26.93 30.86 -4.29
N CYS C 54 26.56 32.12 -4.51
CA CYS C 54 27.35 33.04 -5.31
C CYS C 54 28.00 34.09 -4.43
N LEU C 55 29.30 34.30 -4.63
CA LEU C 55 30.04 35.38 -4.01
C LEU C 55 30.59 36.30 -5.09
N PRO C 56 30.35 37.61 -5.00
CA PRO C 56 30.83 38.52 -6.05
C PRO C 56 32.35 38.60 -6.11
N CYS C 57 32.85 38.86 -7.31
CA CYS C 57 34.27 39.02 -7.56
C CYS C 57 34.58 40.50 -7.67
N LYS C 58 35.43 41.01 -6.77
CA LYS C 58 35.76 42.42 -6.73
C LYS C 58 36.93 42.78 -7.64
N TRP C 59 37.55 41.79 -8.28
CA TRP C 59 38.63 42.02 -9.24
C TRP C 59 38.19 41.44 -10.58
N VAL C 60 37.91 42.32 -11.54
CA VAL C 60 37.36 41.92 -12.83
C VAL C 60 38.28 42.36 -13.95
N THR C 61 39.59 42.34 -13.69
CA THR C 61 40.57 42.77 -14.68
C THR C 61 40.52 41.89 -15.93
N LYS C 62 40.41 40.58 -15.75
CA LYS C 62 40.24 39.67 -16.87
C LYS C 62 38.74 39.46 -17.13
N ASP C 63 38.42 38.58 -18.07
CA ASP C 63 37.02 38.31 -18.40
C ASP C 63 36.30 37.63 -17.24
N SER C 64 36.89 36.56 -16.71
CA SER C 64 36.29 35.80 -15.62
C SER C 64 36.77 36.37 -14.29
N CYS C 65 36.50 35.66 -13.19
CA CYS C 65 36.96 36.09 -11.88
C CYS C 65 38.47 36.03 -11.81
N ASN C 66 39.08 37.09 -11.29
CA ASN C 66 40.52 37.21 -11.18
C ASN C 66 40.94 36.87 -9.76
N ASP C 67 41.93 35.99 -9.62
CA ASP C 67 42.41 35.57 -8.30
C ASP C 67 43.55 36.48 -7.86
N SER C 68 43.39 37.06 -6.67
CA SER C 68 44.39 37.97 -6.13
C SER C 68 44.65 37.68 -4.66
N PRO C 186 44.88 38.24 8.84
CA PRO C 186 43.92 38.24 7.73
C PRO C 186 42.51 38.56 8.17
N THR C 187 41.78 39.32 7.35
CA THR C 187 40.41 39.71 7.65
C THR C 187 39.52 39.36 6.48
N GLY C 188 38.25 39.09 6.78
CA GLY C 188 37.32 38.70 5.74
C GLY C 188 36.96 39.86 4.83
N ILE C 189 36.60 39.52 3.60
CA ILE C 189 36.19 40.52 2.62
C ILE C 189 34.75 40.91 2.88
N LYS C 190 34.48 42.22 2.91
CA LYS C 190 33.15 42.75 3.15
C LYS C 190 32.53 43.16 1.83
N TYR C 191 31.36 42.60 1.53
CA TYR C 191 30.65 42.91 0.29
C TYR C 191 29.47 43.85 0.50
N ASP C 192 29.08 44.11 1.74
CA ASP C 192 27.97 45.01 2.08
C ASP C 192 26.66 44.59 1.42
N LEU C 193 26.43 43.29 1.31
CA LEU C 193 25.22 42.76 0.68
C LEU C 193 24.31 42.13 1.71
N ASP C 194 23.02 42.41 1.59
CA ASP C 194 22.03 41.79 2.48
C ASP C 194 21.85 40.32 2.12
N ARG C 195 21.07 39.62 2.95
CA ARG C 195 20.82 38.22 2.67
C ARG C 195 19.92 38.05 1.45
N HIS C 196 18.93 38.93 1.29
CA HIS C 196 18.05 38.84 0.13
C HIS C 196 18.74 39.27 -1.15
N GLN C 197 19.73 40.16 -1.07
CA GLN C 197 20.55 40.44 -2.25
C GLN C 197 21.31 39.20 -2.68
N TYR C 198 21.86 38.46 -1.72
CA TYR C 198 22.52 37.20 -2.03
C TYR C 198 21.54 36.20 -2.63
N ASN C 199 20.33 36.13 -2.09
CA ASN C 199 19.32 35.21 -2.64
C ASN C 199 18.96 35.58 -4.07
N TYR C 200 18.81 36.88 -4.34
CA TYR C 200 18.49 37.33 -5.69
C TYR C 200 19.63 37.02 -6.65
N VAL C 201 20.87 37.24 -6.22
CA VAL C 201 22.02 36.93 -7.07
C VAL C 201 22.08 35.43 -7.36
N ASP C 202 21.84 34.60 -6.34
CA ASP C 202 21.82 33.15 -6.55
C ASP C 202 20.72 32.76 -7.53
N ALA C 203 19.53 33.32 -7.37
CA ALA C 203 18.42 32.97 -8.26
C ALA C 203 18.69 33.39 -9.69
N VAL C 204 19.26 34.59 -9.89
CA VAL C 204 19.50 35.07 -11.24
C VAL C 204 20.61 34.27 -11.91
N CYS C 205 21.71 34.00 -11.19
CA CYS C 205 22.80 33.23 -11.80
C CYS C 205 22.44 31.75 -11.94
N TYR C 206 21.47 31.26 -11.17
CA TYR C 206 20.96 29.91 -11.40
C TYR C 206 20.04 29.85 -12.61
N GLU C 207 19.28 30.92 -12.83
CA GLU C 207 18.37 30.95 -13.97
C GLU C 207 19.12 31.12 -15.29
N ASN C 208 20.07 32.04 -15.33
CA ASN C 208 20.66 32.48 -16.60
C ASN C 208 21.93 31.70 -16.96
N ARG C 209 22.95 31.79 -16.13
CA ARG C 209 24.28 31.31 -16.48
C ARG C 209 24.57 29.92 -15.92
N LEU C 210 23.54 29.08 -15.81
CA LEU C 210 23.71 27.66 -15.52
C LEU C 210 23.18 26.88 -16.70
N HIS C 211 23.96 25.88 -17.16
CA HIS C 211 23.59 25.12 -18.34
C HIS C 211 22.29 24.36 -18.10
N TRP C 212 21.47 24.26 -19.15
CA TRP C 212 20.16 23.62 -19.02
C TRP C 212 20.25 22.14 -18.70
N PHE C 213 21.38 21.50 -19.01
CA PHE C 213 21.51 20.07 -18.71
C PHE C 213 21.56 19.84 -17.21
N ALA C 214 22.37 20.61 -16.48
CA ALA C 214 22.45 20.43 -15.05
C ALA C 214 21.14 20.80 -14.35
N LYS C 215 20.38 21.74 -14.93
CA LYS C 215 19.10 22.12 -14.35
C LYS C 215 18.02 21.09 -14.65
N TYR C 216 18.09 20.44 -15.81
CA TYR C 216 17.00 19.59 -16.29
C TYR C 216 17.47 18.18 -16.62
N PHE C 217 18.53 17.71 -15.96
CA PHE C 217 18.95 16.32 -16.15
C PHE C 217 17.90 15.31 -15.68
N PRO C 218 17.40 15.35 -14.44
CA PRO C 218 16.47 14.29 -14.03
C PRO C 218 15.13 14.34 -14.73
N TYR C 219 14.67 15.52 -15.15
CA TYR C 219 13.42 15.59 -15.91
C TYR C 219 13.57 14.94 -17.28
N LEU C 220 14.69 15.17 -17.95
CA LEU C 220 14.96 14.51 -19.22
C LEU C 220 15.11 13.00 -19.02
N VAL C 221 15.75 12.58 -17.94
CA VAL C 221 15.88 11.15 -17.66
C VAL C 221 14.51 10.52 -17.42
N LEU C 222 13.65 11.21 -16.67
CA LEU C 222 12.30 10.71 -16.42
C LEU C 222 11.50 10.61 -17.70
N LEU C 223 11.60 11.63 -18.57
CA LEU C 223 10.91 11.57 -19.85
C LEU C 223 11.40 10.42 -20.71
N HIS C 224 12.73 10.18 -20.71
CA HIS C 224 13.28 9.08 -21.49
C HIS C 224 12.85 7.73 -20.93
N THR C 225 12.78 7.60 -19.60
CA THR C 225 12.31 6.35 -19.01
C THR C 225 10.84 6.11 -19.33
N LEU C 226 10.02 7.16 -19.31
CA LEU C 226 8.62 7.01 -19.69
C LEU C 226 8.48 6.60 -21.15
N ILE C 227 9.31 7.18 -22.02
CA ILE C 227 9.28 6.79 -23.43
C ILE C 227 9.69 5.33 -23.59
N PHE C 228 10.74 4.90 -22.88
CA PHE C 228 11.19 3.51 -22.97
C PHE C 228 10.13 2.54 -22.44
N LEU C 229 9.47 2.89 -21.34
CA LEU C 229 8.43 2.01 -20.79
C LEU C 229 7.22 1.97 -21.71
N ALA C 230 6.87 3.09 -22.33
CA ALA C 230 5.76 3.10 -23.30
C ALA C 230 6.10 2.26 -24.52
N CYS C 231 7.33 2.35 -25.02
CA CYS C 231 7.70 1.59 -26.21
C CYS C 231 7.81 0.10 -25.91
N SER C 232 8.32 -0.26 -24.73
CA SER C 232 8.48 -1.66 -24.39
C SER C 232 7.13 -2.34 -24.16
N ASN C 233 6.17 -1.62 -23.56
CA ASN C 233 4.86 -2.15 -23.27
C ASN C 233 3.78 -1.60 -24.20
N PHE C 234 4.17 -1.25 -25.43
CA PHE C 234 3.19 -0.70 -26.38
C PHE C 234 2.27 -1.79 -26.91
N TRP C 235 2.82 -2.96 -27.22
CA TRP C 235 2.00 -4.05 -27.76
C TRP C 235 1.10 -4.68 -26.71
N PHE C 236 1.38 -4.47 -25.42
CA PHE C 236 0.51 -4.99 -24.37
C PHE C 236 -0.72 -4.14 -24.15
N LYS C 237 -0.77 -2.92 -24.68
CA LYS C 237 -1.91 -2.04 -24.52
C LYS C 237 -2.62 -1.70 -25.82
N PHE C 238 -1.98 -1.94 -26.97
CA PHE C 238 -2.67 -1.78 -28.24
C PHE C 238 -3.71 -2.88 -28.36
N PRO C 239 -4.99 -2.55 -28.58
CA PRO C 239 -6.05 -3.56 -28.39
C PRO C 239 -5.94 -4.79 -29.27
N ARG C 240 -5.58 -4.63 -30.56
CA ARG C 240 -5.48 -5.78 -31.45
C ARG C 240 -4.38 -6.73 -31.01
N THR C 241 -3.17 -6.20 -30.81
CA THR C 241 -2.05 -7.05 -30.42
C THR C 241 -2.22 -7.59 -29.00
N SER C 242 -2.78 -6.79 -28.10
CA SER C 242 -3.02 -7.27 -26.74
C SER C 242 -4.03 -8.42 -26.74
N SER C 243 -5.10 -8.30 -27.52
CA SER C 243 -6.09 -9.36 -27.61
C SER C 243 -5.48 -10.62 -28.23
N LYS C 244 -4.68 -10.46 -29.29
CA LYS C 244 -4.06 -11.62 -29.92
C LYS C 244 -3.09 -12.31 -28.96
N LEU C 245 -2.30 -11.53 -28.22
CA LEU C 245 -1.35 -12.11 -27.28
C LEU C 245 -2.05 -12.79 -26.12
N GLU C 246 -3.14 -12.19 -25.62
CA GLU C 246 -3.91 -12.83 -24.55
C GLU C 246 -4.52 -14.14 -25.02
N HIS C 247 -5.06 -14.16 -26.24
CA HIS C 247 -5.62 -15.40 -26.79
C HIS C 247 -4.54 -16.47 -26.95
N PHE C 248 -3.36 -16.07 -27.45
CA PHE C 248 -2.26 -17.02 -27.61
C PHE C 248 -1.81 -17.58 -26.27
N VAL C 249 -1.69 -16.72 -25.25
CA VAL C 249 -1.26 -17.17 -23.94
C VAL C 249 -2.29 -18.12 -23.33
N SER C 250 -3.58 -17.79 -23.45
CA SER C 250 -4.62 -18.66 -22.92
C SER C 250 -4.62 -20.02 -23.61
N ILE C 251 -4.47 -20.03 -24.93
CA ILE C 251 -4.47 -21.29 -25.68
C ILE C 251 -3.23 -22.11 -25.32
N LEU C 252 -2.08 -21.47 -25.18
CA LEU C 252 -0.87 -22.20 -24.81
C LEU C 252 -0.98 -22.78 -23.40
N LEU C 253 -1.57 -22.02 -22.47
CA LEU C 253 -1.76 -22.54 -21.12
C LEU C 253 -2.73 -23.71 -21.11
N LYS C 254 -3.79 -23.64 -21.93
CA LYS C 254 -4.71 -24.76 -22.03
C LYS C 254 -4.04 -25.99 -22.62
N CYS C 255 -3.20 -25.80 -23.65
CA CYS C 255 -2.56 -26.94 -24.30
C CYS C 255 -1.46 -27.54 -23.45
N PHE C 256 -0.78 -26.73 -22.63
CA PHE C 256 0.33 -27.24 -21.84
C PHE C 256 -0.14 -28.14 -20.71
N ASP C 257 -1.33 -27.89 -20.17
CA ASP C 257 -1.88 -28.70 -19.10
C ASP C 257 -2.79 -29.81 -19.61
N SER C 258 -2.89 -29.99 -20.92
CA SER C 258 -3.75 -31.02 -21.48
C SER C 258 -3.11 -32.39 -21.32
N PRO C 259 -3.78 -33.36 -20.71
CA PRO C 259 -3.21 -34.71 -20.62
C PRO C 259 -3.06 -35.41 -21.96
N TRP C 260 -3.78 -34.94 -22.99
CA TRP C 260 -3.65 -35.54 -24.33
C TRP C 260 -2.24 -35.36 -24.88
N THR C 261 -1.63 -34.19 -24.64
CA THR C 261 -0.26 -33.97 -25.07
C THR C 261 0.71 -34.91 -24.36
N THR C 262 0.50 -35.11 -23.06
CA THR C 262 1.36 -36.03 -22.31
C THR C 262 1.20 -37.45 -22.81
N ARG C 263 -0.02 -37.85 -23.14
CA ARG C 263 -0.24 -39.20 -23.66
C ARG C 263 0.37 -39.36 -25.06
N ALA C 264 0.29 -38.31 -25.88
CA ALA C 264 0.85 -38.38 -27.23
C ALA C 264 2.37 -38.41 -27.21
N LEU C 265 3.00 -37.63 -26.32
CA LEU C 265 4.45 -37.62 -26.26
C LEU C 265 5.00 -38.90 -25.62
N SER C 266 4.17 -39.61 -24.87
CA SER C 266 4.59 -40.86 -24.25
C SER C 266 4.32 -42.06 -25.16
N LEU C 324 -7.75 -42.88 -19.90
CA LEU C 324 -8.40 -42.10 -20.94
C LEU C 324 -9.90 -42.03 -20.72
N ASP C 325 -10.46 -40.82 -20.76
CA ASP C 325 -11.87 -40.59 -20.56
C ASP C 325 -12.45 -39.86 -21.77
N LYS C 326 -13.73 -40.12 -22.05
CA LYS C 326 -14.37 -39.50 -23.21
C LYS C 326 -14.56 -38.00 -23.02
N LYS C 327 -14.71 -37.55 -21.78
CA LYS C 327 -14.76 -36.11 -21.52
C LYS C 327 -13.42 -35.45 -21.85
N GLU C 328 -12.31 -36.13 -21.53
CA GLU C 328 -11.00 -35.64 -21.93
C GLU C 328 -10.88 -35.62 -23.45
N GLY C 329 -11.46 -36.62 -24.12
CA GLY C 329 -11.42 -36.64 -25.58
C GLY C 329 -12.17 -35.50 -26.21
N GLU C 330 -13.38 -35.20 -25.70
CA GLU C 330 -14.13 -34.08 -26.27
C GLU C 330 -13.50 -32.74 -25.89
N GLN C 331 -12.88 -32.63 -24.72
CA GLN C 331 -12.12 -31.43 -24.38
C GLN C 331 -10.95 -31.24 -25.34
N ALA C 332 -10.25 -32.33 -25.66
CA ALA C 332 -9.15 -32.25 -26.62
C ALA C 332 -9.65 -31.89 -28.01
N LYS C 333 -10.81 -32.41 -28.41
CA LYS C 333 -11.40 -32.03 -29.69
C LYS C 333 -11.75 -30.55 -29.74
N ALA C 334 -12.35 -30.04 -28.65
CA ALA C 334 -12.68 -28.62 -28.60
C ALA C 334 -11.43 -27.75 -28.63
N LEU C 335 -10.39 -28.17 -27.91
CA LEU C 335 -9.13 -27.42 -27.92
C LEU C 335 -8.47 -27.46 -29.29
N PHE C 336 -8.57 -28.61 -29.99
CA PHE C 336 -8.04 -28.71 -31.34
C PHE C 336 -8.78 -27.78 -32.30
N GLU C 337 -10.11 -27.71 -32.17
CA GLU C 337 -10.89 -26.80 -33.00
C GLU C 337 -10.53 -25.34 -32.70
N LYS C 338 -10.35 -25.01 -31.42
CA LYS C 338 -9.95 -23.64 -31.06
C LYS C 338 -8.56 -23.32 -31.61
N VAL C 339 -7.65 -24.30 -31.58
CA VAL C 339 -6.31 -24.09 -32.13
C VAL C 339 -6.38 -23.86 -33.63
N LYS C 340 -7.24 -24.62 -34.33
CA LYS C 340 -7.41 -24.42 -35.76
C LYS C 340 -7.98 -23.05 -36.08
N LYS C 341 -8.97 -22.60 -35.29
CA LYS C 341 -9.54 -21.26 -35.49
C LYS C 341 -8.49 -20.18 -35.23
N PHE C 342 -7.70 -20.35 -34.17
CA PHE C 342 -6.64 -19.39 -33.88
C PHE C 342 -5.60 -19.35 -34.99
N ARG C 343 -5.24 -20.52 -35.53
CA ARG C 343 -4.26 -20.57 -36.61
C ARG C 343 -4.80 -19.89 -37.87
N THR C 344 -6.06 -20.13 -38.21
CA THR C 344 -6.61 -19.50 -39.41
C THR C 344 -6.96 -18.03 -39.19
N HIS C 345 -7.01 -17.56 -37.94
CA HIS C 345 -7.20 -16.15 -37.66
C HIS C 345 -5.90 -15.36 -37.61
N VAL C 346 -4.84 -15.96 -37.07
CA VAL C 346 -3.60 -15.23 -36.80
C VAL C 346 -2.65 -15.27 -38.00
N GLU C 347 -2.61 -16.38 -38.73
CA GLU C 347 -1.67 -16.52 -39.84
C GLU C 347 -1.91 -15.49 -40.93
N GLU C 348 -3.14 -14.99 -41.06
CA GLU C 348 -3.41 -13.94 -42.03
C GLU C 348 -2.73 -12.63 -41.64
N GLY C 349 -2.88 -12.21 -40.39
CA GLY C 349 -2.34 -10.94 -39.96
C GLY C 349 -0.88 -11.04 -39.56
N ASP C 350 -0.15 -9.93 -39.76
CA ASP C 350 1.25 -9.82 -39.42
C ASP C 350 1.53 -8.52 -38.69
N ILE C 351 0.71 -8.21 -37.68
CA ILE C 351 0.83 -6.92 -37.01
C ILE C 351 1.66 -7.01 -35.74
N VAL C 352 1.73 -8.18 -35.10
CA VAL C 352 2.50 -8.32 -33.87
C VAL C 352 4.00 -8.19 -34.15
N TYR C 353 4.48 -8.90 -35.18
CA TYR C 353 5.89 -8.82 -35.53
C TYR C 353 6.26 -7.42 -36.01
N ARG C 354 5.39 -6.81 -36.81
CA ARG C 354 5.64 -5.44 -37.26
C ARG C 354 5.70 -4.46 -36.09
N LEU C 355 4.77 -4.60 -35.15
CA LEU C 355 4.75 -3.71 -34.00
C LEU C 355 5.99 -3.90 -33.12
N TYR C 356 6.41 -5.15 -32.92
CA TYR C 356 7.61 -5.41 -32.13
C TYR C 356 8.85 -4.85 -32.82
N MET C 357 8.95 -5.01 -34.14
CA MET C 357 10.07 -4.45 -34.87
C MET C 357 10.09 -2.94 -34.79
N ARG C 358 8.92 -2.29 -34.91
CA ARG C 358 8.86 -0.84 -34.80
C ARG C 358 9.24 -0.37 -33.42
N GLN C 359 8.80 -1.09 -32.37
CA GLN C 359 9.18 -0.75 -31.01
C GLN C 359 10.69 -0.86 -30.81
N THR C 360 11.30 -1.92 -31.34
CA THR C 360 12.74 -2.08 -31.21
C THR C 360 13.49 -0.98 -31.95
N ILE C 361 13.02 -0.62 -33.14
CA ILE C 361 13.69 0.44 -33.91
C ILE C 361 13.57 1.78 -33.19
N ILE C 362 12.39 2.09 -32.66
CA ILE C 362 12.21 3.34 -31.93
C ILE C 362 13.08 3.37 -30.69
N LYS C 363 13.16 2.24 -29.97
CA LYS C 363 13.98 2.19 -28.77
C LYS C 363 15.47 2.37 -29.09
N VAL C 364 15.95 1.75 -30.18
CA VAL C 364 17.37 1.89 -30.50
C VAL C 364 17.67 3.29 -31.01
N ILE C 365 16.74 3.93 -31.73
CA ILE C 365 16.93 5.30 -32.16
C ILE C 365 16.98 6.25 -30.96
N LYS C 366 16.06 6.05 -30.00
CA LYS C 366 16.08 6.85 -28.78
C LYS C 366 17.37 6.63 -27.99
N PHE C 367 17.86 5.39 -27.96
CA PHE C 367 19.14 5.12 -27.29
C PHE C 367 20.28 5.84 -27.97
N ALA C 368 20.30 5.86 -29.31
CA ALA C 368 21.35 6.57 -30.02
C ALA C 368 21.31 8.06 -29.73
N LEU C 369 20.11 8.65 -29.73
CA LEU C 369 19.97 10.07 -29.45
C LEU C 369 20.40 10.39 -28.02
N ILE C 370 20.03 9.54 -27.06
CA ILE C 370 20.43 9.76 -25.67
C ILE C 370 21.94 9.66 -25.53
N ILE C 371 22.52 8.60 -26.09
CA ILE C 371 23.96 8.39 -25.96
C ILE C 371 24.75 9.50 -26.64
N CYS C 372 24.16 10.15 -27.65
CA CYS C 372 24.81 11.32 -28.23
C CYS C 372 24.68 12.54 -27.33
N TYR C 373 23.44 12.95 -27.03
CA TYR C 373 23.24 14.26 -26.42
C TYR C 373 23.62 14.29 -24.95
N THR C 374 23.43 13.18 -24.21
CA THR C 374 23.82 13.17 -22.81
C THR C 374 25.34 13.20 -22.65
N VAL C 375 26.05 12.42 -23.47
CA VAL C 375 27.50 12.41 -23.40
C VAL C 375 28.08 13.75 -23.85
N TYR C 376 27.51 14.34 -24.91
CA TYR C 376 28.03 15.61 -25.39
C TYR C 376 27.80 16.75 -24.39
N TYR C 377 26.76 16.64 -23.56
CA TYR C 377 26.41 17.67 -22.60
C TYR C 377 26.62 17.24 -21.16
N VAL C 378 27.63 16.39 -20.90
CA VAL C 378 27.88 15.91 -19.55
C VAL C 378 29.02 16.67 -18.87
N HIS C 379 29.85 17.39 -19.62
CA HIS C 379 30.96 18.14 -19.04
C HIS C 379 30.54 19.54 -18.58
N ASN C 380 29.31 19.94 -18.84
CA ASN C 380 28.82 21.25 -18.44
C ASN C 380 28.30 21.28 -17.00
N ILE C 381 28.29 20.15 -16.31
CA ILE C 381 27.86 20.12 -14.91
C ILE C 381 29.10 20.41 -14.07
N LYS C 382 29.37 21.69 -13.88
CA LYS C 382 30.54 22.14 -13.15
C LYS C 382 30.14 22.56 -11.74
N PHE C 383 31.02 22.29 -10.77
CA PHE C 383 30.78 22.73 -9.40
C PHE C 383 30.83 24.25 -9.30
N ASP C 384 31.88 24.87 -9.83
CA ASP C 384 32.07 26.30 -9.75
C ASP C 384 31.78 26.92 -11.11
N VAL C 385 30.82 27.86 -11.14
CA VAL C 385 30.37 28.50 -12.36
C VAL C 385 30.54 30.00 -12.21
N ASP C 386 31.15 30.63 -13.19
CA ASP C 386 31.32 32.09 -13.22
C ASP C 386 30.16 32.69 -14.02
N CYS C 387 29.41 33.59 -13.40
CA CYS C 387 28.26 34.20 -14.06
C CYS C 387 28.45 35.71 -14.18
N THR C 388 27.94 36.26 -15.28
CA THR C 388 27.95 37.70 -15.56
C THR C 388 26.55 38.06 -16.03
N VAL C 389 25.68 38.43 -15.08
CA VAL C 389 24.26 38.60 -15.36
C VAL C 389 23.83 40.07 -15.48
N ASP C 390 24.74 41.01 -15.22
CA ASP C 390 24.48 42.45 -15.35
C ASP C 390 23.30 42.89 -14.47
N ILE C 391 23.50 42.75 -13.16
CA ILE C 391 22.52 43.22 -12.18
C ILE C 391 23.18 44.28 -11.31
N GLU C 392 24.10 45.05 -11.91
CA GLU C 392 24.83 46.07 -11.17
C GLU C 392 23.90 47.14 -10.61
N SER C 393 22.77 47.41 -11.28
CA SER C 393 21.83 48.40 -10.79
C SER C 393 21.10 47.94 -9.54
N LEU C 394 21.15 46.64 -9.21
CA LEU C 394 20.48 46.11 -8.03
C LEU C 394 21.45 45.63 -6.95
N THR C 395 22.67 45.24 -7.32
CA THR C 395 23.65 44.73 -6.37
C THR C 395 24.90 45.59 -6.31
N GLY C 396 25.47 45.94 -7.45
CA GLY C 396 26.69 46.71 -7.51
C GLY C 396 27.88 45.95 -8.07
N TYR C 397 27.75 44.64 -8.28
CA TYR C 397 28.82 43.82 -8.82
C TYR C 397 28.39 43.26 -10.17
N ARG C 398 29.38 43.06 -11.05
CA ARG C 398 29.12 42.56 -12.39
C ARG C 398 29.19 41.04 -12.45
N THR C 399 30.34 40.46 -12.06
CA THR C 399 30.57 39.04 -12.17
C THR C 399 30.55 38.39 -10.79
N TYR C 400 30.05 37.15 -10.74
CA TYR C 400 29.94 36.40 -9.50
C TYR C 400 30.49 35.00 -9.72
N ARG C 401 30.98 34.40 -8.64
CA ARG C 401 31.54 33.05 -8.66
C ARG C 401 30.63 32.15 -7.81
N CYS C 402 29.73 31.43 -8.46
CA CYS C 402 28.77 30.59 -7.79
C CYS C 402 29.30 29.16 -7.65
N ALA C 403 28.80 28.47 -6.63
CA ALA C 403 29.11 27.07 -6.40
C ALA C 403 27.84 26.26 -6.49
N HIS C 404 27.88 25.15 -7.23
CA HIS C 404 26.72 24.28 -7.39
C HIS C 404 26.92 23.05 -6.51
N PRO C 405 26.29 22.98 -5.34
CA PRO C 405 26.57 21.87 -4.41
C PRO C 405 26.23 20.50 -4.96
N LEU C 406 25.19 20.39 -5.79
CA LEU C 406 24.77 19.11 -6.33
C LEU C 406 25.31 18.85 -7.72
N ALA C 407 26.38 19.55 -8.11
CA ALA C 407 26.93 19.34 -9.46
C ALA C 407 27.66 18.01 -9.56
N THR C 408 28.47 17.67 -8.55
CA THR C 408 29.21 16.41 -8.60
C THR C 408 28.28 15.21 -8.44
N LEU C 409 27.27 15.33 -7.58
CA LEU C 409 26.31 14.24 -7.43
C LEU C 409 25.50 14.04 -8.70
N PHE C 410 25.12 15.14 -9.37
CA PHE C 410 24.45 15.02 -10.65
C PHE C 410 25.37 14.45 -11.73
N LYS C 411 26.67 14.76 -11.67
CA LYS C 411 27.60 14.17 -12.62
C LYS C 411 27.73 12.67 -12.40
N ILE C 412 27.76 12.23 -11.15
CA ILE C 412 27.82 10.81 -10.84
C ILE C 412 26.53 10.11 -11.32
N LEU C 413 25.38 10.74 -11.07
CA LEU C 413 24.12 10.19 -11.55
C LEU C 413 24.08 10.14 -13.08
N ALA C 414 24.66 11.15 -13.74
CA ALA C 414 24.71 11.16 -15.20
C ALA C 414 25.61 10.05 -15.72
N SER C 415 26.75 9.81 -15.05
CA SER C 415 27.61 8.71 -15.46
C SER C 415 26.92 7.36 -15.29
N PHE C 416 26.22 7.18 -14.17
CA PHE C 416 25.47 5.94 -13.96
C PHE C 416 24.37 5.78 -15.00
N TYR C 417 23.66 6.87 -15.32
CA TYR C 417 22.62 6.80 -16.34
C TYR C 417 23.19 6.52 -17.72
N ILE C 418 24.36 7.06 -18.03
CA ILE C 418 25.01 6.76 -19.30
C ILE C 418 25.40 5.30 -19.37
N SER C 419 25.92 4.74 -18.28
CA SER C 419 26.25 3.32 -18.24
C SER C 419 25.00 2.46 -18.44
N LEU C 420 23.91 2.82 -17.77
CA LEU C 420 22.65 2.08 -17.94
C LEU C 420 22.12 2.20 -19.36
N VAL C 421 22.24 3.39 -19.96
CA VAL C 421 21.80 3.59 -21.34
C VAL C 421 22.65 2.77 -22.30
N ILE C 422 23.95 2.67 -22.03
CA ILE C 422 24.82 1.85 -22.87
C ILE C 422 24.42 0.38 -22.79
N PHE C 423 24.16 -0.11 -21.57
CA PHE C 423 23.70 -1.49 -21.42
C PHE C 423 22.36 -1.72 -22.12
N TYR C 424 21.43 -0.77 -21.97
CA TYR C 424 20.12 -0.86 -22.59
C TYR C 424 20.24 -0.88 -24.11
N GLY C 425 21.10 -0.03 -24.67
CA GLY C 425 21.29 -0.01 -26.11
C GLY C 425 21.97 -1.26 -26.63
N LEU C 426 22.92 -1.80 -25.86
CA LEU C 426 23.54 -3.07 -26.26
C LEU C 426 22.50 -4.19 -26.30
N ILE C 427 21.62 -4.24 -25.30
CA ILE C 427 20.58 -5.26 -25.28
C ILE C 427 19.60 -5.05 -26.44
N CYS C 428 19.23 -3.79 -26.72
CA CYS C 428 18.31 -3.51 -27.80
C CYS C 428 18.92 -3.85 -29.17
N MET C 429 20.21 -3.57 -29.35
CA MET C 429 20.88 -3.94 -30.58
C MET C 429 21.02 -5.45 -30.71
N TYR C 430 21.23 -6.15 -29.59
CA TYR C 430 21.22 -7.61 -29.62
C TYR C 430 19.85 -8.14 -30.05
N THR C 431 18.77 -7.54 -29.52
CA THR C 431 17.43 -7.95 -29.92
C THR C 431 17.17 -7.68 -31.39
N LEU C 432 17.61 -6.51 -31.88
CA LEU C 432 17.44 -6.19 -33.29
C LEU C 432 18.23 -7.14 -34.18
N TRP C 433 19.45 -7.49 -33.78
CA TRP C 433 20.24 -8.46 -34.54
C TRP C 433 19.59 -9.84 -34.52
N TRP C 434 19.02 -10.23 -33.37
CA TRP C 434 18.34 -11.51 -33.28
C TRP C 434 17.11 -11.54 -34.19
N MET C 435 16.39 -10.42 -34.29
CA MET C 435 15.25 -10.37 -35.19
C MET C 435 15.66 -10.34 -36.65
N LEU C 436 16.77 -9.69 -36.98
CA LEU C 436 17.16 -9.52 -38.38
C LEU C 436 18.07 -10.62 -38.90
N ARG C 437 18.60 -11.50 -38.05
CA ARG C 437 19.51 -12.53 -38.53
C ARG C 437 18.78 -13.66 -39.24
N ARG C 438 17.57 -13.97 -38.82
CA ARG C 438 16.77 -15.02 -39.45
C ARG C 438 15.33 -14.53 -39.57
N SER C 439 14.64 -15.06 -40.58
CA SER C 439 13.25 -14.65 -40.84
C SER C 439 12.36 -15.22 -39.74
N LEU C 440 12.01 -14.38 -38.77
CA LEU C 440 11.16 -14.82 -37.68
C LEU C 440 9.70 -14.97 -38.10
N LYS C 441 9.34 -14.50 -39.31
CA LYS C 441 7.99 -14.68 -39.81
C LYS C 441 7.71 -16.12 -40.26
N LYS C 442 8.72 -16.98 -40.30
CA LYS C 442 8.56 -18.38 -40.65
C LYS C 442 9.15 -19.24 -39.55
N TYR C 443 8.34 -20.15 -39.02
CA TYR C 443 8.75 -21.06 -37.95
C TYR C 443 8.57 -22.50 -38.42
N SER C 444 9.56 -23.34 -38.15
CA SER C 444 9.53 -24.73 -38.57
C SER C 444 9.64 -25.64 -37.36
N PHE C 445 9.04 -26.84 -37.48
CA PHE C 445 9.07 -27.84 -36.42
C PHE C 445 9.94 -29.04 -36.80
N GLU C 446 10.99 -28.82 -37.58
CA GLU C 446 11.77 -29.93 -38.14
C GLU C 446 12.45 -30.74 -37.04
N SER C 447 13.17 -30.06 -36.15
CA SER C 447 13.78 -30.76 -35.02
C SER C 447 12.72 -31.33 -34.09
N ILE C 448 11.61 -30.60 -33.91
CA ILE C 448 10.51 -31.08 -33.08
C ILE C 448 9.87 -32.31 -33.69
N ARG C 449 9.61 -32.29 -34.99
CA ARG C 449 8.97 -33.44 -35.63
C ARG C 449 9.91 -34.63 -35.71
N GLU C 450 11.24 -34.38 -35.76
CA GLU C 450 12.18 -35.49 -35.66
C GLU C 450 12.19 -36.08 -34.25
N GLU C 451 12.10 -35.22 -33.23
CA GLU C 451 12.11 -35.71 -31.85
C GLU C 451 10.77 -36.34 -31.47
N SER C 452 9.66 -35.72 -31.89
CA SER C 452 8.34 -36.19 -31.51
C SER C 452 7.91 -37.37 -32.39
N SER C 453 6.74 -37.91 -32.08
CA SER C 453 6.20 -39.05 -32.81
C SER C 453 5.43 -38.66 -34.07
N TYR C 454 5.26 -37.37 -34.32
CA TYR C 454 4.53 -36.88 -35.49
C TYR C 454 5.50 -36.16 -36.42
N SER C 455 5.44 -36.49 -37.71
CA SER C 455 6.28 -35.88 -38.73
C SER C 455 5.44 -35.20 -39.79
N ASP C 456 4.37 -34.51 -39.36
CA ASP C 456 3.44 -33.86 -40.28
C ASP C 456 3.09 -32.44 -39.87
N ILE C 457 3.76 -31.88 -38.85
CA ILE C 457 3.45 -30.54 -38.38
C ILE C 457 3.94 -29.54 -39.42
N PRO C 458 3.06 -28.71 -39.98
CA PRO C 458 3.48 -27.76 -41.01
C PRO C 458 4.13 -26.52 -40.42
N ASP C 459 4.84 -25.79 -41.28
CA ASP C 459 5.46 -24.54 -40.88
C ASP C 459 4.43 -23.43 -40.86
N VAL C 460 4.48 -22.60 -39.82
CA VAL C 460 3.52 -21.54 -39.62
C VAL C 460 4.12 -20.23 -40.09
N LYS C 461 3.27 -19.20 -40.24
CA LYS C 461 3.68 -17.93 -40.79
C LYS C 461 3.16 -16.77 -39.95
N ASN C 462 3.77 -15.61 -40.16
CA ASN C 462 3.30 -14.30 -39.66
C ASN C 462 3.39 -14.30 -38.13
N ASP C 463 2.37 -13.80 -37.42
CA ASP C 463 2.50 -13.55 -35.98
C ASP C 463 2.62 -14.85 -35.19
N PHE C 464 2.04 -15.94 -35.69
CA PHE C 464 2.16 -17.22 -35.01
C PHE C 464 3.62 -17.66 -34.93
N ALA C 465 4.37 -17.49 -36.01
CA ALA C 465 5.79 -17.83 -36.01
C ALA C 465 6.57 -16.98 -35.01
N PHE C 466 6.28 -15.68 -34.95
CA PHE C 466 6.99 -14.81 -34.02
C PHE C 466 6.68 -15.17 -32.57
N MET C 467 5.41 -15.46 -32.27
CA MET C 467 5.05 -15.85 -30.92
C MET C 467 5.69 -17.18 -30.53
N LEU C 468 5.75 -18.12 -31.47
CA LEU C 468 6.42 -19.39 -31.19
C LEU C 468 7.92 -19.19 -30.98
N HIS C 469 8.52 -18.25 -31.72
CA HIS C 469 9.93 -17.92 -31.49
C HIS C 469 10.14 -17.34 -30.10
N LEU C 470 9.23 -16.46 -29.66
CA LEU C 470 9.32 -15.92 -28.30
C LEU C 470 9.20 -17.01 -27.26
N ILE C 471 8.29 -17.97 -27.48
CA ILE C 471 8.12 -19.08 -26.56
C ILE C 471 9.37 -19.96 -26.53
N ASP C 472 10.00 -20.16 -27.69
CA ASP C 472 11.26 -20.89 -27.74
C ASP C 472 12.34 -20.17 -26.94
N GLN C 473 12.40 -18.84 -27.06
CA GLN C 473 13.34 -18.06 -26.27
C GLN C 473 13.05 -18.17 -24.77
N TYR C 474 11.77 -18.32 -24.40
CA TYR C 474 11.43 -18.52 -23.00
C TYR C 474 11.75 -19.94 -22.56
N ASP C 475 11.11 -20.94 -23.17
CA ASP C 475 11.31 -22.33 -22.83
C ASP C 475 10.89 -23.22 -23.99
N PRO C 476 11.78 -24.05 -24.53
CA PRO C 476 11.38 -24.94 -25.63
C PRO C 476 10.38 -26.02 -25.23
N LEU C 477 10.22 -26.29 -23.93
CA LEU C 477 9.27 -27.31 -23.49
C LEU C 477 7.83 -26.94 -23.85
N TYR C 478 7.49 -25.66 -23.70
CA TYR C 478 6.13 -25.21 -24.02
C TYR C 478 5.80 -25.40 -25.49
N SER C 479 6.73 -25.03 -26.38
CA SER C 479 6.50 -25.21 -27.81
C SER C 479 6.51 -26.68 -28.19
N LYS C 480 7.38 -27.47 -27.55
CA LYS C 480 7.42 -28.91 -27.82
C LYS C 480 6.09 -29.57 -27.45
N ARG C 481 5.51 -29.17 -26.32
CA ARG C 481 4.22 -29.72 -25.93
C ARG C 481 3.08 -29.17 -26.77
N PHE C 482 3.18 -27.91 -27.21
CA PHE C 482 2.13 -27.29 -28.01
C PHE C 482 2.13 -27.77 -29.45
N ALA C 483 3.24 -28.33 -29.94
CA ALA C 483 3.31 -28.81 -31.31
C ALA C 483 2.41 -30.00 -31.58
N VAL C 484 1.87 -30.64 -30.54
CA VAL C 484 0.99 -31.80 -30.72
C VAL C 484 -0.30 -31.39 -31.44
N PHE C 485 -0.88 -30.25 -31.06
CA PHE C 485 -2.17 -29.82 -31.58
C PHE C 485 -2.10 -29.30 -33.01
N LEU C 486 -0.91 -29.18 -33.60
CA LEU C 486 -0.76 -28.66 -34.95
C LEU C 486 -0.57 -29.76 -35.99
N SER C 487 -0.76 -31.02 -35.62
CA SER C 487 -0.55 -32.15 -36.52
C SER C 487 -1.86 -32.87 -36.79
N GLU C 488 -2.09 -33.21 -38.06
CA GLU C 488 -3.30 -33.95 -38.43
C GLU C 488 -3.29 -35.37 -37.89
N VAL C 489 -2.11 -35.99 -37.81
CA VAL C 489 -2.00 -37.35 -37.30
C VAL C 489 -2.44 -37.40 -35.82
N SER C 490 -2.15 -36.33 -35.07
CA SER C 490 -2.61 -36.26 -33.69
C SER C 490 -4.14 -36.24 -33.63
N GLU C 491 -4.78 -35.49 -34.53
CA GLU C 491 -6.25 -35.46 -34.57
C GLU C 491 -6.81 -36.83 -34.96
N ASN C 492 -6.17 -37.50 -35.91
CA ASN C 492 -6.61 -38.83 -36.32
C ASN C 492 -6.51 -39.81 -35.17
N LYS C 493 -5.40 -39.79 -34.43
CA LYS C 493 -5.24 -40.66 -33.28
C LYS C 493 -6.22 -40.31 -32.17
N LEU C 494 -6.51 -39.01 -32.00
CA LEU C 494 -7.47 -38.59 -30.98
C LEU C 494 -8.86 -39.12 -31.29
N ARG C 495 -9.31 -38.99 -32.54
CA ARG C 495 -10.64 -39.50 -32.87
C ARG C 495 -10.67 -41.02 -32.90
N GLN C 496 -9.54 -41.67 -33.24
CA GLN C 496 -9.47 -43.12 -33.14
C GLN C 496 -9.61 -43.58 -31.69
N LEU C 497 -8.95 -42.89 -30.77
CA LEU C 497 -9.09 -43.22 -29.34
C LEU C 497 -10.50 -42.92 -28.84
N ASN C 498 -11.12 -41.86 -29.36
CA ASN C 498 -12.51 -41.56 -29.01
C ASN C 498 -13.45 -42.68 -29.45
N LEU C 499 -13.26 -43.17 -30.67
CA LEU C 499 -14.05 -44.31 -31.15
C LEU C 499 -13.74 -45.57 -30.35
N ASN C 500 -12.48 -45.75 -29.94
CA ASN C 500 -12.10 -46.94 -29.18
C ASN C 500 -12.76 -46.96 -27.81
N ASN C 501 -12.68 -45.85 -27.07
CA ASN C 501 -13.34 -45.81 -25.77
C ASN C 501 -14.85 -45.69 -25.90
N GLU C 502 -15.36 -45.28 -27.05
CA GLU C 502 -16.79 -45.29 -27.29
C GLU C 502 -17.33 -46.72 -27.37
N TRP C 503 -16.57 -47.62 -27.96
CA TRP C 503 -17.00 -49.02 -28.09
C TRP C 503 -15.93 -49.96 -27.56
N PRO D 15 -10.12 -4.59 -16.04
CA PRO D 15 -10.92 -5.81 -15.91
C PRO D 15 -11.59 -6.22 -17.21
N ALA D 16 -12.91 -6.43 -17.16
CA ALA D 16 -13.66 -6.84 -18.34
C ALA D 16 -14.10 -5.68 -19.21
N TYR D 17 -13.83 -4.43 -18.80
CA TYR D 17 -14.22 -3.26 -19.56
C TYR D 17 -13.22 -2.89 -20.63
N ARG D 18 -12.10 -3.61 -20.75
CA ARG D 18 -11.09 -3.30 -21.75
C ARG D 18 -11.61 -3.47 -23.17
N ILE D 19 -12.64 -4.30 -23.37
CA ILE D 19 -13.25 -4.43 -24.68
C ILE D 19 -14.02 -3.16 -25.06
N LEU D 20 -14.42 -2.35 -24.09
CA LEU D 20 -15.13 -1.11 -24.35
C LEU D 20 -14.19 0.07 -24.59
N LYS D 21 -12.87 -0.14 -24.51
CA LYS D 21 -11.90 0.93 -24.71
C LYS D 21 -11.09 0.66 -25.97
N PRO D 22 -11.35 1.35 -27.08
CA PRO D 22 -10.50 1.21 -28.26
C PRO D 22 -9.13 1.84 -28.06
N TRP D 23 -8.30 1.84 -29.12
CA TRP D 23 -6.95 2.37 -28.99
C TRP D 23 -6.95 3.87 -28.68
N TRP D 24 -7.90 4.61 -29.26
CA TRP D 24 -7.97 6.04 -28.96
C TRP D 24 -8.36 6.28 -27.52
N ASP D 25 -9.25 5.45 -26.97
CA ASP D 25 -9.62 5.59 -25.56
C ASP D 25 -8.44 5.32 -24.64
N VAL D 26 -7.66 4.28 -24.94
CA VAL D 26 -6.49 3.96 -24.11
C VAL D 26 -5.45 5.07 -24.22
N PHE D 27 -5.22 5.59 -25.43
CA PHE D 27 -4.26 6.68 -25.59
C PHE D 27 -4.71 7.92 -24.83
N THR D 28 -5.99 8.27 -24.90
CA THR D 28 -6.49 9.41 -24.14
C THR D 28 -6.40 9.19 -22.65
N ASP D 29 -6.64 7.96 -22.19
CA ASP D 29 -6.50 7.65 -20.76
C ASP D 29 -5.06 7.83 -20.30
N TYR D 30 -4.10 7.34 -21.09
CA TYR D 30 -2.69 7.48 -20.70
C TYR D 30 -2.24 8.93 -20.76
N ILE D 31 -2.71 9.68 -21.76
CA ILE D 31 -2.38 11.11 -21.84
C ILE D 31 -2.96 11.85 -20.64
N SER D 32 -4.19 11.50 -20.24
CA SER D 32 -4.80 12.12 -19.07
C SER D 32 -4.03 11.76 -17.80
N ILE D 33 -3.54 10.52 -17.70
CA ILE D 33 -2.74 10.12 -16.54
C ILE D 33 -1.45 10.93 -16.47
N VAL D 34 -0.78 11.09 -17.62
CA VAL D 34 0.46 11.86 -17.64
C VAL D 34 0.20 13.34 -17.31
N MET D 35 -0.90 13.89 -17.84
CA MET D 35 -1.24 15.27 -17.53
C MET D 35 -1.59 15.45 -16.06
N LEU D 36 -2.27 14.46 -15.46
CA LEU D 36 -2.57 14.50 -14.03
C LEU D 36 -1.29 14.45 -13.20
N MET D 37 -0.33 13.61 -13.63
CA MET D 37 0.96 13.56 -12.95
C MET D 37 1.69 14.91 -13.03
N ILE D 38 1.66 15.53 -14.22
CA ILE D 38 2.27 16.85 -14.38
C ILE D 38 1.58 17.88 -13.49
N ALA D 39 0.25 17.82 -13.41
CA ALA D 39 -0.50 18.74 -12.56
C ALA D 39 -0.13 18.55 -11.09
N VAL D 40 -0.02 17.30 -10.64
CA VAL D 40 0.35 17.04 -9.25
C VAL D 40 1.75 17.56 -8.95
N PHE D 41 2.70 17.32 -9.87
CA PHE D 41 4.07 17.81 -9.68
C PHE D 41 4.10 19.34 -9.64
N GLY D 42 3.39 19.99 -10.55
CA GLY D 42 3.36 21.44 -10.56
C GLY D 42 2.69 22.01 -9.34
N GLY D 43 1.64 21.36 -8.85
CA GLY D 43 1.00 21.81 -7.62
C GLY D 43 1.89 21.66 -6.41
N THR D 44 2.64 20.56 -6.34
CA THR D 44 3.61 20.39 -5.26
C THR D 44 4.68 21.47 -5.31
N LEU D 45 5.17 21.80 -6.51
CA LEU D 45 6.14 22.86 -6.65
C LEU D 45 5.56 24.23 -6.26
N GLN D 46 4.31 24.47 -6.65
CA GLN D 46 3.67 25.74 -6.32
C GLN D 46 3.46 25.89 -4.82
N VAL D 47 3.08 24.80 -4.15
CA VAL D 47 2.88 24.87 -2.71
C VAL D 47 4.22 25.02 -1.98
N THR D 48 5.23 24.26 -2.39
CA THR D 48 6.46 24.20 -1.60
C THR D 48 7.52 25.20 -2.09
N GLN D 49 7.94 25.08 -3.34
CA GLN D 49 9.14 25.75 -3.82
C GLN D 49 8.85 27.04 -4.58
N ASP D 50 7.60 27.50 -4.61
CA ASP D 50 7.26 28.72 -5.35
C ASP D 50 7.39 29.92 -4.44
N LYS D 51 8.23 30.88 -4.84
CA LYS D 51 8.44 32.10 -4.08
C LYS D 51 8.80 33.21 -5.07
N MET D 52 9.27 34.34 -4.55
CA MET D 52 9.64 35.47 -5.38
C MET D 52 10.64 36.31 -4.60
N ILE D 53 11.78 36.62 -5.21
CA ILE D 53 12.85 37.35 -4.53
C ILE D 53 12.91 38.76 -5.12
N CYS D 54 12.59 39.76 -4.31
CA CYS D 54 12.47 41.14 -4.77
C CYS D 54 13.56 42.01 -4.20
N LEU D 55 14.14 42.85 -5.06
CA LEU D 55 15.10 43.86 -4.65
C LEU D 55 14.64 45.23 -5.14
N PRO D 56 14.75 46.26 -4.30
CA PRO D 56 14.30 47.59 -4.72
C PRO D 56 15.23 48.22 -5.74
N CYS D 57 14.66 49.14 -6.53
CA CYS D 57 15.41 49.91 -7.51
C CYS D 57 15.51 51.34 -6.98
N LYS D 58 16.73 51.77 -6.64
CA LYS D 58 16.91 53.11 -6.09
C LYS D 58 16.84 54.19 -7.16
N TRP D 59 17.16 53.85 -8.41
CA TRP D 59 17.10 54.79 -9.52
C TRP D 59 15.91 54.41 -10.39
N VAL D 60 14.86 55.23 -10.33
CA VAL D 60 13.62 54.98 -11.08
C VAL D 60 13.41 56.14 -12.03
N THR D 61 13.22 55.83 -13.32
CA THR D 61 12.98 56.82 -14.35
C THR D 61 11.64 56.67 -15.06
N LYS D 62 10.94 55.56 -14.86
CA LYS D 62 9.68 55.31 -15.55
C LYS D 62 8.78 54.49 -14.62
N ASP D 63 7.72 53.91 -15.18
CA ASP D 63 6.84 53.03 -14.41
C ASP D 63 7.60 51.78 -13.97
N SER D 64 8.44 51.24 -14.83
CA SER D 64 9.22 50.06 -14.52
C SER D 64 10.58 50.46 -13.92
N CYS D 65 11.33 49.45 -13.47
CA CYS D 65 12.63 49.68 -12.88
C CYS D 65 13.62 50.14 -13.94
N ASN D 66 14.52 51.05 -13.55
CA ASN D 66 15.54 51.58 -14.43
C ASN D 66 16.89 50.97 -14.07
N ASP D 67 17.58 50.43 -15.07
CA ASP D 67 18.86 49.76 -14.89
C ASP D 67 19.99 50.63 -15.41
N SER D 68 21.08 50.69 -14.65
CA SER D 68 22.24 51.48 -15.02
C SER D 68 23.51 50.62 -14.97
N GLY D 185 37.49 49.70 -6.81
CA GLY D 185 36.75 48.49 -7.09
C GLY D 185 35.26 48.64 -6.85
N PRO D 186 34.47 47.67 -7.32
CA PRO D 186 33.03 47.73 -7.10
C PRO D 186 32.69 47.48 -5.63
N THR D 187 31.53 47.97 -5.23
CA THR D 187 31.04 47.80 -3.87
C THR D 187 29.54 47.55 -3.89
N GLY D 188 29.05 46.88 -2.85
CA GLY D 188 27.65 46.53 -2.81
C GLY D 188 26.76 47.73 -2.53
N ILE D 189 25.49 47.59 -2.92
CA ILE D 189 24.49 48.61 -2.67
C ILE D 189 23.71 48.23 -1.41
N LYS D 190 23.63 49.15 -0.46
CA LYS D 190 22.93 48.92 0.79
C LYS D 190 21.54 49.54 0.72
N TYR D 191 20.53 48.74 1.02
CA TYR D 191 19.14 49.18 0.97
C TYR D 191 18.57 49.54 2.34
N ASP D 192 19.28 49.21 3.42
CA ASP D 192 18.84 49.47 4.80
C ASP D 192 17.47 48.85 5.08
N LEU D 193 17.26 47.64 4.57
CA LEU D 193 16.02 46.90 4.77
C LEU D 193 16.29 45.67 5.62
N ASP D 194 15.38 45.38 6.55
CA ASP D 194 15.52 44.22 7.40
C ASP D 194 15.16 42.95 6.63
N ARG D 195 15.26 41.81 7.32
CA ARG D 195 14.89 40.54 6.71
C ARG D 195 13.39 40.45 6.48
N HIS D 196 12.60 40.80 7.50
CA HIS D 196 11.16 40.71 7.36
C HIS D 196 10.58 41.83 6.52
N GLN D 197 11.28 42.96 6.37
CA GLN D 197 10.88 43.92 5.36
C GLN D 197 11.02 43.34 3.96
N TYR D 198 12.12 42.60 3.72
CA TYR D 198 12.29 41.90 2.46
C TYR D 198 11.20 40.85 2.27
N ASN D 199 10.86 40.11 3.33
CA ASN D 199 9.80 39.12 3.23
C ASN D 199 8.45 39.76 2.92
N TYR D 200 8.17 40.92 3.55
CA TYR D 200 6.94 41.64 3.27
C TYR D 200 6.88 42.11 1.83
N VAL D 201 7.99 42.66 1.31
CA VAL D 201 8.04 43.08 -0.08
C VAL D 201 7.83 41.90 -1.01
N ASP D 202 8.47 40.76 -0.71
CA ASP D 202 8.32 39.57 -1.53
C ASP D 202 6.88 39.09 -1.55
N ALA D 203 6.24 39.02 -0.38
CA ALA D 203 4.87 38.53 -0.31
C ALA D 203 3.91 39.46 -1.03
N VAL D 204 4.07 40.78 -0.84
CA VAL D 204 3.15 41.72 -1.46
C VAL D 204 3.32 41.72 -2.98
N CYS D 205 4.56 41.74 -3.47
CA CYS D 205 4.77 41.72 -4.91
C CYS D 205 4.45 40.36 -5.52
N TYR D 206 4.45 39.29 -4.73
CA TYR D 206 4.02 38.00 -5.23
C TYR D 206 2.50 37.90 -5.34
N GLU D 207 1.78 38.51 -4.40
CA GLU D 207 0.33 38.40 -4.42
C GLU D 207 -0.32 39.47 -5.28
N ASN D 208 0.33 40.62 -5.46
CA ASN D 208 -0.29 41.73 -6.19
C ASN D 208 0.11 41.77 -7.67
N ARG D 209 1.41 41.88 -7.95
CA ARG D 209 1.88 42.17 -9.29
C ARG D 209 2.47 40.94 -10.00
N LEU D 210 2.06 39.74 -9.62
CA LEU D 210 2.39 38.54 -10.37
C LEU D 210 1.16 38.08 -11.13
N HIS D 211 1.35 37.69 -12.39
CA HIS D 211 0.22 37.32 -13.24
C HIS D 211 -0.49 36.09 -12.69
N TRP D 212 -1.81 36.06 -12.89
CA TRP D 212 -2.63 35.00 -12.30
C TRP D 212 -2.32 33.64 -12.92
N PHE D 213 -1.85 33.61 -14.16
CA PHE D 213 -1.58 32.32 -14.80
C PHE D 213 -0.36 31.65 -14.19
N ALA D 214 0.65 32.43 -13.79
CA ALA D 214 1.83 31.85 -13.17
C ALA D 214 1.49 31.25 -11.80
N LYS D 215 0.62 31.91 -11.04
CA LYS D 215 0.28 31.43 -9.71
C LYS D 215 -0.66 30.23 -9.75
N TYR D 216 -1.59 30.21 -10.70
CA TYR D 216 -2.67 29.22 -10.72
C TYR D 216 -2.59 28.27 -11.92
N PHE D 217 -1.40 28.10 -12.51
CA PHE D 217 -1.26 27.15 -13.61
C PHE D 217 -1.54 25.70 -13.20
N PRO D 218 -0.90 25.13 -12.18
CA PRO D 218 -1.14 23.70 -11.91
C PRO D 218 -2.53 23.41 -11.40
N TYR D 219 -3.18 24.35 -10.73
CA TYR D 219 -4.55 24.13 -10.28
C TYR D 219 -5.51 24.08 -11.45
N LEU D 220 -5.32 24.97 -12.44
CA LEU D 220 -6.13 24.92 -13.66
C LEU D 220 -5.86 23.63 -14.43
N VAL D 221 -4.61 23.19 -14.50
CA VAL D 221 -4.29 21.94 -15.18
C VAL D 221 -4.95 20.76 -14.46
N LEU D 222 -4.92 20.77 -13.13
CA LEU D 222 -5.58 19.71 -12.36
C LEU D 222 -7.09 19.71 -12.60
N LEU D 223 -7.70 20.90 -12.66
CA LEU D 223 -9.12 20.97 -12.95
C LEU D 223 -9.44 20.44 -14.35
N HIS D 224 -8.60 20.76 -15.32
CA HIS D 224 -8.80 20.26 -16.68
C HIS D 224 -8.65 18.74 -16.75
N THR D 225 -7.66 18.18 -16.04
CA THR D 225 -7.49 16.73 -16.02
C THR D 225 -8.67 16.06 -15.33
N LEU D 226 -9.18 16.65 -14.26
CA LEU D 226 -10.36 16.11 -13.60
C LEU D 226 -11.57 16.13 -14.53
N ILE D 227 -11.73 17.22 -15.28
CA ILE D 227 -12.82 17.31 -16.25
C ILE D 227 -12.69 16.23 -17.32
N PHE D 228 -11.47 16.03 -17.82
CA PHE D 228 -11.25 15.00 -18.84
C PHE D 228 -11.53 13.61 -18.31
N LEU D 229 -11.08 13.31 -17.09
CA LEU D 229 -11.34 11.99 -16.51
C LEU D 229 -12.83 11.79 -16.24
N ALA D 230 -13.53 12.84 -15.79
CA ALA D 230 -14.96 12.74 -15.57
C ALA D 230 -15.70 12.50 -16.88
N CYS D 231 -15.29 13.20 -17.95
CA CYS D 231 -15.92 12.98 -19.25
C CYS D 231 -15.60 11.60 -19.82
N SER D 232 -14.45 11.03 -19.45
CA SER D 232 -14.13 9.68 -19.90
C SER D 232 -14.92 8.62 -19.14
N ASN D 233 -15.13 8.82 -17.84
CA ASN D 233 -15.75 7.81 -16.99
C ASN D 233 -17.22 8.08 -16.66
N PHE D 234 -17.82 9.10 -17.25
CA PHE D 234 -19.22 9.42 -16.93
C PHE D 234 -20.16 8.31 -17.37
N TRP D 235 -19.98 7.80 -18.60
CA TRP D 235 -20.85 6.73 -19.07
C TRP D 235 -20.59 5.41 -18.37
N PHE D 236 -19.42 5.26 -17.75
CA PHE D 236 -19.15 4.08 -16.92
C PHE D 236 -19.72 4.23 -15.52
N LYS D 237 -19.89 5.47 -15.05
CA LYS D 237 -20.43 5.70 -13.71
C LYS D 237 -21.92 6.02 -13.70
N PHE D 238 -22.48 6.51 -14.80
CA PHE D 238 -23.90 6.80 -14.85
C PHE D 238 -24.68 5.49 -14.98
N PRO D 239 -25.57 5.17 -14.03
CA PRO D 239 -26.18 3.84 -14.01
C PRO D 239 -26.99 3.48 -15.25
N ARG D 240 -27.67 4.45 -15.87
CA ARG D 240 -28.53 4.15 -17.01
C ARG D 240 -27.74 3.62 -18.20
N THR D 241 -26.47 4.01 -18.31
CA THR D 241 -25.59 3.43 -19.32
C THR D 241 -24.65 2.37 -18.75
N SER D 242 -24.29 2.49 -17.47
CA SER D 242 -23.38 1.52 -16.86
C SER D 242 -24.00 0.13 -16.80
N SER D 243 -25.29 0.04 -16.44
CA SER D 243 -25.95 -1.26 -16.37
C SER D 243 -26.00 -1.91 -17.74
N LYS D 244 -26.37 -1.14 -18.77
CA LYS D 244 -26.42 -1.69 -20.13
C LYS D 244 -25.04 -2.12 -20.60
N LEU D 245 -24.01 -1.32 -20.31
CA LEU D 245 -22.66 -1.67 -20.73
C LEU D 245 -22.16 -2.93 -20.05
N GLU D 246 -22.38 -3.06 -18.74
CA GLU D 246 -21.90 -4.24 -18.03
C GLU D 246 -22.69 -5.48 -18.44
N HIS D 247 -23.98 -5.34 -18.70
CA HIS D 247 -24.76 -6.48 -19.19
C HIS D 247 -24.29 -6.91 -20.57
N PHE D 248 -24.01 -5.94 -21.45
CA PHE D 248 -23.48 -6.27 -22.77
C PHE D 248 -22.12 -6.96 -22.68
N VAL D 249 -21.26 -6.47 -21.78
CA VAL D 249 -19.94 -7.09 -21.61
C VAL D 249 -20.08 -8.53 -21.12
N SER D 250 -20.95 -8.74 -20.13
CA SER D 250 -21.15 -10.09 -19.60
C SER D 250 -21.72 -11.02 -20.66
N ILE D 251 -22.71 -10.55 -21.44
CA ILE D 251 -23.30 -11.39 -22.47
C ILE D 251 -22.29 -11.71 -23.56
N LEU D 252 -21.50 -10.72 -23.98
CA LEU D 252 -20.48 -10.97 -25.00
C LEU D 252 -19.42 -11.94 -24.51
N LEU D 253 -19.00 -11.82 -23.24
CA LEU D 253 -18.02 -12.75 -22.70
C LEU D 253 -18.59 -14.16 -22.61
N LYS D 254 -19.85 -14.30 -22.21
CA LYS D 254 -20.45 -15.63 -22.15
C LYS D 254 -20.63 -16.24 -23.53
N CYS D 255 -20.99 -15.42 -24.53
CA CYS D 255 -21.16 -15.93 -25.88
C CYS D 255 -19.82 -16.28 -26.52
N PHE D 256 -18.76 -15.53 -26.19
CA PHE D 256 -17.45 -15.81 -26.78
C PHE D 256 -16.86 -17.11 -26.22
N ASP D 257 -17.23 -17.49 -25.00
CA ASP D 257 -16.74 -18.71 -24.38
C ASP D 257 -17.71 -19.89 -24.56
N SER D 258 -18.80 -19.70 -25.29
CA SER D 258 -19.77 -20.76 -25.46
C SER D 258 -19.28 -21.76 -26.50
N PRO D 259 -19.23 -23.06 -26.17
CA PRO D 259 -18.84 -24.06 -27.18
C PRO D 259 -19.82 -24.19 -28.32
N TRP D 260 -21.06 -23.75 -28.16
CA TRP D 260 -22.03 -23.81 -29.25
C TRP D 260 -21.61 -22.93 -30.41
N THR D 261 -21.04 -21.75 -30.10
CA THR D 261 -20.53 -20.88 -31.17
C THR D 261 -19.40 -21.55 -31.94
N THR D 262 -18.49 -22.22 -31.23
CA THR D 262 -17.39 -22.92 -31.88
C THR D 262 -17.91 -24.07 -32.74
N ARG D 263 -18.93 -24.78 -32.25
CA ARG D 263 -19.50 -25.88 -33.03
C ARG D 263 -20.21 -25.37 -34.28
N ALA D 264 -20.92 -24.25 -34.16
CA ALA D 264 -21.67 -23.72 -35.30
C ALA D 264 -20.73 -23.10 -36.34
N LEU D 265 -19.68 -22.40 -35.89
CA LEU D 265 -18.78 -21.76 -36.83
C LEU D 265 -17.91 -22.78 -37.56
N SER D 266 -17.69 -23.95 -36.97
CA SER D 266 -16.88 -24.99 -37.59
C SER D 266 -17.69 -25.74 -38.65
N LEU D 324 -23.65 -32.62 -29.34
CA LEU D 324 -23.26 -31.98 -28.09
C LEU D 324 -24.07 -32.52 -26.91
N ASP D 325 -23.61 -32.24 -25.70
CA ASP D 325 -24.30 -32.70 -24.51
C ASP D 325 -25.60 -31.93 -24.31
N LYS D 326 -26.53 -32.54 -23.58
CA LYS D 326 -27.82 -31.91 -23.32
C LYS D 326 -27.67 -30.66 -22.45
N LYS D 327 -26.73 -30.69 -21.50
CA LYS D 327 -26.47 -29.52 -20.67
C LYS D 327 -25.96 -28.36 -21.51
N GLU D 328 -25.03 -28.63 -22.44
CA GLU D 328 -24.55 -27.60 -23.33
C GLU D 328 -25.66 -27.06 -24.22
N GLY D 329 -26.54 -27.94 -24.69
CA GLY D 329 -27.64 -27.49 -25.52
C GLY D 329 -28.63 -26.61 -24.79
N GLU D 330 -28.98 -26.98 -23.55
CA GLU D 330 -29.91 -26.15 -22.79
C GLU D 330 -29.26 -24.84 -22.36
N GLN D 331 -27.96 -24.86 -22.05
CA GLN D 331 -27.27 -23.59 -21.78
C GLN D 331 -27.25 -22.69 -23.00
N ALA D 332 -27.02 -23.27 -24.18
CA ALA D 332 -27.04 -22.48 -25.41
C ALA D 332 -28.43 -21.91 -25.70
N LYS D 333 -29.48 -22.71 -25.43
CA LYS D 333 -30.84 -22.21 -25.63
C LYS D 333 -31.17 -21.08 -24.65
N ALA D 334 -30.76 -21.24 -23.39
CA ALA D 334 -30.99 -20.17 -22.41
C ALA D 334 -30.23 -18.91 -22.78
N LEU D 335 -29.00 -19.05 -23.28
CA LEU D 335 -28.24 -17.90 -23.72
C LEU D 335 -28.84 -17.27 -24.97
N PHE D 336 -29.43 -18.09 -25.85
CA PHE D 336 -30.15 -17.56 -27.02
C PHE D 336 -31.33 -16.71 -26.57
N GLU D 337 -32.11 -17.22 -25.61
CA GLU D 337 -33.25 -16.45 -25.09
C GLU D 337 -32.77 -15.17 -24.40
N LYS D 338 -31.67 -15.25 -23.66
CA LYS D 338 -31.12 -14.06 -23.01
C LYS D 338 -30.67 -13.02 -24.03
N VAL D 339 -30.04 -13.48 -25.13
CA VAL D 339 -29.60 -12.56 -26.18
C VAL D 339 -30.81 -11.92 -26.86
N LYS D 340 -31.87 -12.70 -27.10
CA LYS D 340 -33.07 -12.13 -27.70
C LYS D 340 -33.70 -11.09 -26.78
N LYS D 341 -33.77 -11.37 -25.48
CA LYS D 341 -34.32 -10.40 -24.54
C LYS D 341 -33.45 -9.15 -24.45
N PHE D 342 -32.12 -9.32 -24.47
CA PHE D 342 -31.22 -8.17 -24.44
C PHE D 342 -31.37 -7.32 -25.70
N ARG D 343 -31.54 -7.96 -26.85
CA ARG D 343 -31.74 -7.22 -28.09
C ARG D 343 -33.05 -6.47 -28.08
N THR D 344 -34.13 -7.10 -27.61
CA THR D 344 -35.41 -6.41 -27.57
C THR D 344 -35.50 -5.39 -26.43
N HIS D 345 -34.56 -5.40 -25.49
CA HIS D 345 -34.53 -4.43 -24.40
C HIS D 345 -33.61 -3.25 -24.66
N VAL D 346 -32.49 -3.44 -25.35
CA VAL D 346 -31.48 -2.40 -25.49
C VAL D 346 -31.61 -1.67 -26.83
N GLU D 347 -31.94 -2.39 -27.91
CA GLU D 347 -32.01 -1.78 -29.23
C GLU D 347 -33.09 -0.71 -29.33
N GLU D 348 -34.09 -0.74 -28.44
CA GLU D 348 -35.13 0.29 -28.46
C GLU D 348 -34.62 1.64 -27.98
N GLY D 349 -33.53 1.68 -27.22
CA GLY D 349 -33.01 2.93 -26.71
C GLY D 349 -31.61 3.21 -27.25
N ASP D 350 -31.29 4.50 -27.37
CA ASP D 350 -30.00 4.95 -27.88
C ASP D 350 -29.36 5.95 -26.91
N ILE D 351 -29.54 5.71 -25.61
CA ILE D 351 -29.02 6.64 -24.60
C ILE D 351 -27.50 6.58 -24.55
N VAL D 352 -26.91 5.40 -24.71
CA VAL D 352 -25.47 5.25 -24.61
C VAL D 352 -24.76 5.99 -25.75
N TYR D 353 -25.28 5.86 -26.97
CA TYR D 353 -24.69 6.56 -28.11
C TYR D 353 -24.78 8.07 -27.93
N ARG D 354 -25.92 8.57 -27.47
CA ARG D 354 -26.07 10.00 -27.21
C ARG D 354 -25.10 10.48 -26.15
N LEU D 355 -24.95 9.71 -25.07
CA LEU D 355 -24.05 10.12 -24.00
C LEU D 355 -22.59 10.11 -24.47
N TYR D 356 -22.21 9.11 -25.26
CA TYR D 356 -20.85 9.07 -25.79
C TYR D 356 -20.59 10.24 -26.73
N MET D 357 -21.58 10.58 -27.58
CA MET D 357 -21.43 11.73 -28.46
C MET D 357 -21.30 13.03 -27.67
N ARG D 358 -22.11 13.18 -26.62
CA ARG D 358 -22.00 14.37 -25.78
C ARG D 358 -20.65 14.45 -25.09
N GLN D 359 -20.13 13.31 -24.60
CA GLN D 359 -18.82 13.29 -23.97
C GLN D 359 -17.73 13.69 -24.95
N THR D 360 -17.80 13.17 -26.19
CA THR D 360 -16.80 13.53 -27.19
C THR D 360 -16.87 15.02 -27.53
N ILE D 361 -18.08 15.56 -27.66
CA ILE D 361 -18.23 16.98 -27.97
C ILE D 361 -17.69 17.84 -26.83
N ILE D 362 -17.99 17.47 -25.59
CA ILE D 362 -17.49 18.24 -24.45
C ILE D 362 -15.97 18.17 -24.39
N LYS D 363 -15.40 16.99 -24.64
CA LYS D 363 -13.95 16.84 -24.62
C LYS D 363 -13.28 17.70 -25.70
N VAL D 364 -13.84 17.70 -26.92
CA VAL D 364 -13.19 18.45 -27.99
C VAL D 364 -13.33 19.96 -27.79
N ILE D 365 -14.48 20.42 -27.28
CA ILE D 365 -14.62 21.86 -27.03
C ILE D 365 -13.75 22.28 -25.85
N LYS D 366 -13.59 21.40 -24.85
CA LYS D 366 -12.69 21.71 -23.75
C LYS D 366 -11.24 21.79 -24.23
N PHE D 367 -10.86 20.90 -25.16
CA PHE D 367 -9.54 20.98 -25.75
C PHE D 367 -9.35 22.29 -26.51
N ALA D 368 -10.38 22.72 -27.25
CA ALA D 368 -10.29 23.99 -27.99
C ALA D 368 -10.10 25.16 -27.03
N LEU D 369 -10.88 25.18 -25.95
CA LEU D 369 -10.76 26.27 -24.98
C LEU D 369 -9.39 26.26 -24.30
N ILE D 370 -8.88 25.07 -23.98
CA ILE D 370 -7.57 24.96 -23.34
C ILE D 370 -6.48 25.45 -24.29
N ILE D 371 -6.49 24.96 -25.53
CA ILE D 371 -5.47 25.35 -26.50
C ILE D 371 -5.60 26.80 -26.92
N CYS D 372 -6.73 27.43 -26.65
CA CYS D 372 -6.81 28.89 -26.83
C CYS D 372 -6.21 29.62 -25.63
N TYR D 373 -6.74 29.37 -24.43
CA TYR D 373 -6.42 30.22 -23.29
C TYR D 373 -5.02 29.95 -22.74
N THR D 374 -4.57 28.68 -22.75
CA THR D 374 -3.23 28.39 -22.26
C THR D 374 -2.17 28.96 -23.19
N VAL D 375 -2.39 28.86 -24.50
CA VAL D 375 -1.43 29.42 -25.45
C VAL D 375 -1.43 30.95 -25.38
N TYR D 376 -2.60 31.56 -25.19
CA TYR D 376 -2.67 33.01 -25.08
C TYR D 376 -1.92 33.51 -23.84
N TYR D 377 -2.06 32.82 -22.72
CA TYR D 377 -1.44 33.23 -21.46
C TYR D 377 -0.12 32.52 -21.18
N VAL D 378 0.56 32.04 -22.22
CA VAL D 378 1.84 31.35 -21.99
C VAL D 378 3.00 32.33 -21.93
N HIS D 379 2.83 33.56 -22.43
CA HIS D 379 3.90 34.54 -22.39
C HIS D 379 4.01 35.24 -21.04
N ASN D 380 3.00 35.13 -20.18
CA ASN D 380 3.01 35.78 -18.89
C ASN D 380 3.91 35.09 -17.88
N ILE D 381 4.38 33.87 -18.16
CA ILE D 381 5.27 33.16 -17.24
C ILE D 381 6.69 33.59 -17.61
N LYS D 382 7.10 34.71 -17.02
CA LYS D 382 8.43 35.27 -17.22
C LYS D 382 9.19 35.28 -15.91
N PHE D 383 10.50 35.51 -16.00
CA PHE D 383 11.36 35.42 -14.84
C PHE D 383 11.31 36.71 -14.01
N ASP D 384 11.70 37.83 -14.60
CA ASP D 384 11.82 39.09 -13.89
C ASP D 384 10.55 39.93 -14.07
N VAL D 385 9.94 40.32 -12.96
CA VAL D 385 8.70 41.09 -12.95
C VAL D 385 8.92 42.34 -12.11
N ASP D 386 8.49 43.49 -12.61
CA ASP D 386 8.60 44.75 -11.88
C ASP D 386 7.27 45.07 -11.20
N CYS D 387 7.33 45.35 -9.91
CA CYS D 387 6.15 45.65 -9.12
C CYS D 387 6.19 47.06 -8.56
N THR D 388 5.02 47.69 -8.50
CA THR D 388 4.85 49.06 -8.02
C THR D 388 3.75 49.06 -6.95
N VAL D 389 3.86 48.14 -6.00
CA VAL D 389 2.78 47.83 -5.08
C VAL D 389 2.48 48.95 -4.08
N ASP D 390 3.25 50.03 -4.07
CA ASP D 390 2.99 51.21 -3.24
C ASP D 390 2.99 50.87 -1.75
N ILE D 391 4.15 50.44 -1.26
CA ILE D 391 4.32 50.17 0.17
C ILE D 391 5.42 51.06 0.69
N GLU D 392 5.56 52.25 0.11
CA GLU D 392 6.60 53.19 0.52
C GLU D 392 6.43 53.67 1.95
N SER D 393 5.22 53.63 2.49
CA SER D 393 4.98 54.06 3.87
C SER D 393 5.50 53.06 4.89
N LEU D 394 5.93 51.88 4.47
CA LEU D 394 6.46 50.85 5.37
C LEU D 394 7.92 50.55 5.10
N THR D 395 8.30 50.34 3.84
CA THR D 395 9.66 49.98 3.49
C THR D 395 10.49 51.17 3.01
N GLY D 396 9.90 52.07 2.23
CA GLY D 396 10.57 53.26 1.75
C GLY D 396 10.78 53.31 0.25
N TYR D 397 10.67 52.18 -0.45
CA TYR D 397 10.88 52.11 -1.88
C TYR D 397 9.56 51.94 -2.62
N ARG D 398 9.51 52.44 -3.84
CA ARG D 398 8.30 52.40 -4.66
C ARG D 398 8.27 51.18 -5.57
N THR D 399 9.27 51.04 -6.44
CA THR D 399 9.30 49.98 -7.44
C THR D 399 10.36 48.95 -7.05
N TYR D 400 10.00 47.67 -7.18
CA TYR D 400 10.91 46.57 -6.92
C TYR D 400 10.99 45.68 -8.15
N ARG D 401 12.16 45.06 -8.35
CA ARG D 401 12.34 44.06 -9.37
C ARG D 401 12.43 42.70 -8.70
N CYS D 402 11.57 41.77 -9.11
CA CYS D 402 11.46 40.47 -8.47
C CYS D 402 11.81 39.37 -9.47
N ALA D 403 12.47 38.34 -8.97
CA ALA D 403 12.79 37.14 -9.72
C ALA D 403 11.90 36.00 -9.24
N HIS D 404 11.36 35.24 -10.20
CA HIS D 404 10.51 34.10 -9.93
C HIS D 404 11.32 32.83 -10.16
N PRO D 405 11.74 32.12 -9.10
CA PRO D 405 12.61 30.95 -9.30
C PRO D 405 11.98 29.84 -10.13
N LEU D 406 10.66 29.63 -10.01
CA LEU D 406 9.98 28.58 -10.75
C LEU D 406 9.36 29.05 -12.05
N ALA D 407 9.88 30.14 -12.63
CA ALA D 407 9.32 30.63 -13.89
C ALA D 407 9.65 29.69 -15.04
N THR D 408 10.91 29.28 -15.15
CA THR D 408 11.31 28.44 -16.27
C THR D 408 10.72 27.05 -16.16
N LEU D 409 10.63 26.50 -14.94
CA LEU D 409 10.08 25.17 -14.78
C LEU D 409 8.58 25.17 -15.03
N PHE D 410 7.88 26.23 -14.61
CA PHE D 410 6.46 26.34 -14.93
C PHE D 410 6.24 26.53 -16.43
N LYS D 411 7.15 27.26 -17.10
CA LYS D 411 7.02 27.42 -18.54
C LYS D 411 7.26 26.09 -19.26
N ILE D 412 8.23 25.30 -18.79
CA ILE D 412 8.47 23.99 -19.37
C ILE D 412 7.26 23.07 -19.15
N LEU D 413 6.68 23.09 -17.95
CA LEU D 413 5.48 22.31 -17.69
C LEU D 413 4.31 22.76 -18.55
N ALA D 414 4.18 24.08 -18.75
CA ALA D 414 3.12 24.59 -19.61
C ALA D 414 3.30 24.15 -21.05
N SER D 415 4.53 24.19 -21.55
CA SER D 415 4.78 23.73 -22.92
C SER D 415 4.48 22.25 -23.07
N PHE D 416 4.90 21.44 -22.09
CA PHE D 416 4.64 20.01 -22.14
C PHE D 416 3.14 19.72 -22.06
N TYR D 417 2.42 20.45 -21.21
CA TYR D 417 0.98 20.26 -21.10
C TYR D 417 0.27 20.71 -22.37
N ILE D 418 0.76 21.77 -23.01
CA ILE D 418 0.19 22.20 -24.28
C ILE D 418 0.39 21.13 -25.34
N SER D 419 1.59 20.53 -25.40
CA SER D 419 1.83 19.46 -26.36
C SER D 419 0.94 18.26 -26.10
N LEU D 420 0.80 17.87 -24.83
CA LEU D 420 -0.06 16.74 -24.48
C LEU D 420 -1.52 17.03 -24.81
N VAL D 421 -1.98 18.26 -24.55
CA VAL D 421 -3.36 18.61 -24.87
C VAL D 421 -3.55 18.68 -26.39
N ILE D 422 -2.50 19.02 -27.14
CA ILE D 422 -2.58 19.00 -28.59
C ILE D 422 -2.77 17.56 -29.09
N PHE D 423 -1.99 16.63 -28.54
CA PHE D 423 -2.16 15.23 -28.91
C PHE D 423 -3.54 14.71 -28.50
N TYR D 424 -4.00 15.10 -27.31
CA TYR D 424 -5.33 14.71 -26.84
C TYR D 424 -6.42 15.23 -27.75
N GLY D 425 -6.30 16.49 -28.18
CA GLY D 425 -7.28 17.07 -29.07
C GLY D 425 -7.26 16.44 -30.45
N LEU D 426 -6.07 16.09 -30.95
CA LEU D 426 -6.00 15.41 -32.23
C LEU D 426 -6.66 14.04 -32.17
N ILE D 427 -6.44 13.30 -31.09
CA ILE D 427 -7.09 12.00 -30.93
C ILE D 427 -8.61 12.17 -30.79
N CYS D 428 -9.05 13.19 -30.05
CA CYS D 428 -10.49 13.43 -29.91
C CYS D 428 -11.11 13.85 -31.23
N MET D 429 -10.40 14.66 -32.02
CA MET D 429 -10.88 15.03 -33.35
C MET D 429 -11.00 13.81 -34.25
N TYR D 430 -10.02 12.90 -34.19
CA TYR D 430 -10.13 11.67 -34.96
C TYR D 430 -11.31 10.82 -34.51
N THR D 431 -11.54 10.75 -33.19
CA THR D 431 -12.67 9.98 -32.68
C THR D 431 -14.00 10.58 -33.14
N LEU D 432 -14.13 11.90 -33.10
CA LEU D 432 -15.36 12.55 -33.54
C LEU D 432 -15.55 12.39 -35.04
N TRP D 433 -14.47 12.46 -35.82
CA TRP D 433 -14.55 12.24 -37.26
C TRP D 433 -14.96 10.81 -37.57
N TRP D 434 -14.45 9.84 -36.81
CA TRP D 434 -14.86 8.45 -36.98
C TRP D 434 -16.33 8.27 -36.63
N MET D 435 -16.80 8.94 -35.58
CA MET D 435 -18.20 8.83 -35.18
C MET D 435 -19.13 9.45 -36.22
N LEU D 436 -18.74 10.59 -36.80
CA LEU D 436 -19.59 11.30 -37.75
C LEU D 436 -19.33 10.92 -39.20
N ARG D 437 -18.39 10.01 -39.47
CA ARG D 437 -18.13 9.61 -40.84
C ARG D 437 -19.24 8.71 -41.38
N ARG D 438 -19.70 7.76 -40.56
CA ARG D 438 -20.75 6.83 -40.98
C ARG D 438 -21.72 6.64 -39.83
N SER D 439 -22.94 6.22 -40.17
CA SER D 439 -24.00 6.04 -39.19
C SER D 439 -23.65 4.89 -38.26
N LEU D 440 -23.34 5.21 -37.00
CA LEU D 440 -23.01 4.19 -36.02
C LEU D 440 -24.23 3.53 -35.42
N LYS D 441 -25.44 4.04 -35.70
CA LYS D 441 -26.67 3.45 -35.22
C LYS D 441 -27.28 2.47 -36.20
N LYS D 442 -26.47 1.88 -37.09
CA LYS D 442 -26.96 0.87 -38.02
C LYS D 442 -25.76 -0.02 -38.39
N TYR D 443 -25.72 -1.21 -37.80
CA TYR D 443 -24.63 -2.16 -38.03
C TYR D 443 -25.08 -3.20 -39.04
N SER D 444 -24.23 -3.47 -40.03
CA SER D 444 -24.52 -4.43 -41.08
C SER D 444 -23.61 -5.64 -40.91
N PHE D 445 -24.21 -6.83 -40.93
CA PHE D 445 -23.47 -8.10 -40.85
C PHE D 445 -23.11 -8.64 -42.22
N GLU D 446 -22.94 -7.76 -43.22
CA GLU D 446 -22.73 -8.21 -44.59
C GLU D 446 -21.45 -9.02 -44.73
N SER D 447 -20.36 -8.57 -44.10
CA SER D 447 -19.12 -9.33 -44.14
C SER D 447 -19.27 -10.67 -43.43
N ILE D 448 -19.96 -10.68 -42.29
CA ILE D 448 -20.13 -11.92 -41.54
C ILE D 448 -21.05 -12.88 -42.29
N ARG D 449 -22.16 -12.37 -42.85
CA ARG D 449 -23.08 -13.25 -43.55
C ARG D 449 -22.50 -13.73 -44.88
N GLU D 450 -21.56 -12.97 -45.46
CA GLU D 450 -20.86 -13.46 -46.63
C GLU D 450 -19.82 -14.52 -46.26
N GLU D 451 -19.11 -14.31 -45.15
CA GLU D 451 -18.11 -15.28 -44.72
C GLU D 451 -18.77 -16.56 -44.22
N SER D 452 -19.81 -16.43 -43.41
CA SER D 452 -20.49 -17.59 -42.82
C SER D 452 -21.63 -18.06 -43.71
N SER D 453 -22.16 -19.24 -43.38
CA SER D 453 -23.28 -19.78 -44.13
C SER D 453 -24.59 -19.09 -43.76
N TYR D 454 -24.67 -18.49 -42.58
CA TYR D 454 -25.89 -17.84 -42.12
C TYR D 454 -26.06 -16.51 -42.84
N SER D 455 -27.16 -16.37 -43.58
CA SER D 455 -27.43 -15.15 -44.34
C SER D 455 -28.71 -14.46 -43.86
N ASP D 456 -29.14 -14.74 -42.64
CA ASP D 456 -30.36 -14.16 -42.09
C ASP D 456 -30.12 -13.41 -40.80
N ILE D 457 -28.91 -12.90 -40.59
CA ILE D 457 -28.59 -12.17 -39.36
C ILE D 457 -29.26 -10.80 -39.41
N PRO D 458 -30.07 -10.44 -38.41
CA PRO D 458 -30.75 -9.14 -38.44
C PRO D 458 -29.78 -7.99 -38.18
N ASP D 459 -30.17 -6.81 -38.65
CA ASP D 459 -29.38 -5.60 -38.48
C ASP D 459 -29.89 -4.83 -37.29
N VAL D 460 -29.04 -4.69 -36.27
CA VAL D 460 -29.39 -3.99 -35.05
C VAL D 460 -29.23 -2.48 -35.25
N LYS D 461 -29.75 -1.69 -34.32
CA LYS D 461 -29.67 -0.24 -34.39
C LYS D 461 -29.49 0.32 -32.98
N ASN D 462 -29.38 1.64 -32.91
CA ASN D 462 -29.29 2.41 -31.65
C ASN D 462 -28.02 1.99 -30.91
N ASP D 463 -28.11 1.62 -29.63
CA ASP D 463 -26.89 1.35 -28.85
C ASP D 463 -26.21 0.06 -29.28
N PHE D 464 -26.97 -0.93 -29.74
CA PHE D 464 -26.38 -2.21 -30.11
C PHE D 464 -25.43 -2.08 -31.28
N ALA D 465 -25.81 -1.30 -32.29
CA ALA D 465 -24.94 -1.08 -33.45
C ALA D 465 -23.66 -0.36 -33.04
N PHE D 466 -23.77 0.65 -32.18
CA PHE D 466 -22.59 1.38 -31.72
C PHE D 466 -21.66 0.48 -30.91
N MET D 467 -22.23 -0.35 -30.03
CA MET D 467 -21.40 -1.27 -29.25
C MET D 467 -20.71 -2.30 -30.15
N LEU D 468 -21.43 -2.79 -31.17
CA LEU D 468 -20.81 -3.72 -32.12
C LEU D 468 -19.69 -3.06 -32.90
N HIS D 469 -19.87 -1.79 -33.27
CA HIS D 469 -18.80 -1.06 -33.96
C HIS D 469 -17.59 -0.87 -33.04
N LEU D 470 -17.83 -0.59 -31.75
CA LEU D 470 -16.73 -0.49 -30.80
C LEU D 470 -15.99 -1.82 -30.67
N ILE D 471 -16.73 -2.93 -30.62
CA ILE D 471 -16.11 -4.25 -30.52
C ILE D 471 -15.30 -4.55 -31.78
N ASP D 472 -15.84 -4.20 -32.95
CA ASP D 472 -15.10 -4.40 -34.19
C ASP D 472 -13.83 -3.57 -34.22
N GLN D 473 -13.89 -2.33 -33.71
CA GLN D 473 -12.68 -1.54 -33.56
C GLN D 473 -11.71 -2.15 -32.55
N TYR D 474 -12.21 -2.88 -31.56
CA TYR D 474 -11.34 -3.60 -30.64
C TYR D 474 -10.80 -4.88 -31.29
N ASP D 475 -11.70 -5.79 -31.66
CA ASP D 475 -11.32 -7.05 -32.29
C ASP D 475 -12.53 -7.66 -32.99
N PRO D 476 -12.42 -8.01 -34.28
CA PRO D 476 -13.59 -8.52 -35.00
C PRO D 476 -13.98 -9.94 -34.63
N LEU D 477 -13.11 -10.68 -33.93
CA LEU D 477 -13.42 -12.06 -33.57
C LEU D 477 -14.61 -12.14 -32.62
N TYR D 478 -14.68 -11.22 -31.65
CA TYR D 478 -15.81 -11.21 -30.72
C TYR D 478 -17.13 -10.93 -31.44
N SER D 479 -17.13 -9.97 -32.37
CA SER D 479 -18.34 -9.67 -33.13
C SER D 479 -18.74 -10.85 -34.02
N LYS D 480 -17.76 -11.49 -34.66
CA LYS D 480 -18.08 -12.64 -35.51
C LYS D 480 -18.63 -13.80 -34.68
N ARG D 481 -18.10 -14.01 -33.48
CA ARG D 481 -18.60 -15.09 -32.63
C ARG D 481 -19.98 -14.77 -32.09
N PHE D 482 -20.23 -13.49 -31.76
CA PHE D 482 -21.54 -13.10 -31.25
C PHE D 482 -22.61 -13.05 -32.34
N ALA D 483 -22.21 -12.92 -33.61
CA ALA D 483 -23.18 -12.88 -34.70
C ALA D 483 -23.92 -14.20 -34.88
N VAL D 484 -23.41 -15.29 -34.30
CA VAL D 484 -24.08 -16.58 -34.40
C VAL D 484 -25.40 -16.56 -33.63
N PHE D 485 -25.44 -15.86 -32.50
CA PHE D 485 -26.62 -15.85 -31.64
C PHE D 485 -27.77 -15.02 -32.19
N LEU D 486 -27.60 -14.37 -33.34
CA LEU D 486 -28.67 -13.57 -33.93
C LEU D 486 -29.34 -14.24 -35.13
N SER D 487 -28.62 -15.10 -35.85
CA SER D 487 -29.19 -15.75 -37.03
C SER D 487 -30.22 -16.79 -36.61
N GLU D 488 -31.34 -16.81 -37.34
CA GLU D 488 -32.41 -17.76 -37.03
C GLU D 488 -32.06 -19.17 -37.45
N VAL D 489 -31.18 -19.32 -38.45
CA VAL D 489 -30.75 -20.65 -38.88
C VAL D 489 -29.98 -21.35 -37.76
N SER D 490 -29.13 -20.61 -37.04
CA SER D 490 -28.42 -21.18 -35.91
C SER D 490 -29.39 -21.59 -34.81
N GLU D 491 -30.43 -20.78 -34.58
CA GLU D 491 -31.44 -21.14 -33.58
C GLU D 491 -32.19 -22.40 -33.99
N ASN D 492 -32.52 -22.53 -35.28
CA ASN D 492 -33.20 -23.74 -35.76
C ASN D 492 -32.31 -24.96 -35.60
N LYS D 493 -31.02 -24.83 -35.91
CA LYS D 493 -30.10 -25.94 -35.72
C LYS D 493 -29.96 -26.31 -34.24
N LEU D 494 -29.93 -25.31 -33.37
CA LEU D 494 -29.87 -25.58 -31.94
C LEU D 494 -31.12 -26.29 -31.45
N ARG D 495 -32.29 -25.89 -31.95
CA ARG D 495 -33.53 -26.57 -31.59
C ARG D 495 -33.54 -28.00 -32.11
N GLN D 496 -33.01 -28.22 -33.32
CA GLN D 496 -32.92 -29.58 -33.86
C GLN D 496 -32.01 -30.45 -33.01
N LEU D 497 -30.87 -29.90 -32.58
CA LEU D 497 -29.97 -30.66 -31.72
C LEU D 497 -30.59 -30.94 -30.35
N ASN D 498 -31.35 -29.96 -29.82
CA ASN D 498 -32.04 -30.17 -28.55
C ASN D 498 -33.09 -31.27 -28.67
N LEU D 499 -33.82 -31.30 -29.78
CA LEU D 499 -34.77 -32.39 -30.03
C LEU D 499 -34.05 -33.72 -30.17
N ASN D 500 -32.87 -33.71 -30.82
CA ASN D 500 -32.12 -34.94 -30.99
C ASN D 500 -31.66 -35.51 -29.66
N ASN D 501 -31.14 -34.66 -28.77
CA ASN D 501 -30.69 -35.13 -27.47
C ASN D 501 -31.81 -35.26 -26.44
N GLU D 502 -33.02 -34.79 -26.77
CA GLU D 502 -34.13 -34.89 -25.83
C GLU D 502 -34.68 -36.31 -25.77
N TRP D 503 -34.74 -37.00 -26.90
CA TRP D 503 -35.26 -38.36 -26.94
C TRP D 503 -34.14 -39.38 -26.83
N PRO E 15 -18.49 -4.46 -1.86
CA PRO E 15 -19.63 -5.12 -1.21
C PRO E 15 -20.87 -5.17 -2.10
N THR E 16 -20.71 -4.73 -3.35
CA THR E 16 -21.78 -4.71 -4.35
C THR E 16 -23.00 -3.95 -3.85
N TYR E 17 -22.75 -2.82 -3.20
CA TYR E 17 -23.82 -1.96 -2.71
C TYR E 17 -24.22 -0.87 -3.71
N ARG E 18 -23.59 -0.85 -4.89
CA ARG E 18 -23.92 0.16 -5.88
C ARG E 18 -25.31 -0.01 -6.48
N ILE E 19 -25.90 -1.20 -6.35
CA ILE E 19 -27.27 -1.40 -6.81
C ILE E 19 -28.24 -0.57 -5.96
N LEU E 20 -28.01 -0.51 -4.65
CA LEU E 20 -28.87 0.26 -3.77
C LEU E 20 -28.62 1.76 -3.87
N LYS E 21 -27.53 2.17 -4.53
CA LYS E 21 -27.19 3.58 -4.64
C LYS E 21 -27.62 4.12 -5.99
N PRO E 22 -28.57 5.06 -6.04
CA PRO E 22 -28.96 5.64 -7.34
C PRO E 22 -27.92 6.61 -7.89
N TRP E 23 -28.24 7.28 -8.99
CA TRP E 23 -27.27 8.18 -9.62
C TRP E 23 -26.98 9.39 -8.75
N TRP E 24 -28.00 9.93 -8.07
CA TRP E 24 -27.76 11.07 -7.20
C TRP E 24 -26.92 10.69 -5.99
N ASP E 25 -27.06 9.46 -5.49
CA ASP E 25 -26.21 9.01 -4.39
C ASP E 25 -24.76 8.92 -4.83
N VAL E 26 -24.51 8.42 -6.05
CA VAL E 26 -23.15 8.36 -6.57
C VAL E 26 -22.59 9.76 -6.77
N PHE E 27 -23.40 10.69 -7.28
CA PHE E 27 -22.94 12.07 -7.44
C PHE E 27 -22.62 12.70 -6.10
N MET E 28 -23.45 12.46 -5.08
CA MET E 28 -23.18 12.98 -3.75
C MET E 28 -21.90 12.37 -3.17
N ASP E 29 -21.67 11.09 -3.40
CA ASP E 29 -20.44 10.44 -2.92
C ASP E 29 -19.21 11.05 -3.58
N TYR E 30 -19.27 11.26 -4.90
CA TYR E 30 -18.13 11.84 -5.60
C TYR E 30 -17.89 13.29 -5.20
N LEU E 31 -18.96 14.06 -5.01
CA LEU E 31 -18.80 15.44 -4.53
C LEU E 31 -18.24 15.47 -3.12
N ALA E 32 -18.64 14.52 -2.27
CA ALA E 32 -18.08 14.44 -0.93
C ALA E 32 -16.60 14.09 -0.98
N VAL E 33 -16.20 13.19 -1.89
CA VAL E 33 -14.79 12.85 -2.04
C VAL E 33 -13.99 14.07 -2.50
N VAL E 34 -14.53 14.83 -3.47
CA VAL E 34 -13.84 16.02 -3.96
C VAL E 34 -13.72 17.07 -2.86
N MET E 35 -14.79 17.27 -2.08
CA MET E 35 -14.76 18.22 -0.98
C MET E 35 -13.77 17.78 0.09
N LEU E 36 -13.69 16.48 0.37
CA LEU E 36 -12.71 15.97 1.32
C LEU E 36 -11.29 16.23 0.83
N MET E 37 -11.06 16.03 -0.47
CA MET E 37 -9.73 16.30 -1.03
C MET E 37 -9.39 17.78 -0.91
N VAL E 38 -10.35 18.66 -1.18
CA VAL E 38 -10.13 20.10 -1.07
C VAL E 38 -9.82 20.47 0.38
N ALA E 39 -10.58 19.93 1.32
CA ALA E 39 -10.35 20.23 2.73
C ALA E 39 -8.99 19.73 3.21
N ILE E 40 -8.59 18.53 2.77
CA ILE E 40 -7.29 17.99 3.14
C ILE E 40 -6.17 18.84 2.56
N PHE E 41 -6.31 19.27 1.30
CA PHE E 41 -5.30 20.13 0.70
C PHE E 41 -5.21 21.47 1.41
N ALA E 42 -6.35 22.05 1.77
CA ALA E 42 -6.34 23.32 2.49
C ALA E 42 -5.72 23.18 3.88
N GLY E 43 -6.01 22.08 4.57
CA GLY E 43 -5.39 21.84 5.86
C GLY E 43 -3.89 21.62 5.76
N THR E 44 -3.46 20.93 4.70
CA THR E 44 -2.03 20.74 4.48
C THR E 44 -1.33 22.07 4.21
N MET E 45 -1.97 22.95 3.43
CA MET E 45 -1.43 24.29 3.24
C MET E 45 -1.40 25.07 4.56
N GLN E 46 -2.44 24.92 5.37
CA GLN E 46 -2.48 25.62 6.66
C GLN E 46 -1.38 25.15 7.59
N LEU E 47 -1.05 23.86 7.55
CA LEU E 47 0.06 23.34 8.34
C LEU E 47 1.40 23.51 7.66
N THR E 48 1.43 23.94 6.40
CA THR E 48 2.67 24.00 5.63
C THR E 48 3.27 25.41 5.60
N LYS E 49 2.50 26.39 5.10
CA LYS E 49 3.06 27.73 4.92
C LYS E 49 2.06 28.82 5.28
N ASP E 50 1.15 28.56 6.21
CA ASP E 50 0.21 29.58 6.66
C ASP E 50 0.91 30.47 7.69
N GLN E 51 1.19 31.70 7.30
CA GLN E 51 1.84 32.66 8.19
C GLN E 51 1.52 34.06 7.70
N VAL E 52 1.69 35.03 8.60
CA VAL E 52 1.49 36.42 8.27
C VAL E 52 2.82 37.15 8.40
N VAL E 53 3.01 38.18 7.58
CA VAL E 53 4.20 39.01 7.62
C VAL E 53 3.77 40.42 7.99
N CYS E 54 4.29 40.93 9.10
CA CYS E 54 3.86 42.19 9.68
C CYS E 54 5.01 43.17 9.71
N LEU E 55 4.72 44.43 9.37
CA LEU E 55 5.68 45.50 9.50
C LEU E 55 5.06 46.65 10.29
N PRO E 56 5.83 47.30 11.17
CA PRO E 56 5.27 48.41 11.95
C PRO E 56 4.97 49.61 11.07
N VAL E 57 3.99 50.39 11.51
CA VAL E 57 3.59 51.61 10.81
C VAL E 57 4.48 52.74 11.34
N LEU E 58 5.49 53.11 10.56
CA LEU E 58 6.39 54.16 10.97
C LEU E 58 5.71 55.52 10.88
N PRO E 59 6.04 56.44 11.78
CA PRO E 59 5.43 57.78 11.74
C PRO E 59 5.88 58.56 10.51
N SER E 60 5.02 59.48 10.09
CA SER E 60 5.29 60.30 8.91
C SER E 60 6.43 61.28 9.17
N ASP E 134 17.12 60.91 -3.36
CA ASP E 134 17.52 59.51 -3.36
C ASP E 134 16.75 58.72 -2.30
N PRO E 135 15.94 57.76 -2.75
CA PRO E 135 15.17 56.95 -1.80
C PRO E 135 16.07 56.03 -0.98
N THR E 136 15.61 55.71 0.23
CA THR E 136 16.35 54.81 1.11
C THR E 136 15.36 54.08 1.99
N GLY E 137 15.79 52.94 2.52
CA GLY E 137 14.93 52.13 3.35
C GLY E 137 14.67 52.75 4.70
N ARG E 138 13.60 52.27 5.35
CA ARG E 138 13.22 52.71 6.67
C ARG E 138 13.70 51.70 7.70
N LYS E 139 14.49 52.16 8.66
CA LYS E 139 15.02 51.30 9.70
C LYS E 139 14.05 51.27 10.88
N THR E 140 13.48 50.10 11.14
CA THR E 140 12.51 49.94 12.21
C THR E 140 13.15 49.58 13.55
N ASN E 141 14.45 49.30 13.57
CA ASN E 141 15.20 48.94 14.79
C ASN E 141 14.57 47.76 15.50
N LEU E 142 14.17 46.73 14.75
CA LEU E 142 13.57 45.53 15.29
C LEU E 142 14.42 44.33 14.91
N ASP E 143 14.67 43.45 15.88
CA ASP E 143 15.42 42.23 15.62
C ASP E 143 14.57 41.23 14.85
N PHE E 144 15.21 40.14 14.42
CA PHE E 144 14.49 39.10 13.70
C PHE E 144 13.45 38.41 14.57
N GLN E 145 13.83 38.07 15.81
CA GLN E 145 12.89 37.41 16.70
C GLN E 145 11.80 38.35 17.19
N GLN E 146 12.07 39.66 17.26
CA GLN E 146 10.99 40.61 17.51
C GLN E 146 9.97 40.60 16.38
N TYR E 147 10.45 40.51 15.13
CA TYR E 147 9.55 40.38 13.99
C TYR E 147 8.75 39.09 14.05
N VAL E 148 9.40 37.99 14.44
CA VAL E 148 8.69 36.72 14.57
C VAL E 148 7.63 36.79 15.66
N PHE E 149 7.96 37.45 16.78
CA PHE E 149 6.99 37.64 17.86
C PHE E 149 5.80 38.47 17.39
N ILE E 150 6.06 39.54 16.64
CA ILE E 150 4.97 40.36 16.12
C ILE E 150 4.10 39.55 15.15
N ASN E 151 4.73 38.76 14.28
CA ASN E 151 3.99 37.94 13.33
C ASN E 151 3.09 36.95 14.05
N GLN E 152 3.63 36.27 15.07
CA GLN E 152 2.85 35.28 15.79
C GLN E 152 1.71 35.93 16.57
N MET E 153 1.99 37.06 17.22
CA MET E 153 0.96 37.74 18.00
C MET E 153 -0.17 38.24 17.12
N CYS E 154 0.16 38.81 15.96
CA CYS E 154 -0.89 39.29 15.07
C CYS E 154 -1.59 38.14 14.35
N TYR E 155 -0.91 37.02 14.16
CA TYR E 155 -1.57 35.84 13.60
C TYR E 155 -2.61 35.28 14.56
N HIS E 156 -2.31 35.29 15.85
CA HIS E 156 -3.26 34.76 16.82
C HIS E 156 -4.23 35.79 17.37
N LEU E 157 -4.02 37.08 17.08
CA LEU E 157 -4.96 38.12 17.53
C LEU E 157 -5.62 38.86 16.37
N ALA E 158 -4.84 39.42 15.45
CA ALA E 158 -5.42 40.26 14.41
C ALA E 158 -6.09 39.46 13.31
N LEU E 159 -5.54 38.31 12.96
CA LEU E 159 -6.13 37.49 11.92
C LEU E 159 -7.45 36.89 12.40
N PRO E 160 -8.53 37.01 11.63
CA PRO E 160 -9.82 36.49 12.09
C PRO E 160 -9.82 34.96 12.12
N TRP E 161 -10.80 34.42 12.85
CA TRP E 161 -10.86 32.97 13.05
C TRP E 161 -11.20 32.23 11.77
N TYR E 162 -12.04 32.81 10.92
CA TYR E 162 -12.42 32.14 9.68
C TYR E 162 -11.29 32.12 8.67
N SER E 163 -10.29 33.00 8.81
CA SER E 163 -9.15 33.02 7.90
C SER E 163 -8.09 32.00 8.26
N LYS E 164 -8.20 31.34 9.43
CA LYS E 164 -7.21 30.36 9.84
C LYS E 164 -7.82 29.03 10.29
N TYR E 165 -9.13 28.94 10.47
CA TYR E 165 -9.78 27.70 10.85
C TYR E 165 -10.74 27.19 9.79
N PHE E 166 -10.74 27.79 8.60
CA PHE E 166 -11.62 27.32 7.52
C PHE E 166 -11.33 25.90 7.06
N PRO E 167 -10.08 25.46 6.82
CA PRO E 167 -9.88 24.06 6.40
C PRO E 167 -10.34 23.04 7.42
N TYR E 168 -10.20 23.32 8.71
CA TYR E 168 -10.64 22.36 9.72
C TYR E 168 -12.16 22.25 9.75
N LEU E 169 -12.87 23.38 9.61
CA LEU E 169 -14.32 23.36 9.54
C LEU E 169 -14.79 22.63 8.27
N ALA E 170 -14.09 22.85 7.15
CA ALA E 170 -14.42 22.13 5.93
C ALA E 170 -14.21 20.63 6.09
N LEU E 171 -13.13 20.23 6.76
CA LEU E 171 -12.89 18.82 7.01
C LEU E 171 -13.98 18.22 7.90
N ILE E 172 -14.40 18.97 8.93
CA ILE E 172 -15.49 18.50 9.79
C ILE E 172 -16.78 18.34 8.99
N HIS E 173 -17.07 19.30 8.11
CA HIS E 173 -18.28 19.21 7.29
C HIS E 173 -18.23 18.01 6.35
N THR E 174 -17.08 17.78 5.73
CA THR E 174 -16.94 16.62 4.84
C THR E 174 -17.07 15.31 5.60
N ILE E 175 -16.51 15.25 6.81
CA ILE E 175 -16.63 14.04 7.63
C ILE E 175 -18.08 13.80 8.01
N ILE E 176 -18.80 14.86 8.38
CA ILE E 176 -20.21 14.74 8.75
C ILE E 176 -21.03 14.25 7.56
N LEU E 177 -20.78 14.82 6.37
CA LEU E 177 -21.50 14.41 5.17
C LEU E 177 -21.19 12.96 4.80
N MET E 178 -19.93 12.55 4.92
CA MET E 178 -19.56 11.17 4.62
C MET E 178 -20.19 10.19 5.60
N VAL E 179 -20.23 10.55 6.89
CA VAL E 179 -20.87 9.69 7.88
C VAL E 179 -22.36 9.58 7.62
N SER E 180 -23.02 10.71 7.29
CA SER E 180 -24.43 10.67 6.98
C SER E 180 -24.73 9.86 5.73
N SER E 181 -23.85 9.93 4.72
CA SER E 181 -24.05 9.16 3.50
C SER E 181 -23.94 7.67 3.77
N ASN E 182 -23.02 7.26 4.65
CA ASN E 182 -22.78 5.86 4.95
C ASN E 182 -23.56 5.38 6.17
N PHE E 183 -24.42 6.22 6.75
CA PHE E 183 -25.10 5.84 7.98
C PHE E 183 -26.23 4.85 7.73
N TRP E 184 -26.87 4.92 6.56
CA TRP E 184 -28.06 4.10 6.33
C TRP E 184 -27.75 2.65 6.04
N PHE E 185 -26.48 2.29 5.83
CA PHE E 185 -26.10 0.89 5.67
C PHE E 185 -24.99 0.48 6.63
N LYS E 186 -24.83 1.21 7.74
CA LYS E 186 -23.84 0.86 8.75
C LYS E 186 -24.43 0.44 10.09
N TYR E 187 -25.67 0.83 10.37
CA TYR E 187 -26.34 0.34 11.57
C TYR E 187 -26.60 -1.16 11.42
N PRO E 188 -26.30 -1.97 12.45
CA PRO E 188 -26.32 -3.44 12.27
C PRO E 188 -27.67 -4.00 11.84
N LYS E 189 -28.78 -3.46 12.35
CA LYS E 189 -30.09 -3.92 11.91
C LYS E 189 -30.33 -3.59 10.45
N THR E 190 -30.11 -2.33 10.07
CA THR E 190 -30.29 -1.93 8.68
C THR E 190 -29.26 -2.58 7.78
N CYS E 191 -28.03 -2.77 8.26
CA CYS E 191 -27.02 -3.46 7.46
C CYS E 191 -27.42 -4.90 7.19
N SER E 192 -27.94 -5.60 8.22
CA SER E 192 -28.41 -6.97 8.01
C SER E 192 -29.59 -7.00 7.04
N LYS E 193 -30.51 -6.04 7.17
CA LYS E 193 -31.67 -6.01 6.28
C LYS E 193 -31.25 -5.79 4.83
N VAL E 194 -30.36 -4.82 4.59
CA VAL E 194 -29.95 -4.55 3.21
C VAL E 194 -29.08 -5.67 2.67
N GLU E 195 -28.29 -6.34 3.53
CA GLU E 195 -27.50 -7.48 3.07
C GLU E 195 -28.40 -8.64 2.66
N HIS E 196 -29.44 -8.93 3.45
CA HIS E 196 -30.39 -9.96 3.07
C HIS E 196 -31.13 -9.59 1.80
N PHE E 197 -31.50 -8.31 1.65
CA PHE E 197 -32.17 -7.86 0.44
C PHE E 197 -31.28 -8.02 -0.79
N VAL E 198 -30.00 -7.66 -0.66
CA VAL E 198 -29.07 -7.80 -1.78
C VAL E 198 -28.88 -9.27 -2.12
N SER E 199 -28.77 -10.13 -1.11
CA SER E 199 -28.59 -11.56 -1.34
C SER E 199 -29.78 -12.16 -2.08
N ILE E 200 -30.99 -11.85 -1.62
CA ILE E 200 -32.17 -12.44 -2.27
C ILE E 200 -32.38 -11.82 -3.65
N LEU E 201 -32.03 -10.55 -3.84
CA LEU E 201 -32.16 -9.95 -5.16
C LEU E 201 -31.17 -10.56 -6.15
N GLY E 202 -29.94 -10.84 -5.70
CA GLY E 202 -28.99 -11.53 -6.53
C GLY E 202 -29.40 -12.96 -6.83
N LYS E 203 -30.04 -13.63 -5.87
CA LYS E 203 -30.57 -14.97 -6.13
C LYS E 203 -31.68 -14.93 -7.17
N CYS E 204 -32.60 -13.97 -7.05
CA CYS E 204 -33.74 -13.90 -7.97
C CYS E 204 -33.30 -13.47 -9.37
N PHE E 205 -32.31 -12.57 -9.46
CA PHE E 205 -31.83 -12.12 -10.76
C PHE E 205 -31.15 -13.25 -11.52
N GLU E 206 -30.38 -14.07 -10.83
CA GLU E 206 -29.67 -15.18 -11.46
C GLU E 206 -30.48 -16.47 -11.50
N SER E 207 -31.68 -16.47 -10.97
CA SER E 207 -32.51 -17.68 -10.95
C SER E 207 -33.10 -17.92 -12.34
N PRO E 208 -32.89 -19.10 -12.93
CA PRO E 208 -33.53 -19.39 -14.23
C PRO E 208 -35.04 -19.52 -14.16
N TRP E 209 -35.60 -19.69 -12.95
CA TRP E 209 -37.06 -19.82 -12.82
C TRP E 209 -37.78 -18.54 -13.23
N THR E 210 -37.18 -17.38 -12.94
CA THR E 210 -37.77 -16.12 -13.39
C THR E 210 -37.79 -16.04 -14.92
N THR E 211 -36.71 -16.49 -15.57
CA THR E 211 -36.69 -16.51 -17.03
C THR E 211 -37.71 -17.48 -17.58
N LYS E 212 -37.88 -18.63 -16.93
CA LYS E 212 -38.90 -19.59 -17.37
C LYS E 212 -40.30 -19.01 -17.22
N ALA E 213 -40.56 -18.30 -16.13
CA ALA E 213 -41.86 -17.69 -15.92
C ALA E 213 -42.12 -16.59 -16.94
N LEU E 214 -41.10 -15.79 -17.26
CA LEU E 214 -41.28 -14.72 -18.24
C LEU E 214 -41.44 -15.29 -19.66
N SER E 215 -40.81 -16.43 -19.95
CA SER E 215 -40.92 -17.02 -21.28
C SER E 215 -42.32 -17.53 -21.57
N GLU E 216 -42.97 -18.14 -20.57
CA GLU E 216 -44.33 -18.66 -20.75
C GLU E 216 -45.37 -17.62 -20.32
N LEU E 277 -38.83 -28.92 -16.37
CA LEU E 277 -37.55 -28.34 -15.96
C LEU E 277 -36.68 -29.38 -15.27
N ASP E 278 -36.17 -29.04 -14.08
CA ASP E 278 -35.33 -29.92 -13.30
C ASP E 278 -35.81 -29.93 -11.85
N LYS E 279 -35.69 -31.10 -11.22
CA LYS E 279 -36.14 -31.24 -9.83
C LYS E 279 -35.30 -30.41 -8.88
N LYS E 280 -33.97 -30.40 -9.08
CA LYS E 280 -33.10 -29.58 -8.24
C LYS E 280 -33.41 -28.09 -8.43
N ASP E 281 -33.65 -27.68 -9.67
CA ASP E 281 -34.04 -26.29 -9.93
C ASP E 281 -35.37 -25.96 -9.26
N GLY E 282 -36.31 -26.90 -9.29
CA GLY E 282 -37.59 -26.69 -8.62
C GLY E 282 -37.45 -26.55 -7.12
N GLU E 283 -36.61 -27.39 -6.51
CA GLU E 283 -36.37 -27.29 -5.07
C GLU E 283 -35.69 -25.97 -4.71
N GLN E 284 -34.72 -25.54 -5.52
CA GLN E 284 -34.08 -24.25 -5.29
C GLN E 284 -35.07 -23.11 -5.43
N ALA E 285 -35.97 -23.20 -6.42
CA ALA E 285 -36.99 -22.18 -6.60
C ALA E 285 -37.94 -22.13 -5.41
N LYS E 286 -38.32 -23.31 -4.88
CA LYS E 286 -39.18 -23.35 -3.70
C LYS E 286 -38.49 -22.75 -2.49
N ALA E 287 -37.20 -23.05 -2.31
CA ALA E 287 -36.44 -22.46 -1.21
C ALA E 287 -36.34 -20.94 -1.34
N LEU E 288 -36.14 -20.46 -2.57
CA LEU E 288 -36.07 -19.02 -2.78
C LEU E 288 -37.42 -18.36 -2.55
N PHE E 289 -38.52 -19.04 -2.93
CA PHE E 289 -39.86 -18.52 -2.65
C PHE E 289 -40.10 -18.43 -1.14
N GLU E 290 -39.68 -19.46 -0.40
CA GLU E 290 -39.82 -19.43 1.06
C GLU E 290 -38.99 -18.30 1.67
N LYS E 291 -37.78 -18.09 1.17
CA LYS E 291 -36.93 -17.00 1.66
C LYS E 291 -37.57 -15.63 1.35
N VAL E 292 -38.15 -15.49 0.17
CA VAL E 292 -38.80 -14.23 -0.21
C VAL E 292 -40.01 -13.97 0.69
N ARG E 293 -40.81 -15.01 0.96
CA ARG E 293 -41.95 -14.85 1.86
C ARG E 293 -41.51 -14.48 3.27
N LYS E 294 -40.43 -15.12 3.77
CA LYS E 294 -39.93 -14.80 5.09
C LYS E 294 -39.40 -13.38 5.15
N PHE E 295 -38.70 -12.93 4.10
CA PHE E 295 -38.21 -11.55 4.05
C PHE E 295 -39.35 -10.56 4.02
N ARG E 296 -40.41 -10.85 3.26
CA ARG E 296 -41.57 -9.97 3.22
C ARG E 296 -42.26 -9.89 4.57
N ALA E 297 -42.37 -11.02 5.26
CA ALA E 297 -42.97 -11.01 6.60
C ALA E 297 -42.06 -10.33 7.62
N HIS E 298 -40.75 -10.33 7.38
CA HIS E 298 -39.80 -9.81 8.35
C HIS E 298 -39.55 -8.31 8.21
N VAL E 299 -39.68 -7.76 7.01
CA VAL E 299 -39.30 -6.38 6.73
C VAL E 299 -40.51 -5.46 6.70
N GLU E 300 -41.65 -5.92 6.18
CA GLU E 300 -42.81 -5.07 5.99
C GLU E 300 -43.39 -4.56 7.30
N ASP E 301 -43.20 -5.28 8.40
CA ASP E 301 -43.76 -4.84 9.68
C ASP E 301 -43.11 -3.57 10.18
N SER E 302 -41.81 -3.41 9.96
CA SER E 302 -41.06 -2.26 10.45
C SER E 302 -40.91 -1.21 9.36
N ASP E 303 -40.54 0.00 9.78
CA ASP E 303 -40.31 1.14 8.89
C ASP E 303 -39.01 1.83 9.26
N LEU E 304 -37.99 1.06 9.63
CA LEU E 304 -36.74 1.64 10.11
C LEU E 304 -35.92 2.23 8.98
N ILE E 305 -35.84 1.54 7.84
CA ILE E 305 -34.95 1.96 6.76
C ILE E 305 -35.44 3.25 6.11
N TYR E 306 -36.75 3.33 5.85
CA TYR E 306 -37.31 4.54 5.22
C TYR E 306 -37.15 5.74 6.12
N LYS E 307 -37.45 5.59 7.42
CA LYS E 307 -37.29 6.69 8.36
C LYS E 307 -35.83 7.10 8.50
N LEU E 308 -34.91 6.12 8.50
CA LEU E 308 -33.49 6.43 8.58
C LEU E 308 -33.03 7.20 7.35
N TYR E 309 -33.50 6.81 6.17
CA TYR E 309 -33.12 7.53 4.95
C TYR E 309 -33.70 8.94 4.94
N VAL E 310 -34.93 9.11 5.43
CA VAL E 310 -35.53 10.44 5.51
C VAL E 310 -34.74 11.32 6.47
N VAL E 311 -34.35 10.76 7.63
CA VAL E 311 -33.53 11.50 8.58
C VAL E 311 -32.19 11.86 7.96
N GLN E 312 -31.59 10.94 7.20
CA GLN E 312 -30.31 11.21 6.55
C GLN E 312 -30.41 12.36 5.57
N THR E 313 -31.42 12.33 4.68
CA THR E 313 -31.52 13.40 3.69
C THR E 313 -31.94 14.73 4.31
N LEU E 314 -32.75 14.70 5.37
CA LEU E 314 -33.09 15.94 6.08
C LEU E 314 -31.88 16.53 6.77
N ILE E 315 -31.05 15.69 7.38
CA ILE E 315 -29.82 16.16 8.01
C ILE E 315 -28.88 16.75 6.97
N LYS E 316 -28.76 16.09 5.81
CA LYS E 316 -27.91 16.62 4.74
C LYS E 316 -28.41 17.98 4.26
N THR E 317 -29.72 18.11 4.06
CA THR E 317 -30.26 19.39 3.59
C THR E 317 -30.08 20.48 4.62
N ALA E 318 -30.34 20.19 5.90
CA ALA E 318 -30.17 21.19 6.95
C ALA E 318 -28.71 21.60 7.09
N LYS E 319 -27.79 20.63 7.01
CA LYS E 319 -26.37 20.95 7.07
C LYS E 319 -25.94 21.80 5.88
N PHE E 320 -26.45 21.48 4.68
CA PHE E 320 -26.12 22.30 3.52
C PHE E 320 -26.63 23.73 3.69
N ILE E 321 -27.86 23.89 4.19
CA ILE E 321 -28.42 25.23 4.37
C ILE E 321 -27.60 26.01 5.39
N PHE E 322 -27.27 25.38 6.52
CA PHE E 322 -26.50 26.04 7.56
C PHE E 322 -25.10 26.41 7.07
N ILE E 323 -24.45 25.49 6.36
CA ILE E 323 -23.09 25.74 5.87
C ILE E 323 -23.09 26.88 4.86
N LEU E 324 -24.05 26.87 3.93
CA LEU E 324 -24.11 27.94 2.94
C LEU E 324 -24.41 29.29 3.59
N CYS E 325 -25.34 29.32 4.55
CA CYS E 325 -25.69 30.58 5.20
C CYS E 325 -24.52 31.13 6.01
N TYR E 326 -23.82 30.32 6.74
CA TYR E 326 -22.69 30.70 7.57
C TYR E 326 -21.42 30.96 6.76
N THR E 327 -21.36 30.44 5.53
CA THR E 327 -20.20 30.64 4.67
C THR E 327 -20.33 31.88 3.80
N ALA E 328 -21.55 32.21 3.36
CA ALA E 328 -21.75 33.40 2.53
C ALA E 328 -21.43 34.69 3.29
N ASN E 329 -21.41 34.65 4.62
CA ASN E 329 -21.07 35.82 5.42
C ASN E 329 -19.57 36.03 5.54
N PHE E 330 -18.76 35.03 5.16
CA PHE E 330 -17.31 35.08 5.32
C PHE E 330 -16.59 34.90 4.00
N VAL E 331 -17.15 35.45 2.91
CA VAL E 331 -16.53 35.34 1.60
C VAL E 331 -15.62 36.54 1.37
N ASN E 332 -16.21 37.74 1.36
CA ASN E 332 -15.43 38.96 1.17
C ASN E 332 -14.68 39.37 2.42
N ALA E 333 -14.98 38.76 3.57
CA ALA E 333 -14.32 39.12 4.82
C ALA E 333 -12.85 38.72 4.81
N ILE E 334 -12.51 37.62 4.14
CA ILE E 334 -11.11 37.21 4.03
C ILE E 334 -10.38 38.21 3.14
N SER E 335 -9.36 38.86 3.70
CA SER E 335 -8.62 39.89 2.99
C SER E 335 -7.13 39.65 3.12
N PHE E 336 -6.38 40.13 2.13
CA PHE E 336 -4.92 39.96 2.15
C PHE E 336 -4.27 40.84 3.20
N GLU E 337 -4.66 42.11 3.27
CA GLU E 337 -4.08 43.04 4.22
C GLU E 337 -4.87 43.06 5.53
N HIS E 338 -4.17 43.38 6.61
CA HIS E 338 -4.80 43.46 7.93
C HIS E 338 -4.09 44.53 8.74
N VAL E 339 -4.81 45.08 9.72
CA VAL E 339 -4.28 46.06 10.66
C VAL E 339 -4.26 45.41 12.04
N CYS E 340 -3.11 45.46 12.70
CA CYS E 340 -2.90 44.77 13.96
C CYS E 340 -2.58 45.79 15.06
N LYS E 341 -3.26 45.66 16.19
CA LYS E 341 -3.01 46.49 17.37
C LYS E 341 -2.86 45.56 18.57
N PRO E 342 -1.71 44.91 18.71
CA PRO E 342 -1.55 43.85 19.71
C PRO E 342 -1.15 44.32 21.10
N LYS E 343 -0.93 45.62 21.30
CA LYS E 343 -0.56 46.19 22.60
C LYS E 343 0.73 45.57 23.14
N VAL E 344 1.77 45.59 22.31
CA VAL E 344 3.08 45.05 22.70
C VAL E 344 4.12 46.16 22.61
N GLU E 345 3.69 47.40 22.86
CA GLU E 345 4.59 48.55 22.75
C GLU E 345 5.71 48.50 23.79
N HIS E 346 5.52 47.78 24.89
CA HIS E 346 6.55 47.66 25.90
C HIS E 346 7.65 46.66 25.53
N LEU E 347 7.42 45.82 24.53
CA LEU E 347 8.40 44.82 24.11
C LEU E 347 9.15 45.24 22.85
N THR E 348 8.50 45.90 21.91
CA THR E 348 9.12 46.32 20.65
C THR E 348 9.20 47.82 20.49
N GLY E 349 8.14 48.55 20.81
CA GLY E 349 8.11 50.00 20.69
C GLY E 349 7.11 50.53 19.69
N TYR E 350 6.41 49.68 18.95
CA TYR E 350 5.42 50.11 17.98
C TYR E 350 4.03 49.64 18.40
N GLU E 351 3.04 50.48 18.16
CA GLU E 351 1.66 50.21 18.56
C GLU E 351 0.83 49.60 17.44
N VAL E 352 0.95 50.10 16.22
CA VAL E 352 0.11 49.68 15.10
C VAL E 352 1.00 49.01 14.06
N PHE E 353 0.60 47.83 13.61
CA PHE E 353 1.31 47.08 12.59
C PHE E 353 0.39 46.85 11.40
N GLU E 354 0.99 46.70 10.22
CA GLU E 354 0.27 46.31 9.02
C GLU E 354 0.77 44.95 8.59
N CYS E 355 -0.13 44.00 8.44
CA CYS E 355 0.21 42.61 8.18
C CYS E 355 -0.37 42.15 6.85
N THR E 356 0.29 41.16 6.25
CA THR E 356 -0.20 40.50 5.05
C THR E 356 -0.27 39.00 5.33
N HIS E 357 -1.43 38.41 5.11
CA HIS E 357 -1.61 36.98 5.28
C HIS E 357 -1.18 36.27 3.99
N ASN E 358 -0.17 35.40 4.10
CA ASN E 358 0.38 34.75 2.91
C ASN E 358 -0.65 33.83 2.25
N MET E 359 -1.38 33.05 3.05
CA MET E 359 -2.40 32.15 2.53
C MET E 359 -3.79 32.78 2.65
N ALA E 360 -3.98 33.86 1.90
CA ALA E 360 -5.25 34.59 1.87
C ALA E 360 -5.98 34.45 0.55
N TYR E 361 -5.32 34.79 -0.56
CA TYR E 361 -5.97 34.70 -1.86
C TYR E 361 -6.18 33.25 -2.29
N MET E 362 -5.20 32.39 -2.03
CA MET E 362 -5.36 30.97 -2.34
C MET E 362 -6.48 30.36 -1.50
N LEU E 363 -6.55 30.73 -0.22
CA LEU E 363 -7.64 30.26 0.63
C LEU E 363 -8.97 30.80 0.14
N LYS E 364 -8.99 32.04 -0.37
CA LYS E 364 -10.22 32.60 -0.93
C LYS E 364 -10.68 31.83 -2.16
N LYS E 365 -9.74 31.47 -3.05
CA LYS E 365 -10.12 30.72 -4.24
C LYS E 365 -10.60 29.31 -3.88
N LEU E 366 -9.95 28.68 -2.90
CA LEU E 366 -10.44 27.38 -2.42
C LEU E 366 -11.82 27.52 -1.79
N LEU E 367 -12.06 28.64 -1.09
CA LEU E 367 -13.38 28.90 -0.52
C LEU E 367 -14.43 29.04 -1.62
N ILE E 368 -14.09 29.74 -2.70
CA ILE E 368 -15.05 29.91 -3.80
C ILE E 368 -15.35 28.57 -4.46
N SER E 369 -14.32 27.76 -4.69
CA SER E 369 -14.54 26.44 -5.28
C SER E 369 -15.37 25.55 -4.36
N TYR E 370 -15.09 25.59 -3.05
CA TYR E 370 -15.86 24.82 -2.09
C TYR E 370 -17.32 25.28 -2.07
N ILE E 371 -17.56 26.58 -2.17
CA ILE E 371 -18.92 27.11 -2.21
C ILE E 371 -19.65 26.62 -3.46
N SER E 372 -18.97 26.62 -4.61
CA SER E 372 -19.59 26.12 -5.83
C SER E 372 -19.93 24.64 -5.73
N ILE E 373 -19.00 23.84 -5.19
CA ILE E 373 -19.23 22.40 -5.09
C ILE E 373 -20.34 22.11 -4.08
N ILE E 374 -20.39 22.85 -2.97
CA ILE E 374 -21.43 22.61 -1.99
C ILE E 374 -22.78 23.11 -2.50
N CYS E 375 -22.78 24.12 -3.38
CA CYS E 375 -24.03 24.53 -4.01
C CYS E 375 -24.55 23.45 -4.95
N VAL E 376 -23.65 22.82 -5.72
CA VAL E 376 -24.06 21.70 -6.56
C VAL E 376 -24.58 20.55 -5.71
N TYR E 377 -23.90 20.27 -4.59
CA TYR E 377 -24.33 19.22 -3.67
C TYR E 377 -25.70 19.53 -3.08
N GLY E 378 -25.94 20.80 -2.73
CA GLY E 378 -27.25 21.18 -2.22
C GLY E 378 -28.34 21.07 -3.26
N PHE E 379 -28.03 21.39 -4.52
CA PHE E 379 -29.00 21.20 -5.60
C PHE E 379 -29.34 19.73 -5.77
N ILE E 380 -28.33 18.85 -5.70
CA ILE E 380 -28.58 17.41 -5.79
C ILE E 380 -29.41 16.94 -4.60
N CYS E 381 -29.13 17.45 -3.40
CA CYS E 381 -29.91 17.08 -2.24
C CYS E 381 -31.36 17.55 -2.34
N LEU E 382 -31.57 18.76 -2.88
CA LEU E 382 -32.93 19.26 -3.09
C LEU E 382 -33.67 18.41 -4.11
N TYR E 383 -32.99 17.99 -5.19
CA TYR E 383 -33.62 17.09 -6.15
C TYR E 383 -33.97 15.75 -5.51
N THR E 384 -33.08 15.24 -4.65
CA THR E 384 -33.35 14.00 -3.93
C THR E 384 -34.57 14.13 -3.03
N LEU E 385 -34.68 15.26 -2.31
CA LEU E 385 -35.85 15.48 -1.47
C LEU E 385 -37.12 15.62 -2.29
N PHE E 386 -37.03 16.28 -3.45
CA PHE E 386 -38.19 16.39 -4.33
C PHE E 386 -38.63 15.03 -4.85
N TRP E 387 -37.67 14.17 -5.20
CA TRP E 387 -38.00 12.82 -5.62
C TRP E 387 -38.61 12.02 -4.47
N LEU E 388 -38.10 12.20 -3.25
CA LEU E 388 -38.63 11.48 -2.10
C LEU E 388 -40.06 11.90 -1.79
N PHE E 389 -40.36 13.19 -1.88
CA PHE E 389 -41.68 13.71 -1.58
C PHE E 389 -42.62 13.69 -2.78
N ARG E 390 -42.13 13.31 -3.96
CA ARG E 390 -42.97 13.28 -5.15
C ARG E 390 -43.91 12.07 -5.13
N ILE E 391 -43.35 10.88 -5.09
CA ILE E 391 -44.11 9.63 -5.09
C ILE E 391 -44.07 9.06 -3.67
N PRO E 392 -45.21 8.69 -3.08
CA PRO E 392 -45.17 8.09 -1.74
C PRO E 392 -44.52 6.73 -1.72
N LEU E 393 -43.36 6.63 -1.06
CA LEU E 393 -42.59 5.39 -1.03
C LEU E 393 -43.04 4.44 0.06
N LYS E 394 -44.07 4.79 0.84
CA LYS E 394 -44.57 3.91 1.88
C LYS E 394 -45.21 2.64 1.31
N GLU E 395 -45.65 2.67 0.05
CA GLU E 395 -46.24 1.51 -0.59
C GLU E 395 -45.78 1.47 -2.04
N TYR E 396 -45.78 0.26 -2.61
CA TYR E 396 -45.38 0.04 -4.00
C TYR E 396 -46.54 -0.63 -4.73
N SER E 397 -47.01 0.01 -5.80
CA SER E 397 -48.09 -0.56 -6.61
C SER E 397 -47.50 -1.40 -7.73
N PHE E 398 -47.90 -2.65 -7.81
CA PHE E 398 -47.45 -3.58 -8.84
C PHE E 398 -48.43 -3.68 -10.00
N GLU E 399 -49.21 -2.62 -10.25
CA GLU E 399 -50.15 -2.64 -11.37
C GLU E 399 -49.41 -2.74 -12.70
N LYS E 400 -48.33 -1.96 -12.86
CA LYS E 400 -47.52 -2.05 -14.07
C LYS E 400 -46.86 -3.42 -14.19
N VAL E 401 -46.38 -3.96 -13.07
CA VAL E 401 -45.72 -5.26 -13.09
C VAL E 401 -46.73 -6.37 -13.41
N ARG E 402 -47.91 -6.32 -12.79
CA ARG E 402 -48.90 -7.36 -13.03
C ARG E 402 -49.50 -7.25 -14.43
N GLU E 403 -49.56 -6.04 -15.00
CA GLU E 403 -50.07 -5.89 -16.36
C GLU E 403 -49.02 -6.32 -17.39
N GLU E 404 -47.75 -6.01 -17.15
CA GLU E 404 -46.69 -6.44 -18.06
C GLU E 404 -46.51 -7.95 -18.02
N SER E 405 -46.56 -8.54 -16.84
CA SER E 405 -46.39 -9.98 -16.71
C SER E 405 -47.71 -10.70 -16.96
N SER E 406 -47.62 -12.02 -17.11
CA SER E 406 -48.79 -12.86 -17.32
C SER E 406 -49.43 -13.29 -16.01
N PHE E 407 -48.83 -12.96 -14.87
CA PHE E 407 -49.38 -13.31 -13.56
C PHE E 407 -49.79 -12.04 -12.83
N SER E 408 -51.04 -12.00 -12.38
CA SER E 408 -51.60 -10.80 -11.76
C SER E 408 -51.82 -10.96 -10.25
N ASP E 409 -51.34 -12.05 -9.65
CA ASP E 409 -51.49 -12.26 -8.22
C ASP E 409 -50.25 -11.78 -7.47
N ILE E 410 -49.95 -10.50 -7.65
CA ILE E 410 -48.80 -9.85 -7.03
C ILE E 410 -49.31 -8.91 -5.95
N PRO E 411 -48.98 -9.12 -4.68
CA PRO E 411 -49.48 -8.24 -3.62
C PRO E 411 -48.79 -6.89 -3.62
N ASP E 412 -49.39 -5.95 -2.90
CA ASP E 412 -48.86 -4.59 -2.79
C ASP E 412 -47.82 -4.55 -1.68
N VAL E 413 -46.55 -4.43 -2.06
CA VAL E 413 -45.46 -4.36 -1.10
C VAL E 413 -45.42 -2.96 -0.50
N LYS E 414 -45.31 -2.88 0.82
CA LYS E 414 -45.33 -1.62 1.55
C LYS E 414 -44.07 -1.48 2.40
N ASN E 415 -43.89 -0.29 2.98
CA ASN E 415 -42.91 0.01 4.03
C ASN E 415 -41.49 -0.04 3.45
N ASP E 416 -40.55 -0.56 4.26
CA ASP E 416 -39.14 -0.55 3.90
C ASP E 416 -38.85 -1.44 2.70
N PHE E 417 -39.58 -2.54 2.55
CA PHE E 417 -39.43 -3.38 1.36
C PHE E 417 -39.84 -2.60 0.11
N ALA E 418 -40.92 -1.82 0.19
CA ALA E 418 -41.32 -0.97 -0.93
C ALA E 418 -40.29 0.11 -1.20
N PHE E 419 -39.69 0.66 -0.14
CA PHE E 419 -38.63 1.66 -0.33
C PHE E 419 -37.43 1.06 -1.05
N LEU E 420 -37.02 -0.15 -0.66
CA LEU E 420 -35.91 -0.82 -1.33
C LEU E 420 -36.25 -1.12 -2.78
N LEU E 421 -37.50 -1.53 -3.04
CA LEU E 421 -37.91 -1.79 -4.41
C LEU E 421 -37.91 -0.51 -5.23
N HIS E 422 -38.31 0.62 -4.63
CA HIS E 422 -38.26 1.90 -5.34
C HIS E 422 -36.82 2.30 -5.65
N MET E 423 -35.91 2.10 -4.71
CA MET E 423 -34.50 2.40 -4.95
C MET E 423 -33.94 1.53 -6.07
N VAL E 424 -34.30 0.25 -6.08
CA VAL E 424 -33.86 -0.65 -7.14
C VAL E 424 -34.43 -0.22 -8.49
N ASP E 425 -35.72 0.14 -8.52
CA ASP E 425 -36.35 0.59 -9.76
C ASP E 425 -35.69 1.86 -10.29
N GLN E 426 -35.32 2.77 -9.39
CA GLN E 426 -34.56 3.94 -9.81
C GLN E 426 -33.16 3.55 -10.30
N TYR E 427 -32.61 2.45 -9.77
CA TYR E 427 -31.34 1.95 -10.28
C TYR E 427 -31.52 1.19 -11.58
N ASP E 428 -32.29 0.10 -11.55
CA ASP E 428 -32.54 -0.70 -12.74
C ASP E 428 -33.84 -1.47 -12.56
N GLN E 429 -34.70 -1.41 -13.58
CA GLN E 429 -36.02 -2.02 -13.51
C GLN E 429 -35.99 -3.53 -13.68
N LEU E 430 -34.86 -4.11 -14.10
CA LEU E 430 -34.81 -5.54 -14.36
C LEU E 430 -34.96 -6.34 -13.06
N TYR E 431 -34.25 -5.93 -12.01
CA TYR E 431 -34.37 -6.60 -10.72
C TYR E 431 -35.75 -6.40 -10.12
N SER E 432 -36.36 -5.23 -10.34
CA SER E 432 -37.73 -5.01 -9.88
C SER E 432 -38.71 -5.93 -10.60
N LYS E 433 -38.51 -6.14 -11.91
CA LYS E 433 -39.34 -7.09 -12.64
C LYS E 433 -39.14 -8.51 -12.13
N ARG E 434 -37.90 -8.88 -11.82
CA ARG E 434 -37.62 -10.21 -11.27
C ARG E 434 -38.35 -10.41 -9.93
N PHE E 435 -38.29 -9.40 -9.06
CA PHE E 435 -38.98 -9.51 -7.78
C PHE E 435 -40.49 -9.49 -7.95
N GLY E 436 -41.00 -8.75 -8.93
CA GLY E 436 -42.44 -8.75 -9.17
C GLY E 436 -42.95 -10.09 -9.67
N VAL E 437 -42.21 -10.71 -10.60
CA VAL E 437 -42.63 -12.02 -11.10
C VAL E 437 -42.32 -13.13 -10.11
N PHE E 438 -41.45 -12.89 -9.13
CA PHE E 438 -41.20 -13.86 -8.07
C PHE E 438 -42.13 -13.68 -6.88
N LEU E 439 -43.00 -12.68 -6.90
CA LEU E 439 -43.99 -12.46 -5.84
C LEU E 439 -45.39 -12.88 -6.26
N SER E 440 -45.54 -13.58 -7.39
CA SER E 440 -46.84 -13.92 -7.94
C SER E 440 -47.23 -15.33 -7.52
N GLU E 441 -48.49 -15.48 -7.11
CA GLU E 441 -49.01 -16.78 -6.69
C GLU E 441 -49.28 -17.71 -7.87
N VAL E 442 -49.53 -17.15 -9.06
CA VAL E 442 -49.68 -17.99 -10.25
C VAL E 442 -48.38 -18.71 -10.56
N SER E 443 -47.24 -18.03 -10.37
CA SER E 443 -45.95 -18.68 -10.51
C SER E 443 -45.75 -19.77 -9.46
N GLU E 444 -46.28 -19.56 -8.25
CA GLU E 444 -46.23 -20.60 -7.23
C GLU E 444 -47.03 -21.83 -7.65
N ASN E 445 -48.22 -21.62 -8.21
CA ASN E 445 -49.02 -22.74 -8.69
C ASN E 445 -48.32 -23.46 -9.84
N LYS E 446 -47.71 -22.69 -10.75
CA LYS E 446 -46.97 -23.31 -11.86
C LYS E 446 -45.79 -24.12 -11.35
N LEU E 447 -45.07 -23.61 -10.36
CA LEU E 447 -43.94 -24.34 -9.78
C LEU E 447 -44.42 -25.62 -9.09
N ARG E 448 -45.53 -25.54 -8.36
CA ARG E 448 -46.08 -26.73 -7.73
C ARG E 448 -46.50 -27.77 -8.77
N GLU E 449 -47.13 -27.34 -9.85
CA GLU E 449 -47.55 -28.27 -10.90
C GLU E 449 -46.34 -28.90 -11.58
N ILE E 450 -45.29 -28.11 -11.82
CA ILE E 450 -44.07 -28.66 -12.42
C ILE E 450 -43.41 -29.67 -11.50
N SER E 451 -43.35 -29.37 -10.21
CA SER E 451 -42.77 -30.31 -9.25
C SER E 451 -43.59 -31.60 -9.17
N LEU E 452 -44.92 -31.48 -9.20
CA LEU E 452 -45.77 -32.67 -9.18
C LEU E 452 -45.58 -33.50 -10.45
N ASN E 453 -45.45 -32.84 -11.61
CA ASN E 453 -45.22 -33.57 -12.85
C ASN E 453 -43.85 -34.26 -12.82
N HIS E 454 -42.85 -33.62 -12.22
CA HIS E 454 -41.55 -34.26 -12.06
C HIS E 454 -41.64 -35.48 -11.14
N GLU E 455 -42.37 -35.35 -10.03
CA GLU E 455 -42.49 -36.48 -9.10
C GLU E 455 -43.41 -37.56 -9.65
N TRP E 456 -44.53 -37.16 -10.28
CA TRP E 456 -45.47 -38.13 -10.83
C TRP E 456 -45.25 -38.28 -12.34
N PRO F 15 -12.49 -11.57 9.82
CA PRO F 15 -12.73 -12.72 10.70
C PRO F 15 -14.19 -12.88 11.08
N THR F 16 -15.06 -12.11 10.40
CA THR F 16 -16.51 -12.12 10.64
C THR F 16 -16.85 -11.85 12.11
N TYR F 17 -16.11 -10.93 12.71
CA TYR F 17 -16.34 -10.55 14.10
C TYR F 17 -17.34 -9.42 14.26
N ARG F 18 -17.89 -8.91 13.16
CA ARG F 18 -18.93 -7.88 13.27
C ARG F 18 -20.21 -8.43 13.87
N ILE F 19 -20.44 -9.74 13.75
CA ILE F 19 -21.57 -10.37 14.41
C ILE F 19 -21.42 -10.28 15.93
N LEU F 20 -20.19 -10.50 16.42
CA LEU F 20 -19.96 -10.42 17.86
C LEU F 20 -20.13 -8.99 18.38
N LYS F 21 -19.71 -8.00 17.60
CA LYS F 21 -19.74 -6.61 18.07
C LYS F 21 -21.15 -6.04 17.95
N PRO F 22 -21.74 -5.55 19.05
CA PRO F 22 -23.03 -4.84 18.94
C PRO F 22 -22.85 -3.43 18.41
N TRP F 23 -23.94 -2.65 18.37
CA TRP F 23 -23.86 -1.32 17.77
C TRP F 23 -23.09 -0.35 18.65
N TRP F 24 -23.24 -0.44 19.98
CA TRP F 24 -22.51 0.46 20.85
C TRP F 24 -21.02 0.17 20.83
N ASP F 25 -20.63 -1.09 20.68
CA ASP F 25 -19.22 -1.42 20.55
C ASP F 25 -18.63 -0.84 19.27
N VAL F 26 -19.39 -0.89 18.16
CA VAL F 26 -18.93 -0.30 16.91
C VAL F 26 -18.81 1.21 17.03
N PHE F 27 -19.79 1.85 17.69
CA PHE F 27 -19.73 3.29 17.90
C PHE F 27 -18.53 3.68 18.76
N MET F 28 -18.28 2.92 19.82
CA MET F 28 -17.13 3.21 20.68
C MET F 28 -15.82 2.98 19.94
N ASP F 29 -15.75 1.94 19.10
CA ASP F 29 -14.55 1.72 18.30
C ASP F 29 -14.31 2.84 17.31
N TYR F 30 -15.37 3.34 16.66
CA TYR F 30 -15.22 4.46 15.74
C TYR F 30 -14.83 5.74 16.47
N LEU F 31 -15.38 5.97 17.66
CA LEU F 31 -14.97 7.12 18.45
C LEU F 31 -13.51 7.00 18.87
N ALA F 32 -13.06 5.79 19.21
CA ALA F 32 -11.66 5.58 19.54
C ALA F 32 -10.77 5.82 18.34
N VAL F 33 -11.21 5.42 17.14
CA VAL F 33 -10.45 5.68 15.93
C VAL F 33 -10.34 7.18 15.68
N VAL F 34 -11.45 7.91 15.86
CA VAL F 34 -11.42 9.36 15.69
C VAL F 34 -10.49 10.02 16.70
N MET F 35 -10.54 9.56 17.96
CA MET F 35 -9.66 10.09 18.99
C MET F 35 -8.19 9.79 18.68
N LEU F 36 -7.91 8.59 18.15
CA LEU F 36 -6.54 8.25 17.76
C LEU F 36 -6.07 9.13 16.63
N MET F 37 -6.95 9.42 15.65
CA MET F 37 -6.60 10.32 14.57
C MET F 37 -6.32 11.73 15.09
N VAL F 38 -7.13 12.20 16.04
CA VAL F 38 -6.91 13.51 16.64
C VAL F 38 -5.58 13.56 17.39
N ALA F 39 -5.27 12.48 18.13
CA ALA F 39 -4.00 12.43 18.85
C ALA F 39 -2.81 12.41 17.90
N ILE F 40 -2.91 11.66 16.80
CA ILE F 40 -1.83 11.62 15.81
C ILE F 40 -1.66 12.99 15.16
N PHE F 41 -2.78 13.67 14.84
CA PHE F 41 -2.72 15.01 14.27
C PHE F 41 -2.08 15.99 15.23
N ALA F 42 -2.44 15.91 16.51
CA ALA F 42 -1.86 16.79 17.52
C ALA F 42 -0.37 16.53 17.69
N GLY F 43 0.04 15.26 17.66
CA GLY F 43 1.46 14.94 17.74
C GLY F 43 2.22 15.41 16.51
N THR F 44 1.61 15.31 15.34
CA THR F 44 2.24 15.81 14.12
C THR F 44 2.44 17.32 14.18
N MET F 45 1.45 18.05 14.69
CA MET F 45 1.62 19.49 14.87
C MET F 45 2.64 19.79 15.96
N GLN F 46 2.70 18.97 17.01
CA GLN F 46 3.68 19.17 18.08
C GLN F 46 5.10 18.98 17.57
N LEU F 47 5.32 18.02 16.68
CA LEU F 47 6.63 17.82 16.09
C LEU F 47 6.88 18.72 14.89
N THR F 48 5.85 19.41 14.39
CA THR F 48 5.97 20.20 13.18
C THR F 48 6.34 21.66 13.46
N LYS F 49 5.47 22.38 14.17
CA LYS F 49 5.67 23.81 14.36
C LYS F 49 5.26 24.24 15.76
N ASP F 50 5.53 23.40 16.76
CA ASP F 50 5.27 23.75 18.15
C ASP F 50 6.51 24.42 18.72
N GLN F 51 6.39 25.71 19.04
CA GLN F 51 7.51 26.48 19.54
C GLN F 51 6.97 27.68 20.31
N VAL F 52 7.83 28.29 21.11
CA VAL F 52 7.50 29.49 21.84
C VAL F 52 8.46 30.60 21.42
N VAL F 53 7.94 31.80 21.29
CA VAL F 53 8.73 32.97 20.93
C VAL F 53 8.76 33.90 22.13
N CYS F 54 9.96 34.21 22.62
CA CYS F 54 10.14 34.98 23.85
C CYS F 54 10.89 36.27 23.55
N LEU F 55 10.45 37.35 24.20
CA LEU F 55 11.15 38.63 24.14
C LEU F 55 11.37 39.14 25.56
N PRO F 56 12.52 39.75 25.82
CA PRO F 56 12.78 40.27 27.16
C PRO F 56 11.91 41.47 27.48
N VAL F 57 11.62 41.65 28.76
CA VAL F 57 10.85 42.78 29.25
C VAL F 57 11.85 43.88 29.58
N LEU F 58 11.97 44.85 28.67
CA LEU F 58 12.91 45.94 28.83
C LEU F 58 12.40 46.94 29.87
N PRO F 59 13.29 47.65 30.55
CA PRO F 59 12.84 48.66 31.51
C PRO F 59 12.21 49.85 30.82
N SER F 60 11.44 50.60 31.61
CA SER F 60 10.74 51.78 31.10
C SER F 60 11.71 52.88 30.68
N ASP F 134 7.37 60.11 18.27
CA ASP F 134 8.21 59.42 17.30
C ASP F 134 8.57 58.03 17.81
N PRO F 135 7.68 57.06 17.60
CA PRO F 135 7.97 55.69 18.02
C PRO F 135 9.12 55.10 17.25
N THR F 136 9.88 54.23 17.93
CA THR F 136 11.00 53.55 17.31
C THR F 136 11.19 52.20 18.01
N GLY F 137 11.87 51.30 17.32
CA GLY F 137 12.09 49.97 17.87
C GLY F 137 13.02 49.99 19.06
N ARG F 138 12.87 48.96 19.90
CA ARG F 138 13.69 48.79 21.09
C ARG F 138 14.76 47.75 20.80
N LYS F 139 16.02 48.14 20.97
CA LYS F 139 17.15 47.25 20.72
C LYS F 139 17.45 46.49 22.00
N THR F 140 17.25 45.18 21.98
CA THR F 140 17.52 44.34 23.14
C THR F 140 18.97 43.90 23.23
N ASN F 141 19.77 44.15 22.20
CA ASN F 141 21.19 43.79 22.15
C ASN F 141 21.40 42.30 22.36
N LEU F 142 20.51 41.49 21.80
CA LEU F 142 20.58 40.04 21.91
C LEU F 142 20.83 39.42 20.54
N ASP F 143 21.75 38.47 20.49
CA ASP F 143 21.99 37.72 19.28
C ASP F 143 20.81 36.79 18.98
N PHE F 144 20.80 36.24 17.77
CA PHE F 144 19.73 35.31 17.41
C PHE F 144 19.85 34.01 18.18
N GLN F 145 21.07 33.52 18.41
CA GLN F 145 21.25 32.31 19.19
C GLN F 145 20.88 32.50 20.65
N GLN F 146 21.09 33.69 21.19
CA GLN F 146 20.58 33.99 22.54
C GLN F 146 19.06 33.91 22.58
N TYR F 147 18.40 34.44 21.53
CA TYR F 147 16.95 34.34 21.44
C TYR F 147 16.48 32.89 21.37
N VAL F 148 17.17 32.06 20.58
CA VAL F 148 16.81 30.66 20.46
C VAL F 148 17.01 29.94 21.80
N PHE F 149 18.10 30.25 22.50
CA PHE F 149 18.34 29.68 23.81
C PHE F 149 17.27 30.08 24.80
N ILE F 150 16.85 31.34 24.77
CA ILE F 150 15.78 31.81 25.66
C ILE F 150 14.48 31.09 25.35
N ASN F 151 14.16 30.96 24.05
CA ASN F 151 12.93 30.26 23.66
C ASN F 151 12.94 28.82 24.14
N GLN F 152 14.06 28.13 23.95
CA GLN F 152 14.14 26.72 24.35
C GLN F 152 14.08 26.57 25.87
N MET F 153 14.78 27.45 26.60
CA MET F 153 14.78 27.35 28.06
C MET F 153 13.40 27.65 28.62
N CYS F 154 12.68 28.61 28.03
CA CYS F 154 11.33 28.91 28.51
C CYS F 154 10.34 27.83 28.08
N TYR F 155 10.60 27.17 26.94
CA TYR F 155 9.80 26.01 26.57
C TYR F 155 9.96 24.90 27.58
N HIS F 156 11.18 24.69 28.05
CA HIS F 156 11.42 23.64 29.05
C HIS F 156 10.86 24.02 30.42
N LEU F 157 11.06 25.25 30.86
CA LEU F 157 10.72 25.64 32.22
C LEU F 157 9.33 26.26 32.34
N ALA F 158 9.10 27.37 31.62
CA ALA F 158 7.88 28.14 31.82
C ALA F 158 6.65 27.39 31.31
N LEU F 159 6.79 26.71 30.19
CA LEU F 159 5.64 26.02 29.61
C LEU F 159 5.26 24.81 30.45
N PRO F 160 3.99 24.68 30.85
CA PRO F 160 3.58 23.51 31.63
C PRO F 160 3.61 22.23 30.81
N TRP F 161 3.67 21.11 31.53
CA TRP F 161 3.83 19.81 30.88
C TRP F 161 2.62 19.45 30.03
N TYR F 162 1.41 19.77 30.52
CA TYR F 162 0.20 19.43 29.78
C TYR F 162 0.00 20.28 28.54
N SER F 163 0.77 21.36 28.37
CA SER F 163 0.71 22.19 27.18
C SER F 163 1.68 21.73 26.10
N LYS F 164 2.52 20.74 26.39
CA LYS F 164 3.49 20.26 25.41
C LYS F 164 3.47 18.75 25.23
N TYR F 165 3.01 18.00 26.25
CA TYR F 165 2.96 16.55 26.19
C TYR F 165 1.53 16.01 26.18
N PHE F 166 0.56 16.87 25.82
CA PHE F 166 -0.83 16.42 25.68
C PHE F 166 -1.04 15.37 24.59
N PRO F 167 -0.51 15.53 23.36
CA PRO F 167 -0.78 14.50 22.34
C PRO F 167 -0.25 13.13 22.69
N TYR F 168 0.88 13.03 23.38
CA TYR F 168 1.41 11.72 23.76
C TYR F 168 0.50 11.02 24.76
N LEU F 169 0.00 11.76 25.74
CA LEU F 169 -0.93 11.19 26.70
C LEU F 169 -2.24 10.79 26.03
N ALA F 170 -2.71 11.61 25.09
CA ALA F 170 -3.91 11.26 24.34
C ALA F 170 -3.71 10.00 23.53
N LEU F 171 -2.53 9.86 22.91
CA LEU F 171 -2.20 8.66 22.14
C LEU F 171 -2.17 7.43 23.03
N ILE F 172 -1.57 7.55 24.21
CA ILE F 172 -1.52 6.43 25.16
C ILE F 172 -2.92 6.03 25.58
N HIS F 173 -3.77 7.02 25.88
CA HIS F 173 -5.14 6.71 26.30
C HIS F 173 -5.93 6.05 25.19
N THR F 174 -5.78 6.51 23.94
CA THR F 174 -6.47 5.89 22.82
C THR F 174 -5.99 4.46 22.62
N ILE F 175 -4.68 4.23 22.74
CA ILE F 175 -4.14 2.87 22.59
C ILE F 175 -4.68 1.97 23.69
N ILE F 176 -4.75 2.47 24.92
CA ILE F 176 -5.27 1.69 26.04
C ILE F 176 -6.73 1.31 25.80
N LEU F 177 -7.54 2.29 25.35
CA LEU F 177 -8.94 2.02 25.08
C LEU F 177 -9.12 1.02 23.95
N MET F 178 -8.30 1.14 22.89
CA MET F 178 -8.40 0.22 21.76
C MET F 178 -7.99 -1.19 22.16
N VAL F 179 -6.96 -1.31 22.99
CA VAL F 179 -6.52 -2.62 23.48
C VAL F 179 -7.60 -3.23 24.38
N SER F 180 -8.23 -2.42 25.22
CA SER F 180 -9.32 -2.89 26.07
C SER F 180 -10.52 -3.28 25.22
N SER F 181 -10.62 -2.72 24.01
CA SER F 181 -11.66 -3.10 23.08
C SER F 181 -11.27 -4.28 22.19
N ASN F 182 -10.00 -4.69 22.21
CA ASN F 182 -9.52 -5.75 21.34
C ASN F 182 -8.82 -6.90 22.06
N PHE F 183 -8.66 -6.84 23.38
CA PHE F 183 -7.93 -7.88 24.08
C PHE F 183 -8.71 -9.19 24.17
N TRP F 184 -10.01 -9.17 23.88
CA TRP F 184 -10.82 -10.38 24.00
C TRP F 184 -10.38 -11.46 23.02
N PHE F 185 -10.03 -11.08 21.79
CA PHE F 185 -9.59 -12.05 20.80
C PHE F 185 -8.09 -12.11 20.64
N LYS F 186 -7.34 -11.18 21.24
CA LYS F 186 -5.89 -11.26 21.19
C LYS F 186 -5.36 -12.41 22.03
N TYR F 187 -5.98 -12.66 23.18
CA TYR F 187 -5.53 -13.74 24.06
C TYR F 187 -5.91 -15.08 23.46
N PRO F 188 -4.95 -15.98 23.22
CA PRO F 188 -5.27 -17.24 22.50
C PRO F 188 -6.28 -18.12 23.20
N LYS F 189 -6.27 -18.16 24.53
CA LYS F 189 -7.20 -19.01 25.27
C LYS F 189 -8.64 -18.59 25.04
N THR F 190 -8.91 -17.29 25.07
CA THR F 190 -10.25 -16.80 24.74
C THR F 190 -10.49 -16.84 23.24
N CYS F 191 -9.42 -16.69 22.44
CA CYS F 191 -9.56 -16.65 20.99
C CYS F 191 -10.04 -17.99 20.44
N SER F 192 -9.55 -19.10 21.01
CA SER F 192 -9.99 -20.41 20.56
C SER F 192 -11.47 -20.62 20.80
N LYS F 193 -11.94 -20.24 22.01
CA LYS F 193 -13.35 -20.38 22.33
C LYS F 193 -14.22 -19.49 21.45
N VAL F 194 -13.76 -18.25 21.21
CA VAL F 194 -14.52 -17.33 20.37
C VAL F 194 -14.60 -17.85 18.94
N GLU F 195 -13.49 -18.35 18.40
CA GLU F 195 -13.48 -18.89 17.05
C GLU F 195 -14.39 -20.11 16.93
N HIS F 196 -14.34 -20.99 17.94
CA HIS F 196 -15.20 -22.17 17.93
C HIS F 196 -16.67 -21.78 17.98
N PHE F 197 -17.01 -20.79 18.81
CA PHE F 197 -18.39 -20.32 18.91
C PHE F 197 -18.86 -19.73 17.58
N VAL F 198 -18.01 -18.92 16.94
CA VAL F 198 -18.39 -18.31 15.66
C VAL F 198 -18.56 -19.41 14.60
N SER F 199 -17.66 -20.39 14.59
CA SER F 199 -17.72 -21.48 13.62
C SER F 199 -19.01 -22.27 13.76
N ILE F 200 -19.40 -22.61 15.00
CA ILE F 200 -20.62 -23.39 15.18
C ILE F 200 -21.86 -22.52 14.98
N LEU F 201 -21.74 -21.22 15.27
CA LEU F 201 -22.86 -20.30 15.06
C LEU F 201 -23.16 -20.12 13.59
N GLY F 202 -22.12 -20.23 12.75
CA GLY F 202 -22.34 -20.18 11.31
C GLY F 202 -23.27 -21.27 10.82
N LYS F 203 -23.09 -22.50 11.32
CA LYS F 203 -23.95 -23.60 10.90
C LYS F 203 -25.26 -23.66 11.67
N CYS F 204 -25.29 -23.10 12.88
CA CYS F 204 -26.49 -23.19 13.71
C CYS F 204 -27.62 -22.31 13.19
N PHE F 205 -27.35 -21.42 12.23
CA PHE F 205 -28.38 -20.55 11.66
C PHE F 205 -28.53 -20.70 10.15
N GLU F 206 -27.45 -20.96 9.42
CA GLU F 206 -27.49 -21.05 7.96
C GLU F 206 -28.16 -22.32 7.47
N SER F 207 -28.23 -23.35 8.33
CA SER F 207 -28.78 -24.65 7.97
C SER F 207 -30.25 -24.53 7.57
N PRO F 208 -30.70 -25.26 6.55
CA PRO F 208 -32.14 -25.23 6.20
C PRO F 208 -33.04 -25.77 7.29
N TRP F 209 -32.53 -26.64 8.16
CA TRP F 209 -33.34 -27.16 9.26
C TRP F 209 -33.73 -26.04 10.23
N THR F 210 -32.90 -25.00 10.33
CA THR F 210 -33.27 -23.84 11.13
C THR F 210 -34.51 -23.16 10.56
N THR F 211 -34.55 -22.98 9.24
CA THR F 211 -35.71 -22.38 8.59
C THR F 211 -36.93 -23.28 8.73
N LYS F 212 -36.74 -24.60 8.62
CA LYS F 212 -37.86 -25.53 8.75
C LYS F 212 -38.43 -25.51 10.16
N ALA F 213 -37.57 -25.45 11.17
CA ALA F 213 -38.04 -25.37 12.55
C ALA F 213 -38.69 -24.04 12.84
N LEU F 214 -38.20 -22.96 12.23
CA LEU F 214 -38.84 -21.65 12.37
C LEU F 214 -40.23 -21.66 11.76
N SER F 215 -40.39 -22.31 10.61
CA SER F 215 -41.71 -22.44 10.00
C SER F 215 -42.63 -23.31 10.85
N GLU F 216 -42.10 -24.40 11.40
CA GLU F 216 -42.89 -25.30 12.24
C GLU F 216 -42.93 -24.81 13.69
N LEU F 277 -34.96 -30.47 1.40
CA LEU F 277 -35.00 -31.17 2.68
C LEU F 277 -35.05 -32.68 2.47
N ASP F 278 -34.21 -33.42 3.20
CA ASP F 278 -34.12 -34.86 3.02
C ASP F 278 -33.61 -35.48 4.31
N LYS F 279 -33.80 -36.79 4.43
CA LYS F 279 -33.31 -37.52 5.60
C LYS F 279 -31.79 -37.51 5.65
N LYS F 280 -31.13 -37.41 4.49
CA LYS F 280 -29.68 -37.31 4.46
C LYS F 280 -29.21 -36.02 5.15
N ASP F 281 -29.96 -34.93 4.94
CA ASP F 281 -29.64 -33.68 5.63
C ASP F 281 -29.80 -33.84 7.15
N GLY F 282 -30.80 -34.59 7.59
CA GLY F 282 -30.97 -34.85 9.01
C GLY F 282 -29.83 -35.68 9.57
N GLU F 283 -29.38 -36.69 8.81
CA GLU F 283 -28.25 -37.50 9.25
C GLU F 283 -26.98 -36.66 9.34
N GLN F 284 -26.79 -35.74 8.39
CA GLN F 284 -25.65 -34.83 8.46
C GLN F 284 -25.76 -33.90 9.66
N ALA F 285 -26.98 -33.43 9.96
CA ALA F 285 -27.18 -32.51 11.06
C ALA F 285 -27.12 -33.18 12.42
N LYS F 286 -27.22 -34.52 12.47
CA LYS F 286 -27.07 -35.23 13.74
C LYS F 286 -25.69 -35.01 14.34
N ALA F 287 -24.64 -35.11 13.51
CA ALA F 287 -23.28 -34.87 13.99
C ALA F 287 -23.10 -33.41 14.42
N LEU F 288 -23.71 -32.49 13.69
CA LEU F 288 -23.67 -31.08 14.06
C LEU F 288 -24.32 -30.86 15.42
N PHE F 289 -25.48 -31.48 15.65
CA PHE F 289 -26.15 -31.37 16.93
C PHE F 289 -25.30 -31.95 18.06
N GLU F 290 -24.67 -33.10 17.82
CA GLU F 290 -23.82 -33.70 18.83
C GLU F 290 -22.64 -32.81 19.17
N LYS F 291 -22.01 -32.22 18.15
CA LYS F 291 -20.88 -31.32 18.39
C LYS F 291 -21.32 -30.06 19.12
N VAL F 292 -22.50 -29.52 18.78
CA VAL F 292 -22.98 -28.30 19.43
C VAL F 292 -23.31 -28.57 20.88
N ARG F 293 -23.91 -29.74 21.17
CA ARG F 293 -24.18 -30.09 22.57
C ARG F 293 -22.90 -30.37 23.35
N LYS F 294 -21.88 -30.93 22.68
CA LYS F 294 -20.57 -31.08 23.31
C LYS F 294 -19.98 -29.72 23.67
N PHE F 295 -20.07 -28.76 22.75
CA PHE F 295 -19.62 -27.41 23.04
C PHE F 295 -20.41 -26.77 24.18
N ARG F 296 -21.73 -27.00 24.21
CA ARG F 296 -22.58 -26.48 25.26
C ARG F 296 -22.15 -27.02 26.62
N ALA F 297 -21.86 -28.32 26.68
CA ALA F 297 -21.35 -28.91 27.93
C ALA F 297 -19.97 -28.36 28.27
N HIS F 298 -19.16 -28.05 27.25
CA HIS F 298 -17.80 -27.61 27.48
C HIS F 298 -17.71 -26.17 27.98
N VAL F 299 -18.64 -25.30 27.60
CA VAL F 299 -18.55 -23.88 27.92
C VAL F 299 -19.59 -23.44 28.95
N GLU F 300 -20.53 -24.29 29.32
CA GLU F 300 -21.50 -23.93 30.36
C GLU F 300 -20.91 -23.95 31.76
N ASP F 301 -19.66 -24.41 31.92
CA ASP F 301 -18.98 -24.39 33.21
C ASP F 301 -17.76 -23.49 33.21
N SER F 302 -17.66 -22.59 32.22
CA SER F 302 -16.55 -21.65 32.12
C SER F 302 -17.09 -20.23 32.04
N ASP F 303 -16.46 -19.32 32.79
CA ASP F 303 -16.87 -17.93 32.83
C ASP F 303 -15.80 -16.96 32.36
N LEU F 304 -14.82 -17.42 31.56
CA LEU F 304 -13.68 -16.61 31.17
C LEU F 304 -14.07 -15.42 30.29
N ILE F 305 -14.93 -15.67 29.29
CA ILE F 305 -15.23 -14.65 28.30
C ILE F 305 -16.04 -13.50 28.92
N TYR F 306 -17.07 -13.86 29.69
CA TYR F 306 -17.91 -12.83 30.32
C TYR F 306 -17.11 -12.01 31.32
N LYS F 307 -16.28 -12.68 32.13
CA LYS F 307 -15.43 -11.99 33.09
C LYS F 307 -14.47 -11.05 32.40
N LEU F 308 -13.85 -11.51 31.31
CA LEU F 308 -12.92 -10.68 30.56
C LEU F 308 -13.60 -9.46 29.97
N TYR F 309 -14.80 -9.65 29.42
CA TYR F 309 -15.53 -8.53 28.81
C TYR F 309 -15.95 -7.51 29.87
N VAL F 310 -16.41 -7.99 31.03
CA VAL F 310 -16.81 -7.09 32.11
C VAL F 310 -15.60 -6.32 32.63
N VAL F 311 -14.45 -6.99 32.79
CA VAL F 311 -13.24 -6.32 33.23
C VAL F 311 -12.82 -5.26 32.21
N GLN F 312 -12.90 -5.59 30.92
CA GLN F 312 -12.52 -4.65 29.87
C GLN F 312 -13.41 -3.41 29.89
N THR F 313 -14.72 -3.59 30.00
CA THR F 313 -15.61 -2.43 29.97
C THR F 313 -15.51 -1.61 31.25
N LEU F 314 -15.22 -2.26 32.39
CA LEU F 314 -14.98 -1.52 33.62
C LEU F 314 -13.71 -0.68 33.52
N ILE F 315 -12.67 -1.25 32.88
CA ILE F 315 -11.44 -0.50 32.64
C ILE F 315 -11.72 0.68 31.72
N LYS F 316 -12.55 0.47 30.70
CA LYS F 316 -12.92 1.56 29.80
C LYS F 316 -13.63 2.68 30.56
N THR F 317 -14.57 2.33 31.43
CA THR F 317 -15.31 3.33 32.19
C THR F 317 -14.39 4.10 33.14
N ALA F 318 -13.51 3.38 33.84
CA ALA F 318 -12.59 4.03 34.76
C ALA F 318 -11.62 4.95 34.02
N LYS F 319 -11.13 4.49 32.86
CA LYS F 319 -10.26 5.33 32.05
C LYS F 319 -10.98 6.58 31.55
N PHE F 320 -12.25 6.44 31.16
CA PHE F 320 -13.03 7.61 30.75
C PHE F 320 -13.18 8.59 31.90
N ILE F 321 -13.46 8.09 33.09
CA ILE F 321 -13.63 8.96 34.25
C ILE F 321 -12.34 9.71 34.55
N PHE F 322 -11.22 8.99 34.56
CA PHE F 322 -9.93 9.62 34.85
C PHE F 322 -9.55 10.65 33.78
N ILE F 323 -9.76 10.30 32.51
CA ILE F 323 -9.42 11.21 31.42
C ILE F 323 -10.27 12.47 31.49
N LEU F 324 -11.58 12.30 31.71
CA LEU F 324 -12.47 13.46 31.81
C LEU F 324 -12.08 14.36 32.97
N CYS F 325 -11.79 13.76 34.13
CA CYS F 325 -11.43 14.56 35.30
C CYS F 325 -10.15 15.35 35.06
N TYR F 326 -9.08 14.64 34.57
CA TYR F 326 -7.83 15.38 34.44
C TYR F 326 -7.86 16.40 33.30
N THR F 327 -8.53 16.07 32.20
CA THR F 327 -8.65 17.02 31.11
C THR F 327 -9.46 18.24 31.52
N ALA F 328 -10.58 18.03 32.22
CA ALA F 328 -11.39 19.16 32.67
C ALA F 328 -10.65 20.00 33.69
N ASN F 329 -9.79 19.36 34.51
CA ASN F 329 -8.93 20.13 35.40
C ASN F 329 -7.95 20.99 34.60
N PHE F 330 -7.34 20.42 33.57
CA PHE F 330 -6.35 21.14 32.78
C PHE F 330 -6.96 21.70 31.49
N VAL F 331 -7.80 22.73 31.64
CA VAL F 331 -8.38 23.41 30.50
C VAL F 331 -7.87 24.85 30.43
N ASN F 332 -8.19 25.64 31.45
CA ASN F 332 -7.89 27.07 31.41
C ASN F 332 -6.45 27.37 31.76
N ALA F 333 -5.69 26.37 32.22
CA ALA F 333 -4.29 26.59 32.53
C ALA F 333 -3.48 26.87 31.28
N ILE F 334 -3.84 26.23 30.16
CA ILE F 334 -3.18 26.52 28.89
C ILE F 334 -3.50 27.94 28.47
N SER F 335 -2.46 28.72 28.21
CA SER F 335 -2.62 30.12 27.84
C SER F 335 -1.68 30.45 26.69
N PHE F 336 -2.07 31.47 25.91
CA PHE F 336 -1.22 31.89 24.79
C PHE F 336 0.04 32.60 25.27
N GLU F 337 -0.08 33.41 26.32
CA GLU F 337 1.05 34.17 26.85
C GLU F 337 1.56 33.52 28.12
N HIS F 338 2.87 33.70 28.35
CA HIS F 338 3.53 33.17 29.53
C HIS F 338 4.56 34.18 30.02
N VAL F 339 4.78 34.19 31.33
CA VAL F 339 5.82 34.99 31.96
C VAL F 339 6.92 34.02 32.41
N CYS F 340 8.09 34.13 31.79
CA CYS F 340 9.18 33.19 31.98
C CYS F 340 10.28 33.84 32.80
N LYS F 341 10.75 33.13 33.83
CA LYS F 341 11.87 33.57 34.65
C LYS F 341 12.89 32.44 34.68
N PRO F 342 13.70 32.30 33.62
CA PRO F 342 14.56 31.13 33.48
C PRO F 342 15.84 31.19 34.28
N LYS F 343 16.14 32.33 34.92
CA LYS F 343 17.33 32.50 35.76
C LYS F 343 18.62 32.25 34.95
N VAL F 344 18.66 32.80 33.75
CA VAL F 344 19.83 32.70 32.89
C VAL F 344 20.39 34.10 32.67
N GLU F 345 20.26 34.96 33.69
CA GLU F 345 20.74 36.34 33.60
C GLU F 345 22.22 36.41 33.27
N HIS F 346 23.02 35.44 33.75
CA HIS F 346 24.44 35.42 33.46
C HIS F 346 24.76 35.08 32.01
N LEU F 347 23.78 34.62 31.24
CA LEU F 347 24.00 34.27 29.84
C LEU F 347 23.46 35.29 28.86
N THR F 348 22.36 35.97 29.19
CA THR F 348 21.76 36.93 28.28
C THR F 348 21.64 38.34 28.85
N GLY F 349 21.59 38.50 30.17
CA GLY F 349 21.49 39.79 30.79
C GLY F 349 20.10 40.18 31.24
N TYR F 350 19.07 39.48 30.74
CA TYR F 350 17.69 39.76 31.12
C TYR F 350 17.18 38.67 32.06
N GLU F 351 16.38 39.09 33.04
CA GLU F 351 15.84 38.16 34.03
C GLU F 351 14.45 37.67 33.68
N VAL F 352 13.56 38.57 33.25
CA VAL F 352 12.15 38.25 33.02
C VAL F 352 11.88 38.37 31.52
N PHE F 353 11.25 37.34 30.96
CA PHE F 353 10.89 37.29 29.56
C PHE F 353 9.39 37.09 29.42
N GLU F 354 8.83 37.55 28.31
CA GLU F 354 7.44 37.30 27.96
C GLU F 354 7.42 36.42 26.72
N CYS F 355 6.71 35.31 26.80
CA CYS F 355 6.70 34.31 25.73
C CYS F 355 5.29 34.10 25.21
N THR F 356 5.21 33.71 23.94
CA THR F 356 3.96 33.34 23.30
C THR F 356 4.13 31.96 22.69
N HIS F 357 3.17 31.07 22.98
CA HIS F 357 3.18 29.71 22.45
C HIS F 357 2.52 29.71 21.08
N ASN F 358 3.22 29.20 20.07
CA ASN F 358 2.69 29.24 18.71
C ASN F 358 1.47 28.35 18.56
N MET F 359 1.56 27.11 19.01
CA MET F 359 0.42 26.17 18.95
C MET F 359 -0.32 26.16 20.28
N ALA F 360 -0.84 27.32 20.67
CA ALA F 360 -1.56 27.47 21.93
C ALA F 360 -3.06 27.39 21.76
N TYR F 361 -3.63 28.18 20.84
CA TYR F 361 -5.06 28.14 20.62
C TYR F 361 -5.49 26.87 19.92
N MET F 362 -4.67 26.40 18.96
CA MET F 362 -5.00 25.18 18.24
C MET F 362 -5.01 23.97 19.17
N LEU F 363 -4.05 23.89 20.08
CA LEU F 363 -4.05 22.80 21.06
C LEU F 363 -5.24 22.92 22.01
N LYS F 364 -5.67 24.14 22.32
CA LYS F 364 -6.85 24.31 23.15
C LYS F 364 -8.11 23.80 22.43
N LYS F 365 -8.22 24.11 21.14
CA LYS F 365 -9.37 23.61 20.37
C LYS F 365 -9.34 22.09 20.27
N LEU F 366 -8.15 21.51 20.06
CA LEU F 366 -8.05 20.06 20.00
C LEU F 366 -8.36 19.43 21.36
N LEU F 367 -7.98 20.10 22.45
CA LEU F 367 -8.32 19.62 23.78
C LEU F 367 -9.83 19.65 24.01
N ILE F 368 -10.49 20.71 23.55
CA ILE F 368 -11.95 20.79 23.68
C ILE F 368 -12.62 19.69 22.87
N SER F 369 -12.14 19.46 21.64
CA SER F 369 -12.70 18.40 20.81
C SER F 369 -12.49 17.03 21.44
N TYR F 370 -11.29 16.80 22.00
CA TYR F 370 -11.01 15.53 22.66
C TYR F 370 -11.89 15.34 23.88
N ILE F 371 -12.12 16.42 24.65
CA ILE F 371 -12.99 16.34 25.81
C ILE F 371 -14.42 16.00 25.38
N SER F 372 -14.89 16.62 24.29
CA SER F 372 -16.24 16.35 23.81
C SER F 372 -16.38 14.90 23.35
N ILE F 373 -15.40 14.39 22.60
CA ILE F 373 -15.45 13.01 22.13
C ILE F 373 -15.36 12.05 23.31
N ILE F 374 -14.55 12.37 24.31
CA ILE F 374 -14.44 11.56 25.52
C ILE F 374 -15.78 11.54 26.26
N CYS F 375 -16.46 12.68 26.32
CA CYS F 375 -17.77 12.74 26.98
C CYS F 375 -18.79 11.88 26.25
N VAL F 376 -18.79 11.95 24.92
CA VAL F 376 -19.74 11.14 24.13
C VAL F 376 -19.45 9.65 24.33
N TYR F 377 -18.17 9.27 24.27
CA TYR F 377 -17.74 7.90 24.48
C TYR F 377 -18.15 7.39 25.86
N GLY F 378 -17.94 8.22 26.88
CA GLY F 378 -18.29 7.84 28.23
C GLY F 378 -19.79 7.72 28.43
N PHE F 379 -20.55 8.61 27.79
CA PHE F 379 -22.01 8.51 27.87
C PHE F 379 -22.51 7.22 27.24
N ILE F 380 -21.94 6.86 26.09
CA ILE F 380 -22.31 5.61 25.43
C ILE F 380 -21.95 4.42 26.31
N CYS F 381 -20.74 4.44 26.89
CA CYS F 381 -20.29 3.34 27.73
C CYS F 381 -21.14 3.22 29.00
N LEU F 382 -21.52 4.36 29.58
CA LEU F 382 -22.33 4.35 30.79
C LEU F 382 -23.75 3.87 30.51
N TYR F 383 -24.31 4.24 29.36
CA TYR F 383 -25.62 3.71 28.97
C TYR F 383 -25.55 2.21 28.73
N THR F 384 -24.45 1.75 28.11
CA THR F 384 -24.28 0.31 27.90
C THR F 384 -24.19 -0.43 29.22
N LEU F 385 -23.41 0.09 30.17
CA LEU F 385 -23.32 -0.55 31.49
C LEU F 385 -24.59 -0.41 32.30
N PHE F 386 -25.40 0.62 32.06
CA PHE F 386 -26.66 0.82 32.74
C PHE F 386 -27.77 -0.09 32.21
N TRP F 387 -27.70 -0.51 30.94
CA TRP F 387 -28.76 -1.37 30.44
C TRP F 387 -28.30 -2.81 30.22
N LEU F 388 -27.26 -3.00 29.39
CA LEU F 388 -26.87 -4.36 29.02
C LEU F 388 -26.27 -5.12 30.19
N PHE F 389 -25.30 -4.53 30.87
CA PHE F 389 -24.56 -5.24 31.91
C PHE F 389 -25.15 -5.05 33.31
N ARG F 390 -26.19 -4.23 33.46
CA ARG F 390 -26.88 -4.17 34.75
C ARG F 390 -27.69 -5.43 35.00
N ILE F 391 -28.21 -6.07 33.96
CA ILE F 391 -28.79 -7.41 34.05
C ILE F 391 -27.69 -8.40 33.67
N PRO F 392 -27.39 -9.39 34.52
CA PRO F 392 -26.31 -10.34 34.18
C PRO F 392 -26.61 -11.13 32.92
N LEU F 393 -25.57 -11.34 32.11
CA LEU F 393 -25.70 -12.03 30.84
C LEU F 393 -25.19 -13.47 30.88
N LYS F 394 -24.83 -13.99 32.05
CA LYS F 394 -24.35 -15.36 32.12
C LYS F 394 -25.44 -16.37 31.78
N GLU F 395 -26.71 -16.00 32.01
CA GLU F 395 -27.83 -16.85 31.67
C GLU F 395 -28.61 -16.23 30.51
N TYR F 396 -28.93 -17.06 29.52
CA TYR F 396 -29.78 -16.67 28.40
C TYR F 396 -30.78 -17.77 28.09
N SER F 397 -31.47 -18.26 29.12
CA SER F 397 -32.54 -19.23 28.92
C SER F 397 -33.61 -18.66 27.99
N PHE F 398 -33.89 -19.37 26.91
CA PHE F 398 -34.79 -18.89 25.88
C PHE F 398 -36.22 -18.82 26.41
N GLU F 399 -36.75 -17.60 26.52
CA GLU F 399 -38.10 -17.39 27.01
C GLU F 399 -39.00 -16.85 25.91
N LYS F 400 -38.64 -15.73 25.28
CA LYS F 400 -39.43 -15.21 24.17
C LYS F 400 -39.39 -16.17 22.98
N VAL F 401 -38.22 -16.77 22.72
CA VAL F 401 -38.10 -17.71 21.61
C VAL F 401 -38.94 -18.96 21.88
N ARG F 402 -38.88 -19.47 23.11
CA ARG F 402 -39.68 -20.65 23.44
C ARG F 402 -41.17 -20.33 23.47
N GLU F 403 -41.51 -19.06 23.70
CA GLU F 403 -42.90 -18.62 23.53
C GLU F 403 -43.31 -18.66 22.07
N GLU F 404 -42.46 -18.12 21.20
CA GLU F 404 -42.81 -18.06 19.77
C GLU F 404 -42.68 -19.43 19.11
N SER F 405 -41.63 -20.18 19.43
CA SER F 405 -41.38 -21.44 18.75
C SER F 405 -42.36 -22.52 19.22
N SER F 406 -42.72 -23.41 18.30
CA SER F 406 -43.52 -24.57 18.67
C SER F 406 -42.73 -25.51 19.59
N PHE F 407 -41.44 -25.67 19.32
CA PHE F 407 -40.56 -26.49 20.16
C PHE F 407 -40.18 -25.68 21.41
N SER F 408 -41.09 -25.69 22.38
CA SER F 408 -40.96 -24.84 23.56
C SER F 408 -39.84 -25.29 24.48
N ASP F 409 -39.47 -26.57 24.46
CA ASP F 409 -38.47 -27.10 25.40
C ASP F 409 -37.07 -26.84 24.84
N ILE F 410 -36.61 -25.60 25.04
CA ILE F 410 -35.26 -25.20 24.63
C ILE F 410 -34.34 -25.31 25.84
N PRO F 411 -33.17 -25.93 25.71
CA PRO F 411 -32.27 -26.05 26.86
C PRO F 411 -31.77 -24.69 27.32
N ASP F 412 -31.58 -24.58 28.64
CA ASP F 412 -31.15 -23.32 29.25
C ASP F 412 -29.63 -23.29 29.37
N VAL F 413 -28.98 -23.04 28.23
CA VAL F 413 -27.53 -22.90 28.22
C VAL F 413 -27.14 -21.62 28.95
N LYS F 414 -26.08 -21.71 29.76
CA LYS F 414 -25.66 -20.61 30.60
C LYS F 414 -24.19 -20.31 30.34
N ASN F 415 -23.64 -19.41 31.14
CA ASN F 415 -22.22 -19.03 31.17
C ASN F 415 -21.83 -18.38 29.84
N ASP F 416 -20.58 -18.61 29.41
CA ASP F 416 -20.01 -17.86 28.29
C ASP F 416 -20.75 -18.14 26.97
N PHE F 417 -21.30 -19.34 26.81
CA PHE F 417 -22.11 -19.64 25.64
C PHE F 417 -23.34 -18.74 25.61
N ALA F 418 -24.00 -18.59 26.76
CA ALA F 418 -25.16 -17.71 26.85
C ALA F 418 -24.78 -16.25 26.65
N PHE F 419 -23.62 -15.84 27.16
CA PHE F 419 -23.15 -14.47 26.94
C PHE F 419 -22.89 -14.21 25.46
N LEU F 420 -22.27 -15.16 24.77
CA LEU F 420 -22.01 -15.01 23.35
C LEU F 420 -23.31 -15.03 22.54
N LEU F 421 -24.30 -15.81 22.97
CA LEU F 421 -25.61 -15.76 22.34
C LEU F 421 -26.28 -14.40 22.58
N HIS F 422 -26.09 -13.83 23.77
CA HIS F 422 -26.61 -12.49 24.05
C HIS F 422 -25.96 -11.44 23.16
N MET F 423 -24.67 -11.60 22.85
CA MET F 423 -24.01 -10.67 21.94
C MET F 423 -24.67 -10.69 20.56
N VAL F 424 -24.94 -11.89 20.04
CA VAL F 424 -25.59 -12.00 18.74
C VAL F 424 -27.03 -11.50 18.81
N ASP F 425 -27.71 -11.70 19.94
CA ASP F 425 -29.04 -11.16 20.14
C ASP F 425 -29.04 -9.63 20.08
N GLN F 426 -28.06 -9.00 20.71
CA GLN F 426 -27.86 -7.56 20.59
C GLN F 426 -27.33 -7.16 19.23
N TYR F 427 -26.90 -8.12 18.41
CA TYR F 427 -26.48 -7.86 17.05
C TYR F 427 -27.65 -8.02 16.07
N ASP F 428 -28.29 -9.19 16.09
CA ASP F 428 -29.42 -9.49 15.22
C ASP F 428 -30.33 -10.50 15.91
N GLN F 429 -31.61 -10.12 16.07
CA GLN F 429 -32.57 -11.01 16.72
C GLN F 429 -33.00 -12.17 15.82
N LEU F 430 -32.87 -12.03 14.51
CA LEU F 430 -33.19 -13.14 13.61
C LEU F 430 -32.26 -14.31 13.85
N TYR F 431 -30.96 -14.04 14.05
CA TYR F 431 -30.01 -15.09 14.40
C TYR F 431 -30.39 -15.77 15.71
N SER F 432 -30.83 -14.98 16.69
CA SER F 432 -31.25 -15.55 17.97
C SER F 432 -32.47 -16.45 17.79
N LYS F 433 -33.42 -16.00 16.96
CA LYS F 433 -34.66 -16.80 16.73
C LYS F 433 -34.30 -18.13 16.08
N ARG F 434 -33.52 -18.09 14.99
CA ARG F 434 -33.17 -19.33 14.26
C ARG F 434 -32.35 -20.26 15.17
N PHE F 435 -31.49 -19.69 16.02
CA PHE F 435 -30.73 -20.51 16.98
C PHE F 435 -31.71 -21.18 17.95
N GLY F 436 -32.61 -20.40 18.56
CA GLY F 436 -33.59 -20.94 19.47
C GLY F 436 -34.45 -22.04 18.88
N VAL F 437 -34.90 -21.86 17.63
CA VAL F 437 -35.72 -22.90 17.00
C VAL F 437 -34.86 -24.09 16.61
N PHE F 438 -33.55 -23.88 16.44
CA PHE F 438 -32.67 -24.97 16.02
C PHE F 438 -32.14 -25.74 17.21
N LEU F 439 -31.72 -25.04 18.27
CA LEU F 439 -31.00 -25.68 19.36
C LEU F 439 -31.94 -26.26 20.41
N SER F 440 -33.25 -26.12 20.20
CA SER F 440 -34.22 -26.70 21.13
C SER F 440 -34.07 -28.21 21.17
N GLU F 441 -34.05 -28.78 22.38
CA GLU F 441 -33.86 -30.21 22.56
C GLU F 441 -35.01 -30.99 21.94
N VAL F 442 -36.23 -30.47 22.11
CA VAL F 442 -37.39 -31.04 21.43
C VAL F 442 -37.23 -30.91 19.92
N SER F 443 -36.65 -29.79 19.46
CA SER F 443 -36.41 -29.64 18.02
C SER F 443 -35.35 -30.61 17.52
N GLU F 444 -34.35 -30.92 18.34
CA GLU F 444 -33.35 -31.92 17.96
C GLU F 444 -33.97 -33.30 17.86
N ASN F 445 -34.79 -33.65 18.85
CA ASN F 445 -35.50 -34.93 18.79
C ASN F 445 -36.45 -34.97 17.60
N LYS F 446 -37.05 -33.83 17.26
CA LYS F 446 -37.95 -33.78 16.11
C LYS F 446 -37.17 -33.91 14.81
N LEU F 447 -35.95 -33.36 14.76
CA LEU F 447 -35.08 -33.54 13.60
C LEU F 447 -34.76 -35.01 13.39
N ARG F 448 -34.36 -35.68 14.47
CA ARG F 448 -34.05 -37.12 14.38
C ARG F 448 -35.29 -37.92 14.00
N GLU F 449 -36.44 -37.56 14.58
CA GLU F 449 -37.69 -38.25 14.27
C GLU F 449 -38.09 -38.04 12.82
N ILE F 450 -37.91 -36.83 12.29
CA ILE F 450 -38.26 -36.55 10.89
C ILE F 450 -37.33 -37.29 9.95
N SER F 451 -36.05 -37.39 10.31
CA SER F 451 -35.12 -38.21 9.53
C SER F 451 -35.56 -39.66 9.50
N LEU F 452 -35.99 -40.18 10.66
CA LEU F 452 -36.51 -41.55 10.71
C LEU F 452 -37.78 -41.71 9.90
N ASN F 453 -38.67 -40.70 9.95
CA ASN F 453 -39.92 -40.75 9.20
C ASN F 453 -39.67 -40.79 7.69
N HIS F 454 -38.74 -39.95 7.22
CA HIS F 454 -38.36 -40.00 5.82
C HIS F 454 -37.63 -41.29 5.49
N GLU F 455 -37.00 -41.92 6.49
CA GLU F 455 -36.28 -43.16 6.24
C GLU F 455 -37.16 -44.38 6.48
N TRP F 456 -38.45 -44.20 6.72
CA TRP F 456 -39.35 -45.35 6.88
C TRP F 456 -39.41 -46.17 5.59
#